data_2D9O
#
_entry.id   2D9O
#
_entity_poly.entity_id   1
_entity_poly.type   'polypeptide(L)'
_entity_poly.pdbx_seq_one_letter_code
;GSSGSSGQGTPKLKLKWKCKKEDESKGGYSKDVLLRLLQKYGEVLNLVLSSKKPGTAVVEFATVKAAELAVQNEVGLVDN
PLKISWLEGQPQDASGPSSG
;
_entity_poly.pdbx_strand_id   A
#
# COMPACT_ATOMS: atom_id res chain seq x y z
N GLY A 1 -10.69 -14.85 -16.68
CA GLY A 1 -9.44 -15.41 -16.18
C GLY A 1 -9.63 -16.13 -14.84
N SER A 2 -9.01 -15.60 -13.80
CA SER A 2 -9.11 -16.19 -12.47
C SER A 2 -9.18 -15.12 -11.40
N SER A 3 -10.34 -15.01 -10.75
CA SER A 3 -10.54 -14.01 -9.71
C SER A 3 -11.36 -14.60 -8.56
N GLY A 4 -11.18 -14.03 -7.37
CA GLY A 4 -11.90 -14.51 -6.21
C GLY A 4 -11.30 -14.01 -4.90
N SER A 5 -11.44 -12.72 -4.65
CA SER A 5 -10.90 -12.12 -3.43
C SER A 5 -12.02 -11.56 -2.56
N SER A 6 -12.10 -12.03 -1.33
CA SER A 6 -13.13 -11.58 -0.39
C SER A 6 -12.83 -10.17 0.09
N GLY A 7 -11.60 -9.95 0.56
CA GLY A 7 -11.21 -8.64 1.05
C GLY A 7 -12.28 -8.00 1.91
N GLN A 8 -12.47 -8.53 3.12
CA GLN A 8 -13.46 -8.01 4.04
C GLN A 8 -12.85 -7.01 5.00
N GLY A 9 -11.74 -7.40 5.63
CA GLY A 9 -11.07 -6.53 6.57
C GLY A 9 -10.54 -5.26 5.91
N THR A 10 -9.87 -4.42 6.70
CA THR A 10 -9.33 -3.17 6.19
C THR A 10 -8.56 -3.40 4.89
N PRO A 11 -8.65 -2.42 3.98
CA PRO A 11 -7.96 -2.50 2.68
C PRO A 11 -6.44 -2.36 2.81
N LYS A 12 -5.79 -3.48 3.10
CA LYS A 12 -4.33 -3.48 3.26
C LYS A 12 -3.64 -3.43 1.90
N LEU A 13 -2.52 -2.72 1.84
CA LEU A 13 -1.76 -2.58 0.60
C LEU A 13 -0.34 -3.09 0.78
N LYS A 14 0.27 -3.53 -0.31
CA LYS A 14 1.63 -4.04 -0.28
C LYS A 14 2.59 -3.06 -0.97
N LEU A 15 3.60 -2.62 -0.23
CA LEU A 15 4.59 -1.68 -0.78
C LEU A 15 5.88 -2.40 -1.12
N LYS A 16 6.20 -2.47 -2.41
CA LYS A 16 7.41 -3.13 -2.87
C LYS A 16 8.25 -2.19 -3.73
N TRP A 17 9.55 -2.17 -3.47
CA TRP A 17 10.46 -1.32 -4.23
C TRP A 17 11.74 -2.06 -4.58
N LYS A 18 12.47 -1.54 -5.56
CA LYS A 18 13.72 -2.15 -6.01
C LYS A 18 14.81 -1.99 -4.96
N CYS A 19 15.31 -3.11 -4.45
CA CYS A 19 16.36 -3.10 -3.43
C CYS A 19 17.46 -4.09 -3.79
N LYS A 20 18.70 -3.75 -3.42
CA LYS A 20 19.84 -4.60 -3.68
C LYS A 20 19.81 -5.86 -2.82
N LYS A 21 20.63 -6.84 -3.15
CA LYS A 21 20.69 -8.09 -2.40
C LYS A 21 20.93 -7.82 -0.92
N GLU A 22 20.75 -8.84 -0.10
CA GLU A 22 20.95 -8.71 1.34
C GLU A 22 22.10 -7.76 1.64
N ASP A 23 21.77 -6.49 1.86
CA ASP A 23 22.77 -5.48 2.16
C ASP A 23 22.32 -4.59 3.30
N GLU A 24 23.26 -3.85 3.88
CA GLU A 24 22.96 -2.96 4.99
C GLU A 24 22.23 -1.72 4.51
N SER A 25 22.24 -1.51 3.19
CA SER A 25 21.58 -0.35 2.59
C SER A 25 20.15 -0.69 2.21
N LYS A 26 19.21 0.16 2.63
CA LYS A 26 17.80 -0.05 2.34
C LYS A 26 17.50 0.23 0.87
N GLY A 27 17.89 1.41 0.40
CA GLY A 27 17.67 1.78 -0.98
C GLY A 27 17.27 3.24 -1.14
N GLY A 28 16.16 3.63 -0.50
CA GLY A 28 15.69 4.99 -0.59
C GLY A 28 14.35 5.19 0.08
N TYR A 29 14.10 4.41 1.13
CA TYR A 29 12.84 4.50 1.86
C TYR A 29 13.00 3.97 3.28
N SER A 30 11.92 4.05 4.06
CA SER A 30 11.94 3.58 5.44
C SER A 30 10.54 3.64 6.05
N LYS A 31 10.28 2.74 6.99
CA LYS A 31 8.98 2.69 7.66
C LYS A 31 8.41 4.09 7.85
N ASP A 32 9.25 5.01 8.29
CA ASP A 32 8.84 6.39 8.51
C ASP A 32 8.44 7.06 7.19
N VAL A 33 9.42 7.28 6.33
CA VAL A 33 9.19 7.91 5.04
C VAL A 33 7.87 7.43 4.44
N LEU A 34 7.72 6.12 4.32
CA LEU A 34 6.50 5.54 3.76
C LEU A 34 5.28 5.87 4.62
N LEU A 35 5.47 5.85 5.93
CA LEU A 35 4.39 6.16 6.86
C LEU A 35 3.87 7.57 6.64
N ARG A 36 4.78 8.52 6.57
CA ARG A 36 4.41 9.93 6.36
C ARG A 36 3.84 10.12 4.96
N LEU A 37 4.30 9.33 4.00
CA LEU A 37 3.84 9.42 2.63
C LEU A 37 2.36 9.07 2.54
N LEU A 38 1.93 8.07 3.30
CA LEU A 38 0.54 7.64 3.30
C LEU A 38 -0.28 8.48 4.29
N GLN A 39 0.26 8.68 5.49
CA GLN A 39 -0.43 9.46 6.50
C GLN A 39 -1.23 10.60 5.87
N LYS A 40 -0.54 11.44 5.10
CA LYS A 40 -1.17 12.57 4.44
C LYS A 40 -2.49 12.14 3.79
N TYR A 41 -2.45 11.04 3.05
CA TYR A 41 -3.63 10.52 2.37
C TYR A 41 -4.61 9.92 3.37
N GLY A 42 -4.13 8.98 4.17
CA GLY A 42 -4.97 8.34 5.16
C GLY A 42 -4.19 7.86 6.37
N GLU A 43 -4.88 7.71 7.49
CA GLU A 43 -4.24 7.25 8.72
C GLU A 43 -3.74 5.82 8.57
N VAL A 44 -2.47 5.60 8.88
CA VAL A 44 -1.86 4.27 8.78
C VAL A 44 -2.00 3.51 10.09
N LEU A 45 -3.09 2.77 10.24
CA LEU A 45 -3.34 2.00 11.44
C LEU A 45 -2.14 1.11 11.78
N ASN A 46 -1.69 0.33 10.79
CA ASN A 46 -0.56 -0.56 10.99
C ASN A 46 0.33 -0.59 9.74
N LEU A 47 1.64 -0.54 9.95
CA LEU A 47 2.59 -0.57 8.85
C LEU A 47 3.69 -1.59 9.10
N VAL A 48 3.55 -2.77 8.50
CA VAL A 48 4.55 -3.83 8.66
C VAL A 48 5.43 -3.94 7.43
N LEU A 49 6.63 -4.50 7.61
CA LEU A 49 7.56 -4.67 6.52
C LEU A 49 7.90 -6.15 6.30
N SER A 50 8.19 -6.50 5.06
CA SER A 50 8.53 -7.89 4.71
C SER A 50 10.03 -8.11 4.78
N SER A 51 10.44 -9.07 5.61
CA SER A 51 11.85 -9.38 5.76
C SER A 51 12.29 -10.45 4.77
N LYS A 52 11.40 -11.40 4.51
CA LYS A 52 11.68 -12.48 3.57
C LYS A 52 12.43 -11.97 2.35
N LYS A 53 11.83 -11.01 1.65
CA LYS A 53 12.44 -10.43 0.47
C LYS A 53 12.74 -8.94 0.67
N PRO A 54 13.88 -8.48 0.14
CA PRO A 54 14.30 -7.08 0.26
C PRO A 54 13.42 -6.14 -0.56
N GLY A 55 13.14 -4.96 -0.02
CA GLY A 55 12.31 -4.00 -0.71
C GLY A 55 10.86 -4.43 -0.80
N THR A 56 10.32 -4.91 0.31
CA THR A 56 8.93 -5.36 0.36
C THR A 56 8.31 -5.07 1.72
N ALA A 57 7.05 -4.63 1.70
CA ALA A 57 6.34 -4.32 2.94
C ALA A 57 4.83 -4.30 2.70
N VAL A 58 4.07 -4.14 3.77
CA VAL A 58 2.62 -4.10 3.70
C VAL A 58 2.03 -3.10 4.67
N VAL A 59 1.26 -2.15 4.14
CA VAL A 59 0.64 -1.12 4.96
C VAL A 59 -0.84 -1.42 5.20
N GLU A 60 -1.36 -0.94 6.33
CA GLU A 60 -2.76 -1.15 6.66
C GLU A 60 -3.50 0.17 6.80
N PHE A 61 -4.45 0.41 5.91
CA PHE A 61 -5.23 1.65 5.94
C PHE A 61 -6.51 1.47 6.75
N ALA A 62 -7.20 2.57 7.01
CA ALA A 62 -8.43 2.55 7.78
C ALA A 62 -9.65 2.74 6.87
N THR A 63 -9.42 3.37 5.73
CA THR A 63 -10.50 3.63 4.77
C THR A 63 -10.08 3.23 3.36
N VAL A 64 -11.08 3.05 2.49
CA VAL A 64 -10.81 2.67 1.11
C VAL A 64 -10.36 3.87 0.29
N LYS A 65 -10.98 5.02 0.53
CA LYS A 65 -10.63 6.24 -0.19
C LYS A 65 -9.13 6.49 -0.13
N ALA A 66 -8.61 6.66 1.08
CA ALA A 66 -7.17 6.91 1.26
C ALA A 66 -6.33 5.87 0.52
N ALA A 67 -6.60 4.59 0.79
CA ALA A 67 -5.87 3.51 0.14
C ALA A 67 -5.74 3.75 -1.35
N GLU A 68 -6.87 3.87 -2.04
CA GLU A 68 -6.87 4.12 -3.48
C GLU A 68 -5.94 5.27 -3.84
N LEU A 69 -6.20 6.44 -3.24
CA LEU A 69 -5.38 7.62 -3.50
C LEU A 69 -3.91 7.35 -3.21
N ALA A 70 -3.66 6.45 -2.27
CA ALA A 70 -2.29 6.10 -1.89
C ALA A 70 -1.70 5.10 -2.89
N VAL A 71 -2.54 4.55 -3.74
CA VAL A 71 -2.10 3.57 -4.74
C VAL A 71 -2.06 4.20 -6.13
N GLN A 72 -2.69 5.36 -6.28
CA GLN A 72 -2.72 6.06 -7.55
C GLN A 72 -1.82 7.28 -7.52
N ASN A 73 -2.12 8.21 -6.63
CA ASN A 73 -1.33 9.44 -6.50
C ASN A 73 0.08 9.13 -5.99
N GLU A 74 0.18 8.82 -4.70
CA GLU A 74 1.47 8.51 -4.09
C GLU A 74 2.15 7.37 -4.84
N VAL A 75 3.28 7.69 -5.49
CA VAL A 75 4.04 6.70 -6.24
C VAL A 75 5.44 6.52 -5.66
N GLY A 76 5.73 7.28 -4.61
CA GLY A 76 7.04 7.20 -3.99
C GLY A 76 7.95 8.34 -4.38
N LEU A 77 8.94 8.05 -5.22
CA LEU A 77 9.88 9.06 -5.68
C LEU A 77 10.11 8.96 -7.18
N VAL A 78 10.17 10.10 -7.85
CA VAL A 78 10.38 10.13 -9.29
C VAL A 78 11.47 9.15 -9.72
N ASP A 79 12.62 9.24 -9.06
CA ASP A 79 13.74 8.35 -9.36
C ASP A 79 13.36 6.90 -9.11
N ASN A 80 12.64 6.65 -8.02
CA ASN A 80 12.21 5.31 -7.67
C ASN A 80 10.72 5.26 -7.36
N PRO A 81 9.91 5.06 -8.40
CA PRO A 81 8.44 4.99 -8.27
C PRO A 81 7.99 3.75 -7.54
N LEU A 82 7.81 3.86 -6.22
CA LEU A 82 7.37 2.74 -5.40
C LEU A 82 6.34 1.90 -6.14
N LYS A 83 6.29 0.61 -5.81
CA LYS A 83 5.34 -0.30 -6.44
C LYS A 83 4.23 -0.68 -5.48
N ILE A 84 3.20 0.16 -5.40
CA ILE A 84 2.07 -0.08 -4.53
C ILE A 84 1.01 -0.94 -5.21
N SER A 85 0.91 -2.20 -4.80
CA SER A 85 -0.06 -3.12 -5.37
C SER A 85 -1.11 -3.53 -4.34
N TRP A 86 -2.28 -3.93 -4.81
CA TRP A 86 -3.36 -4.35 -3.94
C TRP A 86 -3.24 -5.83 -3.58
N LEU A 87 -2.67 -6.11 -2.42
CA LEU A 87 -2.50 -7.49 -1.96
C LEU A 87 -3.84 -8.21 -1.89
N GLU A 88 -4.83 -7.54 -1.30
CA GLU A 88 -6.17 -8.12 -1.18
C GLU A 88 -7.21 -7.04 -0.93
N GLY A 89 -8.41 -7.24 -1.49
CA GLY A 89 -9.47 -6.27 -1.31
C GLY A 89 -9.29 -5.05 -2.21
N GLN A 90 -9.39 -5.27 -3.51
CA GLN A 90 -9.24 -4.18 -4.47
C GLN A 90 -10.60 -3.64 -4.90
N PRO A 91 -10.71 -2.30 -4.99
CA PRO A 91 -11.96 -1.63 -5.38
C PRO A 91 -12.28 -1.84 -6.85
N GLN A 92 -13.55 -2.12 -7.14
CA GLN A 92 -13.99 -2.34 -8.51
C GLN A 92 -15.38 -1.75 -8.74
N ASP A 93 -15.46 -0.78 -9.64
CA ASP A 93 -16.72 -0.13 -9.96
C ASP A 93 -16.68 0.54 -11.33
N ALA A 94 -17.76 0.43 -12.08
CA ALA A 94 -17.84 1.03 -13.41
C ALA A 94 -18.85 2.17 -13.45
N SER A 95 -18.74 3.02 -14.47
CA SER A 95 -19.64 4.16 -14.61
C SER A 95 -20.65 3.91 -15.73
N GLY A 96 -21.17 2.69 -15.79
CA GLY A 96 -22.14 2.35 -16.82
C GLY A 96 -22.90 1.08 -16.50
N PRO A 97 -23.86 0.72 -17.37
CA PRO A 97 -24.68 -0.48 -17.19
C PRO A 97 -23.89 -1.76 -17.40
N SER A 98 -23.74 -2.55 -16.34
CA SER A 98 -23.00 -3.80 -16.40
C SER A 98 -23.84 -4.90 -17.02
N SER A 99 -23.20 -6.00 -17.41
CA SER A 99 -23.88 -7.12 -18.02
C SER A 99 -22.96 -8.33 -18.13
N GLY A 100 -23.51 -9.45 -18.60
CA GLY A 100 -22.73 -10.66 -18.74
C GLY A 100 -21.86 -10.65 -19.98
N GLY A 1 -22.47 11.73 -2.30
CA GLY A 1 -22.55 10.71 -1.27
C GLY A 1 -21.55 9.59 -1.47
N SER A 2 -20.32 9.80 -1.00
CA SER A 2 -19.27 8.80 -1.14
C SER A 2 -19.39 7.72 -0.08
N SER A 3 -19.85 6.55 -0.50
CA SER A 3 -20.03 5.42 0.42
C SER A 3 -20.24 4.12 -0.35
N GLY A 4 -19.73 3.03 0.20
CA GLY A 4 -19.88 1.74 -0.45
C GLY A 4 -18.60 0.91 -0.39
N SER A 5 -18.30 0.36 0.78
CA SER A 5 -17.11 -0.45 0.96
C SER A 5 -17.37 -1.91 0.59
N SER A 6 -16.30 -2.70 0.53
CA SER A 6 -16.42 -4.11 0.18
C SER A 6 -15.21 -4.90 0.67
N GLY A 7 -15.47 -6.04 1.29
CA GLY A 7 -14.39 -6.87 1.81
C GLY A 7 -14.31 -6.85 3.32
N GLN A 8 -13.74 -7.91 3.89
CA GLN A 8 -13.62 -8.00 5.35
C GLN A 8 -12.32 -7.36 5.81
N GLY A 9 -12.33 -6.84 7.04
CA GLY A 9 -11.15 -6.20 7.58
C GLY A 9 -10.88 -4.85 6.95
N THR A 10 -9.60 -4.48 6.87
CA THR A 10 -9.21 -3.21 6.29
C THR A 10 -8.47 -3.41 4.98
N PRO A 11 -8.57 -2.41 4.08
CA PRO A 11 -7.92 -2.45 2.77
C PRO A 11 -6.40 -2.34 2.88
N LYS A 12 -5.73 -3.47 3.09
CA LYS A 12 -4.28 -3.49 3.21
C LYS A 12 -3.62 -3.44 1.84
N LEU A 13 -2.52 -2.70 1.74
CA LEU A 13 -1.79 -2.56 0.49
C LEU A 13 -0.39 -3.14 0.61
N LYS A 14 0.21 -3.49 -0.53
CA LYS A 14 1.54 -4.05 -0.56
C LYS A 14 2.53 -3.08 -1.19
N LEU A 15 3.49 -2.62 -0.38
CA LEU A 15 4.50 -1.67 -0.86
C LEU A 15 5.74 -2.40 -1.36
N LYS A 16 6.04 -2.24 -2.64
CA LYS A 16 7.20 -2.89 -3.24
C LYS A 16 8.15 -1.85 -3.84
N TRP A 17 9.45 -2.12 -3.75
CA TRP A 17 10.45 -1.21 -4.28
C TRP A 17 11.81 -1.90 -4.41
N LYS A 18 12.55 -1.58 -5.45
CA LYS A 18 13.86 -2.17 -5.69
C LYS A 18 14.77 -1.97 -4.47
N CYS A 19 15.82 -2.78 -4.39
CA CYS A 19 16.76 -2.69 -3.29
C CYS A 19 18.17 -3.06 -3.74
N LYS A 20 19.16 -2.72 -2.92
CA LYS A 20 20.55 -3.02 -3.24
C LYS A 20 20.87 -4.49 -2.95
N LYS A 21 22.14 -4.86 -3.12
CA LYS A 21 22.58 -6.22 -2.87
C LYS A 21 23.60 -6.27 -1.74
N GLU A 22 24.55 -5.34 -1.77
CA GLU A 22 25.59 -5.27 -0.74
C GLU A 22 25.48 -3.97 0.05
N ASP A 23 25.50 -2.84 -0.66
CA ASP A 23 25.41 -1.54 -0.03
C ASP A 23 24.40 -1.55 1.11
N GLU A 24 24.73 -0.87 2.21
CA GLU A 24 23.86 -0.81 3.37
C GLU A 24 22.48 -0.28 2.98
N SER A 25 22.45 0.84 2.27
CA SER A 25 21.20 1.45 1.84
C SER A 25 20.23 0.39 1.32
N LYS A 26 19.00 0.44 1.82
CA LYS A 26 17.98 -0.52 1.41
C LYS A 26 17.14 0.05 0.27
N GLY A 27 17.72 0.97 -0.50
CA GLY A 27 17.01 1.56 -1.62
C GLY A 27 16.82 3.06 -1.45
N GLY A 28 15.81 3.44 -0.69
CA GLY A 28 15.54 4.86 -0.47
C GLY A 28 14.22 5.09 0.24
N TYR A 29 13.95 4.29 1.26
CA TYR A 29 12.71 4.41 2.02
C TYR A 29 12.89 3.91 3.45
N SER A 30 12.02 4.37 4.35
CA SER A 30 12.09 3.98 5.75
C SER A 30 10.70 3.96 6.37
N LYS A 31 10.51 3.08 7.36
CA LYS A 31 9.23 2.97 8.04
C LYS A 31 8.57 4.33 8.20
N ASP A 32 9.31 5.28 8.74
CA ASP A 32 8.81 6.64 8.94
C ASP A 32 8.36 7.25 7.62
N VAL A 33 9.31 7.41 6.70
CA VAL A 33 9.01 7.99 5.40
C VAL A 33 7.70 7.44 4.84
N LEU A 34 7.69 6.17 4.51
CA LEU A 34 6.49 5.52 3.97
C LEU A 34 5.25 5.94 4.75
N LEU A 35 5.29 5.75 6.06
CA LEU A 35 4.16 6.11 6.92
C LEU A 35 3.65 7.52 6.59
N ARG A 36 4.57 8.41 6.25
CA ARG A 36 4.23 9.78 5.91
C ARG A 36 3.60 9.85 4.52
N LEU A 37 4.27 9.25 3.54
CA LEU A 37 3.78 9.23 2.17
C LEU A 37 2.31 8.81 2.11
N LEU A 38 1.91 7.99 3.07
CA LEU A 38 0.53 7.51 3.13
C LEU A 38 -0.31 8.36 4.09
N GLN A 39 0.23 8.58 5.28
CA GLN A 39 -0.45 9.38 6.30
C GLN A 39 -1.22 10.53 5.65
N LYS A 40 -0.48 11.47 5.07
CA LYS A 40 -1.08 12.62 4.40
C LYS A 40 -2.41 12.24 3.75
N TYR A 41 -2.45 11.06 3.15
CA TYR A 41 -3.66 10.58 2.48
C TYR A 41 -4.66 10.03 3.49
N GLY A 42 -4.30 8.91 4.11
CA GLY A 42 -5.17 8.30 5.09
C GLY A 42 -4.49 8.11 6.44
N GLU A 43 -5.17 7.45 7.36
CA GLU A 43 -4.62 7.19 8.69
C GLU A 43 -4.08 5.77 8.79
N VAL A 44 -2.81 5.62 8.44
CA VAL A 44 -2.16 4.30 8.49
C VAL A 44 -2.21 3.72 9.89
N LEU A 45 -3.09 2.74 10.09
CA LEU A 45 -3.24 2.09 11.39
C LEU A 45 -2.00 1.31 11.76
N ASN A 46 -1.57 0.43 10.85
CA ASN A 46 -0.38 -0.39 11.08
C ASN A 46 0.54 -0.37 9.86
N LEU A 47 1.81 -0.68 10.08
CA LEU A 47 2.79 -0.69 9.01
C LEU A 47 3.79 -1.83 9.19
N VAL A 48 3.75 -2.81 8.30
CA VAL A 48 4.66 -3.95 8.36
C VAL A 48 5.67 -3.91 7.22
N LEU A 49 6.76 -4.65 7.39
CA LEU A 49 7.82 -4.70 6.38
C LEU A 49 8.43 -6.09 6.30
N SER A 50 8.84 -6.49 5.10
CA SER A 50 9.44 -7.80 4.89
C SER A 50 10.88 -7.82 5.39
N SER A 51 11.11 -8.47 6.51
CA SER A 51 12.45 -8.57 7.09
C SER A 51 13.34 -9.49 6.27
N LYS A 52 12.95 -10.76 6.20
CA LYS A 52 13.71 -11.75 5.45
C LYS A 52 14.06 -11.22 4.06
N LYS A 53 13.06 -10.76 3.33
CA LYS A 53 13.26 -10.22 1.99
C LYS A 53 13.15 -8.71 1.99
N PRO A 54 14.32 -8.04 2.08
CA PRO A 54 14.38 -6.57 2.08
C PRO A 54 14.02 -5.97 0.73
N GLY A 55 13.11 -4.99 0.75
CA GLY A 55 12.69 -4.34 -0.48
C GLY A 55 11.18 -4.24 -0.60
N THR A 56 10.47 -5.18 0.02
CA THR A 56 9.02 -5.18 -0.01
C THR A 56 8.43 -4.94 1.38
N ALA A 57 7.12 -4.71 1.42
CA ALA A 57 6.43 -4.47 2.69
C ALA A 57 4.93 -4.37 2.48
N VAL A 58 4.19 -4.25 3.59
CA VAL A 58 2.74 -4.15 3.53
C VAL A 58 2.22 -3.17 4.57
N VAL A 59 1.35 -2.27 4.14
CA VAL A 59 0.77 -1.27 5.05
C VAL A 59 -0.72 -1.53 5.26
N GLU A 60 -1.23 -1.07 6.40
CA GLU A 60 -2.64 -1.24 6.72
C GLU A 60 -3.33 0.11 6.89
N PHE A 61 -4.26 0.42 5.99
CA PHE A 61 -4.99 1.68 6.04
C PHE A 61 -6.23 1.55 6.92
N ALA A 62 -6.94 2.66 7.10
CA ALA A 62 -8.15 2.67 7.91
C ALA A 62 -9.40 2.77 7.05
N THR A 63 -9.24 3.32 5.85
CA THR A 63 -10.35 3.48 4.93
C THR A 63 -9.94 3.13 3.50
N VAL A 64 -10.92 2.81 2.67
CA VAL A 64 -10.66 2.45 1.28
C VAL A 64 -10.21 3.68 0.48
N LYS A 65 -11.06 4.69 0.44
CA LYS A 65 -10.76 5.93 -0.29
C LYS A 65 -9.27 6.24 -0.21
N ALA A 66 -8.78 6.50 1.00
CA ALA A 66 -7.37 6.82 1.21
C ALA A 66 -6.47 5.83 0.48
N ALA A 67 -6.70 4.54 0.74
CA ALA A 67 -5.91 3.49 0.10
C ALA A 67 -5.79 3.72 -1.40
N GLU A 68 -6.93 3.92 -2.06
CA GLU A 68 -6.95 4.15 -3.50
C GLU A 68 -6.12 5.38 -3.86
N LEU A 69 -6.33 6.47 -3.12
CA LEU A 69 -5.60 7.71 -3.37
C LEU A 69 -4.09 7.49 -3.23
N ALA A 70 -3.71 6.67 -2.26
CA ALA A 70 -2.30 6.37 -2.03
C ALA A 70 -1.72 5.50 -3.14
N VAL A 71 -2.59 4.71 -3.78
CA VAL A 71 -2.17 3.82 -4.86
C VAL A 71 -2.11 4.58 -6.19
N GLN A 72 -2.77 5.73 -6.24
CA GLN A 72 -2.79 6.54 -7.45
C GLN A 72 -1.89 7.76 -7.31
N ASN A 73 -2.31 8.71 -6.49
CA ASN A 73 -1.54 9.93 -6.27
C ASN A 73 -0.09 9.60 -5.90
N GLU A 74 0.11 9.10 -4.68
CA GLU A 74 1.44 8.75 -4.21
C GLU A 74 2.06 7.68 -5.10
N VAL A 75 3.15 8.03 -5.76
CA VAL A 75 3.85 7.10 -6.65
C VAL A 75 5.26 6.79 -6.13
N GLY A 76 5.64 7.45 -5.05
CA GLY A 76 6.95 7.24 -4.48
C GLY A 76 7.93 8.32 -4.86
N LEU A 77 9.13 7.92 -5.26
CA LEU A 77 10.17 8.88 -5.66
C LEU A 77 10.54 8.69 -7.13
N VAL A 78 10.78 9.81 -7.81
CA VAL A 78 11.15 9.77 -9.22
C VAL A 78 12.19 8.69 -9.49
N ASP A 79 13.20 8.63 -8.64
CA ASP A 79 14.26 7.64 -8.78
C ASP A 79 13.71 6.22 -8.59
N ASN A 80 12.86 6.05 -7.58
CA ASN A 80 12.26 4.76 -7.29
C ASN A 80 10.76 4.90 -7.03
N PRO A 81 9.98 4.79 -8.10
CA PRO A 81 8.51 4.90 -8.02
C PRO A 81 7.88 3.70 -7.31
N LEU A 82 7.68 3.82 -6.01
CA LEU A 82 7.09 2.74 -5.22
C LEU A 82 5.98 2.04 -6.01
N LYS A 83 5.74 0.77 -5.67
CA LYS A 83 4.70 0.00 -6.34
C LYS A 83 3.69 -0.53 -5.34
N ILE A 84 2.60 0.21 -5.17
CA ILE A 84 1.54 -0.18 -4.24
C ILE A 84 0.53 -1.10 -4.91
N SER A 85 0.68 -2.41 -4.71
CA SER A 85 -0.22 -3.38 -5.29
C SER A 85 -1.30 -3.81 -4.29
N TRP A 86 -2.52 -3.94 -4.77
CA TRP A 86 -3.64 -4.35 -3.92
C TRP A 86 -3.57 -5.83 -3.60
N LEU A 87 -3.10 -6.15 -2.41
CA LEU A 87 -2.98 -7.55 -1.97
C LEU A 87 -4.35 -8.23 -1.96
N GLU A 88 -5.36 -7.52 -1.49
CA GLU A 88 -6.71 -8.05 -1.43
C GLU A 88 -7.70 -6.98 -0.98
N GLY A 89 -8.96 -7.13 -1.40
CA GLY A 89 -9.99 -6.17 -1.02
C GLY A 89 -10.03 -4.99 -1.97
N GLN A 90 -10.07 -5.27 -3.27
CA GLN A 90 -10.10 -4.20 -4.27
C GLN A 90 -11.48 -3.52 -4.29
N PRO A 91 -11.47 -2.19 -4.45
CA PRO A 91 -12.71 -1.39 -4.49
C PRO A 91 -13.51 -1.65 -5.76
N GLN A 92 -14.72 -1.08 -5.81
CA GLN A 92 -15.59 -1.25 -6.96
C GLN A 92 -15.36 -0.14 -7.98
N ASP A 93 -15.59 -0.45 -9.25
CA ASP A 93 -15.41 0.52 -10.32
C ASP A 93 -16.57 1.52 -10.35
N ALA A 94 -17.77 1.02 -10.62
CA ALA A 94 -18.96 1.85 -10.68
C ALA A 94 -19.62 1.96 -9.32
N SER A 95 -19.21 2.96 -8.54
CA SER A 95 -19.75 3.17 -7.21
C SER A 95 -21.13 3.84 -7.29
N GLY A 96 -22.18 3.03 -7.31
CA GLY A 96 -23.52 3.56 -7.38
C GLY A 96 -24.45 2.94 -6.36
N PRO A 97 -24.35 3.42 -5.11
CA PRO A 97 -25.18 2.92 -4.00
C PRO A 97 -26.65 3.32 -4.15
N SER A 98 -27.54 2.50 -3.60
CA SER A 98 -28.97 2.77 -3.67
C SER A 98 -29.52 3.11 -2.29
N SER A 99 -30.43 4.09 -2.25
CA SER A 99 -31.04 4.51 -1.00
C SER A 99 -32.52 4.15 -0.96
N GLY A 100 -32.88 3.25 -0.05
CA GLY A 100 -34.26 2.83 0.08
C GLY A 100 -35.20 3.99 0.32
N GLY A 1 -13.91 -19.22 -9.82
CA GLY A 1 -14.74 -19.91 -8.86
C GLY A 1 -14.45 -19.47 -7.44
N SER A 2 -13.42 -20.06 -6.84
CA SER A 2 -13.05 -19.73 -5.46
C SER A 2 -13.28 -18.24 -5.18
N SER A 3 -14.01 -17.96 -4.11
CA SER A 3 -14.30 -16.58 -3.73
C SER A 3 -14.81 -16.52 -2.28
N GLY A 4 -15.06 -15.30 -1.81
CA GLY A 4 -15.54 -15.13 -0.45
C GLY A 4 -16.44 -13.92 -0.32
N SER A 5 -16.89 -13.64 0.90
CA SER A 5 -17.78 -12.52 1.17
C SER A 5 -17.03 -11.39 1.88
N SER A 6 -17.09 -10.20 1.30
CA SER A 6 -16.41 -9.04 1.87
C SER A 6 -17.19 -8.48 3.06
N GLY A 7 -16.51 -7.71 3.90
CA GLY A 7 -17.15 -7.14 5.07
C GLY A 7 -16.16 -6.51 6.03
N GLN A 8 -16.33 -6.80 7.32
CA GLN A 8 -15.44 -6.27 8.34
C GLN A 8 -13.97 -6.51 7.97
N GLY A 9 -13.22 -5.42 7.85
CA GLY A 9 -11.82 -5.53 7.50
C GLY A 9 -11.27 -4.25 6.90
N THR A 10 -9.95 -4.15 6.83
CA THR A 10 -9.29 -2.96 6.28
C THR A 10 -8.61 -3.28 4.96
N PRO A 11 -8.65 -2.32 4.02
CA PRO A 11 -8.05 -2.47 2.69
C PRO A 11 -6.53 -2.49 2.75
N LYS A 12 -5.96 -3.64 3.11
CA LYS A 12 -4.51 -3.78 3.20
C LYS A 12 -3.86 -3.55 1.84
N LEU A 13 -2.67 -2.95 1.87
CA LEU A 13 -1.94 -2.67 0.64
C LEU A 13 -0.49 -3.15 0.75
N LYS A 14 0.03 -3.71 -0.34
CA LYS A 14 1.41 -4.20 -0.37
C LYS A 14 2.32 -3.24 -1.12
N LEU A 15 3.40 -2.83 -0.47
CA LEU A 15 4.35 -1.91 -1.09
C LEU A 15 5.60 -2.65 -1.57
N LYS A 16 5.96 -2.45 -2.83
CA LYS A 16 7.13 -3.10 -3.40
C LYS A 16 7.99 -2.10 -4.16
N TRP A 17 9.27 -2.04 -3.81
CA TRP A 17 10.20 -1.12 -4.46
C TRP A 17 11.55 -1.79 -4.70
N LYS A 18 12.25 -1.33 -5.74
CA LYS A 18 13.55 -1.89 -6.08
C LYS A 18 14.58 -1.60 -4.99
N CYS A 19 15.56 -2.47 -4.86
CA CYS A 19 16.60 -2.30 -3.85
C CYS A 19 17.88 -3.03 -4.26
N LYS A 20 19.02 -2.55 -3.76
CA LYS A 20 20.31 -3.16 -4.06
C LYS A 20 20.53 -4.41 -3.23
N LYS A 21 21.66 -5.08 -3.47
CA LYS A 21 22.00 -6.29 -2.74
C LYS A 21 21.90 -6.06 -1.23
N GLU A 22 22.05 -7.14 -0.46
CA GLU A 22 21.98 -7.06 0.99
C GLU A 22 23.06 -6.12 1.54
N ASP A 23 22.73 -4.84 1.63
CA ASP A 23 23.68 -3.85 2.13
C ASP A 23 23.03 -3.00 3.23
N GLU A 24 23.87 -2.37 4.04
CA GLU A 24 23.38 -1.52 5.13
C GLU A 24 22.12 -0.75 4.72
N SER A 25 22.22 -0.04 3.60
CA SER A 25 21.10 0.74 3.10
C SER A 25 20.01 -0.17 2.54
N LYS A 26 18.76 0.21 2.75
CA LYS A 26 17.62 -0.57 2.27
C LYS A 26 16.75 0.25 1.31
N GLY A 27 17.41 0.98 0.41
CA GLY A 27 16.68 1.80 -0.54
C GLY A 27 16.37 3.18 0.00
N GLY A 28 15.79 4.02 -0.85
CA GLY A 28 15.46 5.38 -0.44
C GLY A 28 14.10 5.46 0.25
N TYR A 29 13.86 4.55 1.19
CA TYR A 29 12.60 4.51 1.91
C TYR A 29 12.80 3.97 3.32
N SER A 30 11.81 4.19 4.18
CA SER A 30 11.88 3.72 5.56
C SER A 30 10.50 3.79 6.22
N LYS A 31 10.32 3.01 7.29
CA LYS A 31 9.06 2.98 8.01
C LYS A 31 8.43 4.36 8.06
N ASP A 32 9.23 5.36 8.42
CA ASP A 32 8.74 6.73 8.51
C ASP A 32 8.38 7.26 7.13
N VAL A 33 9.40 7.46 6.29
CA VAL A 33 9.18 7.97 4.94
C VAL A 33 7.87 7.47 4.36
N LEU A 34 7.65 6.16 4.45
CA LEU A 34 6.44 5.54 3.94
C LEU A 34 5.22 5.97 4.76
N LEU A 35 5.40 6.04 6.07
CA LEU A 35 4.32 6.45 6.97
C LEU A 35 3.81 7.83 6.61
N ARG A 36 4.72 8.72 6.24
CA ARG A 36 4.35 10.08 5.88
C ARG A 36 3.77 10.14 4.46
N LEU A 37 4.28 9.27 3.59
CA LEU A 37 3.80 9.22 2.21
C LEU A 37 2.36 8.74 2.15
N LEU A 38 1.96 7.93 3.13
CA LEU A 38 0.60 7.41 3.19
C LEU A 38 -0.25 8.22 4.16
N GLN A 39 0.28 8.45 5.36
CA GLN A 39 -0.42 9.21 6.38
C GLN A 39 -1.23 10.34 5.75
N LYS A 40 -0.54 11.28 5.13
CA LYS A 40 -1.19 12.42 4.48
C LYS A 40 -2.51 11.99 3.84
N TYR A 41 -2.48 10.86 3.14
CA TYR A 41 -3.68 10.34 2.48
C TYR A 41 -4.55 9.57 3.46
N GLY A 42 -4.02 8.47 3.97
CA GLY A 42 -4.77 7.65 4.92
C GLY A 42 -4.02 7.45 6.23
N GLU A 43 -4.77 7.45 7.33
CA GLU A 43 -4.17 7.28 8.65
C GLU A 43 -3.63 5.86 8.81
N VAL A 44 -2.41 5.64 8.34
CA VAL A 44 -1.77 4.34 8.43
C VAL A 44 -1.98 3.73 9.81
N LEU A 45 -2.73 2.63 9.85
CA LEU A 45 -3.01 1.95 11.12
C LEU A 45 -1.92 0.94 11.44
N ASN A 46 -1.67 0.02 10.50
CA ASN A 46 -0.65 -1.00 10.69
C ASN A 46 0.35 -0.99 9.53
N LEU A 47 1.59 -0.63 9.83
CA LEU A 47 2.64 -0.57 8.81
C LEU A 47 3.69 -1.64 9.07
N VAL A 48 3.64 -2.72 8.30
CA VAL A 48 4.61 -3.80 8.44
C VAL A 48 5.66 -3.76 7.34
N LEU A 49 6.89 -4.10 7.69
CA LEU A 49 7.99 -4.10 6.73
C LEU A 49 8.71 -5.45 6.72
N SER A 50 8.98 -5.96 5.53
CA SER A 50 9.66 -7.24 5.39
C SER A 50 11.09 -7.16 5.92
N SER A 51 11.30 -7.69 7.12
CA SER A 51 12.61 -7.67 7.75
C SER A 51 13.57 -8.61 7.02
N LYS A 52 13.20 -9.89 6.96
CA LYS A 52 14.02 -10.89 6.29
C LYS A 52 14.36 -10.47 4.87
N LYS A 53 13.32 -10.20 4.08
CA LYS A 53 13.50 -9.78 2.69
C LYS A 53 13.32 -8.27 2.55
N PRO A 54 14.44 -7.54 2.54
CA PRO A 54 14.43 -6.08 2.40
C PRO A 54 14.00 -5.62 1.01
N GLY A 55 13.07 -4.68 0.97
CA GLY A 55 12.58 -4.18 -0.29
C GLY A 55 11.06 -4.23 -0.40
N THR A 56 10.46 -5.25 0.20
CA THR A 56 9.02 -5.41 0.17
C THR A 56 8.40 -5.10 1.53
N ALA A 57 7.21 -4.53 1.51
CA ALA A 57 6.51 -4.18 2.74
C ALA A 57 4.99 -4.23 2.55
N VAL A 58 4.26 -4.15 3.65
CA VAL A 58 2.80 -4.19 3.61
C VAL A 58 2.19 -3.21 4.60
N VAL A 59 1.34 -2.32 4.09
CA VAL A 59 0.68 -1.33 4.94
C VAL A 59 -0.80 -1.62 5.08
N GLU A 60 -1.43 -0.99 6.07
CA GLU A 60 -2.85 -1.19 6.32
C GLU A 60 -3.55 0.14 6.58
N PHE A 61 -4.45 0.53 5.67
CA PHE A 61 -5.18 1.78 5.80
C PHE A 61 -6.40 1.60 6.70
N ALA A 62 -7.04 2.71 7.05
CA ALA A 62 -8.23 2.67 7.90
C ALA A 62 -9.50 2.73 7.06
N THR A 63 -9.34 2.99 5.76
CA THR A 63 -10.49 3.07 4.86
C THR A 63 -10.06 2.78 3.42
N VAL A 64 -11.02 2.81 2.50
CA VAL A 64 -10.75 2.57 1.10
C VAL A 64 -10.35 3.85 0.38
N LYS A 65 -11.24 4.83 0.38
CA LYS A 65 -10.98 6.11 -0.27
C LYS A 65 -9.51 6.49 -0.14
N ALA A 66 -9.08 6.75 1.09
CA ALA A 66 -7.69 7.13 1.35
C ALA A 66 -6.73 6.20 0.63
N ALA A 67 -6.91 4.89 0.84
CA ALA A 67 -6.05 3.89 0.21
C ALA A 67 -6.00 4.09 -1.30
N GLU A 68 -7.16 4.00 -1.95
CA GLU A 68 -7.24 4.17 -3.39
C GLU A 68 -6.35 5.32 -3.87
N LEU A 69 -6.36 6.41 -3.11
CA LEU A 69 -5.56 7.59 -3.44
C LEU A 69 -4.08 7.32 -3.19
N ALA A 70 -3.76 6.90 -1.97
CA ALA A 70 -2.38 6.61 -1.60
C ALA A 70 -1.72 5.70 -2.64
N VAL A 71 -2.52 4.86 -3.28
CA VAL A 71 -2.02 3.94 -4.29
C VAL A 71 -1.78 4.64 -5.62
N GLN A 72 -2.63 5.63 -5.91
CA GLN A 72 -2.51 6.39 -7.15
C GLN A 72 -1.76 7.70 -6.92
N ASN A 73 -2.37 8.60 -6.15
CA ASN A 73 -1.76 9.89 -5.85
C ASN A 73 -0.27 9.73 -5.57
N GLU A 74 0.06 8.99 -4.51
CA GLU A 74 1.45 8.77 -4.14
C GLU A 74 2.08 7.69 -5.00
N VAL A 75 3.19 8.04 -5.65
CA VAL A 75 3.89 7.10 -6.52
C VAL A 75 5.29 6.82 -5.99
N GLY A 76 5.67 7.50 -4.91
CA GLY A 76 6.98 7.29 -4.33
C GLY A 76 7.97 8.38 -4.72
N LEU A 77 9.07 7.98 -5.33
CA LEU A 77 10.10 8.92 -5.76
C LEU A 77 10.55 8.63 -7.18
N VAL A 78 10.77 9.68 -7.96
CA VAL A 78 11.21 9.53 -9.35
C VAL A 78 12.26 8.45 -9.47
N ASP A 79 13.30 8.52 -8.63
CA ASP A 79 14.37 7.54 -8.65
C ASP A 79 13.84 6.14 -8.37
N ASN A 80 12.96 6.04 -7.37
CA ASN A 80 12.39 4.76 -6.99
C ASN A 80 10.87 4.86 -6.89
N PRO A 81 10.17 4.65 -8.02
CA PRO A 81 8.71 4.72 -8.07
C PRO A 81 8.05 3.56 -7.34
N LEU A 82 7.72 3.78 -6.08
CA LEU A 82 7.09 2.74 -5.26
C LEU A 82 6.03 1.99 -6.07
N LYS A 83 5.87 0.71 -5.76
CA LYS A 83 4.90 -0.13 -6.46
C LYS A 83 3.79 -0.58 -5.51
N ILE A 84 2.77 0.26 -5.35
CA ILE A 84 1.66 -0.05 -4.48
C ILE A 84 0.66 -0.97 -5.17
N SER A 85 0.70 -2.26 -4.82
CA SER A 85 -0.19 -3.24 -5.41
C SER A 85 -1.26 -3.68 -4.41
N TRP A 86 -2.50 -3.75 -4.86
CA TRP A 86 -3.60 -4.17 -3.99
C TRP A 86 -3.57 -5.67 -3.75
N LEU A 87 -3.14 -6.06 -2.56
CA LEU A 87 -3.07 -7.47 -2.20
C LEU A 87 -4.45 -8.11 -2.21
N GLU A 88 -5.36 -7.53 -1.43
CA GLU A 88 -6.73 -8.04 -1.35
C GLU A 88 -7.72 -6.91 -1.10
N GLY A 89 -9.01 -7.26 -1.08
CA GLY A 89 -10.03 -6.26 -0.86
C GLY A 89 -9.96 -5.10 -1.84
N GLN A 90 -9.95 -5.43 -3.13
CA GLN A 90 -9.87 -4.42 -4.18
C GLN A 90 -11.20 -3.68 -4.32
N PRO A 91 -11.13 -2.35 -4.47
CA PRO A 91 -12.31 -1.51 -4.62
C PRO A 91 -13.01 -1.72 -5.97
N GLN A 92 -14.21 -2.29 -5.93
CA GLN A 92 -14.97 -2.54 -7.14
C GLN A 92 -15.33 -1.24 -7.85
N ASP A 93 -15.28 -1.26 -9.18
CA ASP A 93 -15.60 -0.07 -9.96
C ASP A 93 -17.09 -0.03 -10.31
N ALA A 94 -17.80 0.90 -9.70
CA ALA A 94 -19.23 1.05 -9.95
C ALA A 94 -19.76 2.35 -9.37
N SER A 95 -20.99 2.70 -9.72
CA SER A 95 -21.61 3.94 -9.26
C SER A 95 -23.04 3.69 -8.80
N GLY A 96 -23.50 4.47 -7.81
CA GLY A 96 -24.85 4.31 -7.30
C GLY A 96 -24.87 3.73 -5.90
N PRO A 97 -26.01 3.13 -5.52
CA PRO A 97 -26.19 2.52 -4.20
C PRO A 97 -25.36 1.26 -4.03
N SER A 98 -25.10 0.57 -5.14
CA SER A 98 -24.32 -0.66 -5.11
C SER A 98 -24.80 -1.58 -3.99
N SER A 99 -26.11 -1.75 -3.90
CA SER A 99 -26.70 -2.61 -2.87
C SER A 99 -27.75 -3.53 -3.47
N GLY A 100 -28.11 -4.57 -2.73
CA GLY A 100 -29.10 -5.52 -3.20
C GLY A 100 -29.32 -6.66 -2.22
N GLY A 1 -22.75 -0.43 -6.14
CA GLY A 1 -22.04 -0.43 -4.88
C GLY A 1 -22.87 -1.01 -3.75
N SER A 2 -23.57 -2.10 -4.03
CA SER A 2 -24.42 -2.74 -3.03
C SER A 2 -23.98 -4.18 -2.78
N SER A 3 -23.16 -4.37 -1.76
CA SER A 3 -22.66 -5.70 -1.42
C SER A 3 -23.14 -6.14 -0.04
N GLY A 4 -23.46 -7.41 0.09
CA GLY A 4 -23.93 -7.93 1.37
C GLY A 4 -22.82 -8.08 2.38
N SER A 5 -22.89 -9.14 3.18
CA SER A 5 -21.88 -9.40 4.20
C SER A 5 -20.73 -10.23 3.63
N SER A 6 -19.67 -9.55 3.23
CA SER A 6 -18.50 -10.22 2.65
C SER A 6 -17.53 -10.64 3.75
N GLY A 7 -17.16 -9.69 4.62
CA GLY A 7 -16.24 -9.98 5.70
C GLY A 7 -15.63 -8.73 6.29
N GLN A 8 -15.16 -8.84 7.53
CA GLN A 8 -14.55 -7.70 8.21
C GLN A 8 -13.04 -7.67 7.97
N GLY A 9 -12.48 -6.47 7.83
CA GLY A 9 -11.07 -6.32 7.60
C GLY A 9 -10.70 -4.98 7.00
N THR A 10 -9.43 -4.60 7.12
CA THR A 10 -8.97 -3.33 6.59
C THR A 10 -8.27 -3.52 5.24
N PRO A 11 -8.43 -2.53 4.35
CA PRO A 11 -7.82 -2.57 3.02
C PRO A 11 -6.31 -2.40 3.07
N LYS A 12 -5.60 -3.49 3.36
CA LYS A 12 -4.15 -3.47 3.44
C LYS A 12 -3.53 -3.41 2.05
N LEU A 13 -2.49 -2.60 1.90
CA LEU A 13 -1.80 -2.46 0.62
C LEU A 13 -0.38 -2.99 0.70
N LYS A 14 0.09 -3.59 -0.39
CA LYS A 14 1.44 -4.14 -0.45
C LYS A 14 2.38 -3.21 -1.21
N LEU A 15 3.40 -2.72 -0.52
CA LEU A 15 4.37 -1.83 -1.13
C LEU A 15 5.65 -2.57 -1.48
N LYS A 16 6.24 -2.20 -2.61
CA LYS A 16 7.48 -2.83 -3.07
C LYS A 16 8.39 -1.82 -3.76
N TRP A 17 9.69 -1.93 -3.51
CA TRP A 17 10.66 -1.02 -4.10
C TRP A 17 12.00 -1.72 -4.30
N LYS A 18 12.69 -1.38 -5.39
CA LYS A 18 13.97 -1.97 -5.71
C LYS A 18 14.91 -1.91 -4.50
N CYS A 19 15.84 -2.85 -4.43
CA CYS A 19 16.80 -2.90 -3.33
C CYS A 19 18.06 -3.66 -3.74
N LYS A 20 19.20 -3.22 -3.21
CA LYS A 20 20.47 -3.85 -3.51
C LYS A 20 20.66 -5.14 -2.72
N LYS A 21 21.79 -5.80 -2.93
CA LYS A 21 22.08 -7.05 -2.23
C LYS A 21 22.81 -6.78 -0.92
N GLU A 22 22.07 -6.31 0.08
CA GLU A 22 22.64 -6.01 1.39
C GLU A 22 24.04 -5.43 1.25
N ASP A 23 24.19 -4.46 0.36
CA ASP A 23 25.47 -3.81 0.13
C ASP A 23 25.62 -2.55 0.96
N GLU A 24 24.73 -1.59 0.73
CA GLU A 24 24.76 -0.32 1.46
C GLU A 24 23.46 -0.12 2.26
N SER A 25 22.33 -0.38 1.60
CA SER A 25 21.02 -0.23 2.23
C SER A 25 20.01 -1.20 1.64
N LYS A 26 18.77 -1.11 2.10
CA LYS A 26 17.71 -1.98 1.61
C LYS A 26 16.63 -1.18 0.90
N GLY A 27 17.05 -0.19 0.13
CA GLY A 27 16.09 0.64 -0.59
C GLY A 27 16.01 2.05 -0.03
N GLY A 28 15.78 3.02 -0.91
CA GLY A 28 15.69 4.40 -0.49
C GLY A 28 14.36 4.72 0.18
N TYR A 29 14.11 4.10 1.33
CA TYR A 29 12.87 4.30 2.06
C TYR A 29 13.00 3.85 3.51
N SER A 30 12.01 4.19 4.32
CA SER A 30 12.02 3.82 5.73
C SER A 30 10.60 3.84 6.30
N LYS A 31 10.33 2.92 7.22
CA LYS A 31 9.01 2.83 7.86
C LYS A 31 8.40 4.22 8.02
N ASP A 32 9.19 5.15 8.55
CA ASP A 32 8.71 6.51 8.77
C ASP A 32 8.34 7.17 7.44
N VAL A 33 9.33 7.33 6.57
CA VAL A 33 9.10 7.94 5.26
C VAL A 33 7.79 7.46 4.65
N LEU A 34 7.70 6.16 4.40
CA LEU A 34 6.51 5.58 3.81
C LEU A 34 5.26 5.96 4.61
N LEU A 35 5.36 5.86 5.93
CA LEU A 35 4.24 6.19 6.82
C LEU A 35 3.70 7.59 6.49
N ARG A 36 4.60 8.50 6.11
CA ARG A 36 4.21 9.86 5.79
C ARG A 36 3.58 9.92 4.40
N LEU A 37 4.22 9.27 3.44
CA LEU A 37 3.72 9.25 2.06
C LEU A 37 2.28 8.76 2.01
N LEU A 38 1.91 7.93 2.97
CA LEU A 38 0.56 7.39 3.04
C LEU A 38 -0.29 8.18 4.04
N GLN A 39 0.28 8.43 5.21
CA GLN A 39 -0.43 9.17 6.25
C GLN A 39 -1.31 10.27 5.64
N LYS A 40 -0.68 11.23 5.00
CA LYS A 40 -1.41 12.33 4.37
C LYS A 40 -2.72 11.84 3.77
N TYR A 41 -2.64 10.78 2.96
CA TYR A 41 -3.83 10.22 2.33
C TYR A 41 -4.68 9.46 3.34
N GLY A 42 -4.11 8.39 3.89
CA GLY A 42 -4.82 7.58 4.87
C GLY A 42 -4.07 7.44 6.17
N GLU A 43 -4.80 7.43 7.29
CA GLU A 43 -4.18 7.29 8.60
C GLU A 43 -3.65 5.89 8.82
N VAL A 44 -2.44 5.64 8.32
CA VAL A 44 -1.80 4.32 8.45
C VAL A 44 -2.00 3.77 9.86
N LEU A 45 -2.81 2.73 9.98
CA LEU A 45 -3.08 2.09 11.26
C LEU A 45 -1.94 1.16 11.65
N ASN A 46 -1.51 0.34 10.71
CA ASN A 46 -0.41 -0.60 10.96
C ASN A 46 0.50 -0.71 9.74
N LEU A 47 1.81 -0.72 9.99
CA LEU A 47 2.79 -0.81 8.92
C LEU A 47 3.80 -1.91 9.21
N VAL A 48 3.80 -2.95 8.38
CA VAL A 48 4.72 -4.06 8.54
C VAL A 48 5.69 -4.15 7.38
N LEU A 49 6.89 -4.68 7.65
CA LEU A 49 7.92 -4.82 6.61
C LEU A 49 8.22 -6.28 6.35
N SER A 50 8.07 -6.69 5.09
CA SER A 50 8.32 -8.07 4.70
C SER A 50 9.75 -8.48 5.06
N SER A 51 9.93 -9.76 5.39
CA SER A 51 11.24 -10.28 5.75
C SER A 51 11.76 -11.23 4.70
N LYS A 52 10.90 -12.17 4.27
CA LYS A 52 11.28 -13.15 3.26
C LYS A 52 12.13 -12.51 2.18
N LYS A 53 11.67 -11.38 1.66
CA LYS A 53 12.40 -10.67 0.61
C LYS A 53 12.57 -9.19 0.97
N PRO A 54 13.83 -8.72 0.94
CA PRO A 54 14.15 -7.32 1.26
C PRO A 54 13.64 -6.35 0.19
N GLY A 55 13.08 -5.24 0.64
CA GLY A 55 12.56 -4.24 -0.29
C GLY A 55 11.05 -4.33 -0.46
N THR A 56 10.39 -4.91 0.53
CA THR A 56 8.94 -5.06 0.49
C THR A 56 8.32 -4.80 1.86
N ALA A 57 7.18 -4.13 1.87
CA ALA A 57 6.48 -3.83 3.12
C ALA A 57 4.98 -3.67 2.89
N VAL A 58 4.19 -4.20 3.82
CA VAL A 58 2.74 -4.13 3.72
C VAL A 58 2.16 -3.15 4.73
N VAL A 59 1.41 -2.18 4.24
CA VAL A 59 0.80 -1.17 5.10
C VAL A 59 -0.68 -1.47 5.33
N GLU A 60 -1.26 -0.83 6.35
CA GLU A 60 -2.66 -1.03 6.68
C GLU A 60 -3.37 0.31 6.87
N PHE A 61 -4.30 0.61 5.97
CA PHE A 61 -5.06 1.86 6.04
C PHE A 61 -6.26 1.72 6.97
N ALA A 62 -6.98 2.82 7.17
CA ALA A 62 -8.16 2.82 8.02
C ALA A 62 -9.44 2.87 7.20
N THR A 63 -9.30 3.13 5.90
CA THR A 63 -10.44 3.21 5.01
C THR A 63 -10.05 2.88 3.57
N VAL A 64 -11.04 2.59 2.73
CA VAL A 64 -10.79 2.28 1.34
C VAL A 64 -10.34 3.51 0.56
N LYS A 65 -11.22 4.50 0.49
CA LYS A 65 -10.91 5.74 -0.23
C LYS A 65 -9.45 6.12 -0.06
N ALA A 66 -9.09 6.56 1.15
CA ALA A 66 -7.72 6.96 1.44
C ALA A 66 -6.72 6.03 0.74
N ALA A 67 -6.95 4.73 0.85
CA ALA A 67 -6.08 3.75 0.24
C ALA A 67 -5.99 3.96 -1.27
N GLU A 68 -7.15 3.94 -1.94
CA GLU A 68 -7.20 4.13 -3.38
C GLU A 68 -6.44 5.39 -3.80
N LEU A 69 -6.78 6.50 -3.16
CA LEU A 69 -6.13 7.78 -3.46
C LEU A 69 -4.62 7.63 -3.44
N ALA A 70 -4.10 7.11 -2.33
CA ALA A 70 -2.65 6.92 -2.19
C ALA A 70 -2.09 6.15 -3.37
N VAL A 71 -2.52 4.91 -3.54
CA VAL A 71 -2.05 4.07 -4.64
C VAL A 71 -2.00 4.85 -5.94
N GLN A 72 -2.86 5.86 -6.06
CA GLN A 72 -2.91 6.68 -7.26
C GLN A 72 -2.01 7.90 -7.12
N ASN A 73 -2.45 8.88 -6.34
CA ASN A 73 -1.67 10.10 -6.13
C ASN A 73 -0.22 9.77 -5.82
N GLU A 74 0.01 9.22 -4.63
CA GLU A 74 1.36 8.86 -4.20
C GLU A 74 1.99 7.87 -5.17
N VAL A 75 3.14 8.24 -5.73
CA VAL A 75 3.84 7.37 -6.67
C VAL A 75 5.14 6.85 -6.07
N GLY A 76 5.73 7.63 -5.17
CA GLY A 76 6.97 7.22 -4.53
C GLY A 76 8.10 8.21 -4.78
N LEU A 77 9.22 7.71 -5.27
CA LEU A 77 10.37 8.57 -5.54
C LEU A 77 10.76 8.52 -7.02
N VAL A 78 10.92 9.70 -7.62
CA VAL A 78 11.29 9.79 -9.02
C VAL A 78 12.25 8.68 -9.42
N ASP A 79 13.42 8.66 -8.79
CA ASP A 79 14.43 7.65 -9.07
C ASP A 79 13.85 6.25 -8.91
N ASN A 80 13.11 6.04 -7.83
CA ASN A 80 12.50 4.75 -7.55
C ASN A 80 11.01 4.90 -7.24
N PRO A 81 10.17 4.80 -8.28
CA PRO A 81 8.72 4.92 -8.13
C PRO A 81 8.11 3.74 -7.40
N LEU A 82 7.91 3.88 -6.09
CA LEU A 82 7.34 2.83 -5.28
C LEU A 82 6.30 2.03 -6.07
N LYS A 83 6.18 0.75 -5.77
CA LYS A 83 5.24 -0.12 -6.44
C LYS A 83 4.13 -0.55 -5.50
N ILE A 84 2.99 0.13 -5.57
CA ILE A 84 1.84 -0.19 -4.72
C ILE A 84 0.91 -1.18 -5.39
N SER A 85 0.76 -2.35 -4.79
CA SER A 85 -0.10 -3.40 -5.33
C SER A 85 -1.13 -3.86 -4.30
N TRP A 86 -2.39 -3.81 -4.67
CA TRP A 86 -3.47 -4.24 -3.78
C TRP A 86 -3.35 -5.71 -3.43
N LEU A 87 -2.86 -5.99 -2.23
CA LEU A 87 -2.69 -7.37 -1.78
C LEU A 87 -4.03 -8.11 -1.74
N GLU A 88 -5.08 -7.39 -1.36
CA GLU A 88 -6.41 -7.97 -1.30
C GLU A 88 -7.46 -6.90 -0.99
N GLY A 89 -8.73 -7.29 -1.04
CA GLY A 89 -9.81 -6.35 -0.77
C GLY A 89 -9.77 -5.15 -1.70
N GLN A 90 -9.79 -5.40 -3.00
CA GLN A 90 -9.77 -4.33 -3.98
C GLN A 90 -11.18 -3.88 -4.34
N PRO A 91 -11.35 -2.56 -4.49
CA PRO A 91 -12.66 -1.96 -4.83
C PRO A 91 -13.08 -2.29 -6.26
N GLN A 92 -14.27 -1.84 -6.62
CA GLN A 92 -14.81 -2.08 -7.97
C GLN A 92 -13.99 -1.33 -9.01
N ASP A 93 -13.58 -2.04 -10.06
CA ASP A 93 -12.80 -1.43 -11.14
C ASP A 93 -13.69 -0.60 -12.06
N ALA A 94 -14.61 -1.26 -12.73
CA ALA A 94 -15.53 -0.59 -13.64
C ALA A 94 -16.80 -0.14 -12.92
N SER A 95 -17.32 1.02 -13.29
CA SER A 95 -18.53 1.56 -12.68
C SER A 95 -19.67 1.59 -13.68
N GLY A 96 -20.70 0.80 -13.41
CA GLY A 96 -21.86 0.76 -14.31
C GLY A 96 -23.09 0.18 -13.63
N PRO A 97 -23.28 -1.13 -13.77
CA PRO A 97 -24.43 -1.83 -13.18
C PRO A 97 -24.34 -1.90 -11.65
N SER A 98 -25.47 -1.69 -11.00
CA SER A 98 -25.53 -1.72 -9.54
C SER A 98 -26.96 -1.62 -9.04
N SER A 99 -27.22 -2.20 -7.87
CA SER A 99 -28.56 -2.19 -7.29
C SER A 99 -29.60 -2.72 -8.28
N GLY A 100 -29.23 -3.79 -8.98
CA GLY A 100 -30.13 -4.38 -9.95
C GLY A 100 -29.92 -5.87 -10.11
N GLY A 1 -18.54 -11.60 -13.24
CA GLY A 1 -19.04 -12.58 -12.31
C GLY A 1 -19.44 -11.98 -10.98
N SER A 2 -18.48 -11.82 -10.08
CA SER A 2 -18.73 -11.23 -8.77
C SER A 2 -18.10 -9.85 -8.64
N SER A 3 -16.85 -9.74 -9.06
CA SER A 3 -16.13 -8.47 -9.00
C SER A 3 -16.19 -7.89 -7.58
N GLY A 4 -16.10 -8.76 -6.58
CA GLY A 4 -16.14 -8.32 -5.20
C GLY A 4 -15.34 -9.20 -4.28
N SER A 5 -14.42 -8.61 -3.54
CA SER A 5 -13.56 -9.36 -2.62
C SER A 5 -14.38 -9.87 -1.43
N SER A 6 -14.63 -11.17 -1.42
CA SER A 6 -15.41 -11.78 -0.34
C SER A 6 -14.63 -11.72 0.98
N GLY A 7 -15.27 -11.16 2.01
CA GLY A 7 -14.64 -11.06 3.30
C GLY A 7 -14.60 -9.63 3.82
N GLN A 8 -14.49 -9.47 5.12
CA GLN A 8 -14.44 -8.15 5.74
C GLN A 8 -13.08 -7.89 6.37
N GLY A 9 -12.67 -6.62 6.39
CA GLY A 9 -11.39 -6.27 6.96
C GLY A 9 -10.81 -5.01 6.36
N THR A 10 -9.73 -4.50 6.96
CA THR A 10 -9.08 -3.29 6.48
C THR A 10 -8.36 -3.54 5.16
N PRO A 11 -8.41 -2.56 4.26
CA PRO A 11 -7.77 -2.65 2.94
C PRO A 11 -6.25 -2.60 3.04
N LYS A 12 -5.65 -3.74 3.37
CA LYS A 12 -4.20 -3.84 3.50
C LYS A 12 -3.53 -3.83 2.13
N LEU A 13 -2.63 -2.88 1.93
CA LEU A 13 -1.92 -2.76 0.65
C LEU A 13 -0.49 -3.27 0.79
N LYS A 14 0.15 -3.53 -0.36
CA LYS A 14 1.52 -4.01 -0.37
C LYS A 14 2.45 -3.00 -1.02
N LEU A 15 3.52 -2.64 -0.32
CA LEU A 15 4.49 -1.68 -0.84
C LEU A 15 5.78 -2.38 -1.26
N LYS A 16 6.05 -2.37 -2.57
CA LYS A 16 7.26 -3.00 -3.10
C LYS A 16 8.08 -1.99 -3.89
N TRP A 17 9.41 -2.10 -3.79
CA TRP A 17 10.31 -1.22 -4.50
C TRP A 17 11.64 -1.90 -4.76
N LYS A 18 12.21 -1.63 -5.94
CA LYS A 18 13.50 -2.22 -6.32
C LYS A 18 14.61 -1.72 -5.41
N CYS A 19 14.96 -2.53 -4.42
CA CYS A 19 16.01 -2.17 -3.48
C CYS A 19 17.40 -2.49 -4.07
N LYS A 20 17.57 -3.71 -4.55
CA LYS A 20 18.83 -4.14 -5.13
C LYS A 20 18.61 -5.22 -6.18
N LYS A 21 19.70 -5.69 -6.77
CA LYS A 21 19.61 -6.73 -7.79
C LYS A 21 19.97 -8.09 -7.21
N GLU A 22 18.96 -8.78 -6.67
CA GLU A 22 19.16 -10.09 -6.08
C GLU A 22 20.10 -10.02 -4.87
N ASP A 23 19.98 -8.92 -4.12
CA ASP A 23 20.81 -8.73 -2.94
C ASP A 23 19.97 -8.26 -1.76
N GLU A 24 20.61 -8.11 -0.60
CA GLU A 24 19.92 -7.66 0.60
C GLU A 24 20.23 -6.20 0.90
N SER A 25 19.21 -5.36 0.81
CA SER A 25 19.37 -3.93 1.05
C SER A 25 18.02 -3.24 1.20
N LYS A 26 18.02 -2.09 1.84
CA LYS A 26 16.78 -1.32 2.05
C LYS A 26 16.48 -0.44 0.84
N GLY A 27 17.42 0.41 0.48
CA GLY A 27 17.24 1.29 -0.67
C GLY A 27 17.13 2.74 -0.26
N GLY A 28 16.10 3.42 -0.76
CA GLY A 28 15.90 4.82 -0.43
C GLY A 28 14.56 5.08 0.21
N TYR A 29 14.25 4.35 1.28
CA TYR A 29 12.99 4.50 1.98
C TYR A 29 13.13 4.09 3.44
N SER A 30 12.22 4.58 4.28
CA SER A 30 12.23 4.27 5.71
C SER A 30 10.82 4.25 6.28
N LYS A 31 10.64 3.54 7.39
CA LYS A 31 9.34 3.44 8.03
C LYS A 31 8.63 4.78 8.03
N ASP A 32 9.34 5.83 8.44
CA ASP A 32 8.78 7.18 8.48
C ASP A 32 8.39 7.64 7.08
N VAL A 33 9.39 7.85 6.23
CA VAL A 33 9.14 8.30 4.86
C VAL A 33 7.86 7.68 4.30
N LEU A 34 7.72 6.38 4.48
CA LEU A 34 6.54 5.67 3.99
C LEU A 34 5.30 6.05 4.78
N LEU A 35 5.45 6.16 6.10
CA LEU A 35 4.34 6.53 6.98
C LEU A 35 3.80 7.90 6.61
N ARG A 36 4.69 8.81 6.24
CA ARG A 36 4.30 10.16 5.86
C ARG A 36 3.69 10.18 4.46
N LEU A 37 4.27 9.39 3.57
CA LEU A 37 3.79 9.31 2.19
C LEU A 37 2.35 8.81 2.15
N LEU A 38 2.00 7.93 3.09
CA LEU A 38 0.65 7.37 3.15
C LEU A 38 -0.23 8.19 4.09
N GLN A 39 0.23 8.37 5.33
CA GLN A 39 -0.51 9.13 6.32
C GLN A 39 -1.26 10.29 5.66
N LYS A 40 -0.51 11.14 4.95
CA LYS A 40 -1.10 12.29 4.27
C LYS A 40 -2.45 11.92 3.66
N TYR A 41 -2.48 10.82 2.91
CA TYR A 41 -3.71 10.38 2.27
C TYR A 41 -4.66 9.74 3.29
N GLY A 42 -4.23 8.62 3.86
CA GLY A 42 -5.05 7.93 4.84
C GLY A 42 -4.31 7.66 6.13
N GLU A 43 -5.01 7.72 7.25
CA GLU A 43 -4.41 7.47 8.56
C GLU A 43 -3.94 6.02 8.67
N VAL A 44 -2.64 5.80 8.48
CA VAL A 44 -2.08 4.47 8.56
C VAL A 44 -2.34 3.84 9.92
N LEU A 45 -2.76 2.58 9.92
CA LEU A 45 -3.05 1.86 11.15
C LEU A 45 -1.91 0.92 11.53
N ASN A 46 -1.40 0.22 10.53
CA ASN A 46 -0.29 -0.72 10.75
C ASN A 46 0.59 -0.81 9.51
N LEU A 47 1.86 -0.46 9.67
CA LEU A 47 2.82 -0.50 8.57
C LEU A 47 3.86 -1.60 8.78
N VAL A 48 3.70 -2.70 8.06
CA VAL A 48 4.62 -3.82 8.17
C VAL A 48 5.61 -3.84 7.02
N LEU A 49 6.68 -4.60 7.17
CA LEU A 49 7.71 -4.70 6.13
C LEU A 49 8.05 -6.16 5.85
N SER A 50 8.94 -6.38 4.89
CA SER A 50 9.35 -7.73 4.51
C SER A 50 9.70 -8.55 5.75
N SER A 51 9.98 -9.83 5.54
CA SER A 51 10.33 -10.73 6.64
C SER A 51 11.64 -11.44 6.36
N LYS A 52 11.91 -11.71 5.08
CA LYS A 52 13.13 -12.39 4.67
C LYS A 52 13.87 -11.60 3.61
N LYS A 53 13.21 -11.37 2.48
CA LYS A 53 13.80 -10.63 1.37
C LYS A 53 13.45 -9.14 1.49
N PRO A 54 14.48 -8.30 1.65
CA PRO A 54 14.31 -6.85 1.77
C PRO A 54 13.88 -6.21 0.45
N GLY A 55 13.01 -5.21 0.54
CA GLY A 55 12.53 -4.54 -0.65
C GLY A 55 11.01 -4.54 -0.76
N THR A 56 10.37 -5.38 0.05
CA THR A 56 8.91 -5.47 0.05
C THR A 56 8.34 -5.14 1.42
N ALA A 57 7.06 -4.77 1.44
CA ALA A 57 6.39 -4.42 2.68
C ALA A 57 4.87 -4.42 2.50
N VAL A 58 4.16 -4.23 3.60
CA VAL A 58 2.70 -4.21 3.57
C VAL A 58 2.14 -3.22 4.59
N VAL A 59 1.28 -2.32 4.12
CA VAL A 59 0.66 -1.32 4.99
C VAL A 59 -0.81 -1.62 5.23
N GLU A 60 -1.37 -1.02 6.26
CA GLU A 60 -2.78 -1.22 6.60
C GLU A 60 -3.48 0.11 6.83
N PHE A 61 -4.30 0.51 5.86
CA PHE A 61 -5.03 1.78 5.94
C PHE A 61 -6.24 1.63 6.85
N ALA A 62 -6.84 2.76 7.21
CA ALA A 62 -8.02 2.76 8.07
C ALA A 62 -9.30 2.82 7.25
N THR A 63 -9.18 3.19 5.98
CA THR A 63 -10.32 3.29 5.09
C THR A 63 -9.96 2.85 3.67
N VAL A 64 -10.97 2.71 2.83
CA VAL A 64 -10.76 2.30 1.44
C VAL A 64 -10.45 3.50 0.55
N LYS A 65 -11.26 4.55 0.69
CA LYS A 65 -11.08 5.76 -0.10
C LYS A 65 -9.62 6.21 -0.09
N ALA A 66 -9.07 6.41 1.11
CA ALA A 66 -7.69 6.82 1.24
C ALA A 66 -6.74 5.84 0.58
N ALA A 67 -7.01 4.55 0.77
CA ALA A 67 -6.18 3.50 0.19
C ALA A 67 -6.08 3.66 -1.33
N GLU A 68 -7.22 3.92 -1.97
CA GLU A 68 -7.26 4.10 -3.41
C GLU A 68 -6.43 5.30 -3.84
N LEU A 69 -6.65 6.43 -3.17
CA LEU A 69 -5.92 7.66 -3.48
C LEU A 69 -4.42 7.45 -3.33
N ALA A 70 -4.02 6.79 -2.24
CA ALA A 70 -2.62 6.53 -1.97
C ALA A 70 -1.98 5.75 -3.11
N VAL A 71 -2.64 4.67 -3.53
CA VAL A 71 -2.16 3.83 -4.61
C VAL A 71 -2.10 4.60 -5.92
N GLN A 72 -2.88 5.67 -6.00
CA GLN A 72 -2.92 6.49 -7.22
C GLN A 72 -1.91 7.64 -7.12
N ASN A 73 -2.23 8.63 -6.30
CA ASN A 73 -1.35 9.78 -6.11
C ASN A 73 0.06 9.34 -5.73
N GLU A 74 0.22 8.93 -4.47
CA GLU A 74 1.51 8.48 -3.98
C GLU A 74 2.21 7.57 -4.99
N VAL A 75 3.27 8.07 -5.60
CA VAL A 75 4.01 7.30 -6.58
C VAL A 75 5.39 6.90 -6.04
N GLY A 76 5.81 7.56 -4.98
CA GLY A 76 7.10 7.26 -4.38
C GLY A 76 8.15 8.31 -4.70
N LEU A 77 9.34 7.85 -5.07
CA LEU A 77 10.43 8.75 -5.40
C LEU A 77 10.84 8.59 -6.86
N VAL A 78 11.08 9.72 -7.53
CA VAL A 78 11.48 9.72 -8.93
C VAL A 78 12.49 8.60 -9.21
N ASP A 79 13.56 8.58 -8.42
CA ASP A 79 14.60 7.57 -8.59
C ASP A 79 14.03 6.16 -8.38
N ASN A 80 13.18 6.02 -7.36
CA ASN A 80 12.57 4.73 -7.06
C ASN A 80 11.07 4.88 -6.84
N PRO A 81 10.30 4.80 -7.94
CA PRO A 81 8.84 4.93 -7.88
C PRO A 81 8.17 3.73 -7.21
N LEU A 82 7.92 3.85 -5.92
CA LEU A 82 7.28 2.78 -5.16
C LEU A 82 6.21 2.08 -6.00
N LYS A 83 5.88 0.85 -5.62
CA LYS A 83 4.87 0.08 -6.32
C LYS A 83 3.78 -0.40 -5.37
N ILE A 84 2.70 0.36 -5.29
CA ILE A 84 1.58 0.01 -4.41
C ILE A 84 0.55 -0.85 -5.14
N SER A 85 0.38 -2.09 -4.69
CA SER A 85 -0.56 -3.01 -5.30
C SER A 85 -1.63 -3.43 -4.30
N TRP A 86 -2.77 -3.89 -4.81
CA TRP A 86 -3.88 -4.32 -3.96
C TRP A 86 -3.78 -5.82 -3.67
N LEU A 87 -3.12 -6.16 -2.56
CA LEU A 87 -2.97 -7.56 -2.18
C LEU A 87 -4.32 -8.26 -2.08
N GLU A 88 -5.10 -7.88 -1.08
CA GLU A 88 -6.42 -8.46 -0.86
C GLU A 88 -7.41 -7.42 -0.36
N GLY A 89 -8.64 -7.49 -0.85
CA GLY A 89 -9.65 -6.55 -0.43
C GLY A 89 -9.82 -5.39 -1.40
N GLN A 90 -9.94 -5.72 -2.68
CA GLN A 90 -10.10 -4.70 -3.71
C GLN A 90 -11.47 -4.03 -3.62
N PRO A 91 -11.49 -2.70 -3.79
CA PRO A 91 -12.73 -1.92 -3.72
C PRO A 91 -13.65 -2.18 -4.92
N GLN A 92 -14.91 -1.80 -4.77
CA GLN A 92 -15.89 -2.00 -5.84
C GLN A 92 -15.72 -0.96 -6.94
N ASP A 93 -15.38 -1.42 -8.13
CA ASP A 93 -15.18 -0.52 -9.27
C ASP A 93 -16.03 -0.96 -10.46
N ALA A 94 -16.42 0.01 -11.29
CA ALA A 94 -17.23 -0.27 -12.46
C ALA A 94 -17.07 0.81 -13.52
N SER A 95 -17.52 0.52 -14.74
CA SER A 95 -17.42 1.47 -15.84
C SER A 95 -18.72 2.25 -16.00
N GLY A 96 -18.59 3.57 -16.19
CA GLY A 96 -19.76 4.41 -16.36
C GLY A 96 -20.02 4.75 -17.82
N PRO A 97 -21.30 4.87 -18.18
CA PRO A 97 -21.72 5.20 -19.55
C PRO A 97 -21.37 6.63 -19.92
N SER A 98 -21.02 7.44 -18.93
CA SER A 98 -20.68 8.84 -19.16
C SER A 98 -19.91 9.00 -20.47
N SER A 99 -18.64 8.58 -20.46
CA SER A 99 -17.80 8.68 -21.64
C SER A 99 -17.69 7.32 -22.34
N GLY A 100 -17.68 7.36 -23.67
CA GLY A 100 -17.58 6.13 -24.44
C GLY A 100 -16.53 6.21 -25.53
N GLY A 1 -25.76 0.78 15.43
CA GLY A 1 -26.47 0.26 16.59
C GLY A 1 -25.54 0.07 17.78
N SER A 2 -24.43 -0.62 17.56
CA SER A 2 -23.47 -0.87 18.63
C SER A 2 -22.14 -0.18 18.34
N SER A 3 -21.27 -0.12 19.36
CA SER A 3 -19.97 0.51 19.20
C SER A 3 -19.03 -0.36 18.39
N GLY A 4 -17.98 0.25 17.83
CA GLY A 4 -17.03 -0.49 17.04
C GLY A 4 -17.47 -0.61 15.59
N SER A 5 -16.88 -1.58 14.88
CA SER A 5 -17.21 -1.80 13.48
C SER A 5 -16.96 -3.26 13.09
N SER A 6 -18.03 -3.98 12.77
CA SER A 6 -17.93 -5.38 12.39
C SER A 6 -18.17 -5.55 10.89
N GLY A 7 -17.68 -6.65 10.34
CA GLY A 7 -17.84 -6.92 8.93
C GLY A 7 -16.54 -6.82 8.16
N GLN A 8 -16.58 -6.22 6.98
CA GLN A 8 -15.40 -6.07 6.14
C GLN A 8 -14.21 -5.58 6.98
N GLY A 9 -13.00 -5.89 6.52
CA GLY A 9 -11.81 -5.47 7.23
C GLY A 9 -11.20 -4.21 6.65
N THR A 10 -9.91 -4.02 6.90
CA THR A 10 -9.22 -2.83 6.40
C THR A 10 -8.55 -3.12 5.06
N PRO A 11 -8.60 -2.12 4.16
CA PRO A 11 -8.00 -2.24 2.82
C PRO A 11 -6.47 -2.26 2.87
N LYS A 12 -5.91 -3.43 3.16
CA LYS A 12 -4.46 -3.58 3.23
C LYS A 12 -3.82 -3.38 1.86
N LEU A 13 -2.59 -2.88 1.85
CA LEU A 13 -1.87 -2.64 0.60
C LEU A 13 -0.45 -3.18 0.68
N LYS A 14 0.18 -3.36 -0.47
CA LYS A 14 1.54 -3.88 -0.53
C LYS A 14 2.49 -2.83 -1.12
N LEU A 15 3.65 -2.68 -0.51
CA LEU A 15 4.64 -1.72 -0.96
C LEU A 15 5.95 -2.41 -1.35
N LYS A 16 6.28 -2.37 -2.63
CA LYS A 16 7.50 -3.00 -3.13
C LYS A 16 8.46 -1.95 -3.67
N TRP A 17 9.76 -2.19 -3.48
CA TRP A 17 10.79 -1.27 -3.95
C TRP A 17 12.11 -2.00 -4.17
N LYS A 18 12.82 -1.62 -5.22
CA LYS A 18 14.11 -2.23 -5.54
C LYS A 18 15.07 -2.10 -4.37
N CYS A 19 15.56 -3.25 -3.88
CA CYS A 19 16.49 -3.27 -2.76
C CYS A 19 17.74 -4.07 -3.10
N LYS A 20 18.88 -3.61 -2.62
CA LYS A 20 20.15 -4.29 -2.87
C LYS A 20 20.41 -5.37 -1.83
N LYS A 21 21.33 -6.28 -2.14
CA LYS A 21 21.67 -7.36 -1.21
C LYS A 21 22.68 -6.88 -0.17
N GLU A 22 22.38 -7.17 1.09
CA GLU A 22 23.26 -6.77 2.19
C GLU A 22 23.58 -5.28 2.12
N ASP A 23 22.55 -4.47 1.86
CA ASP A 23 22.72 -3.02 1.76
C ASP A 23 22.03 -2.33 2.93
N GLU A 24 22.74 -1.39 3.55
CA GLU A 24 22.20 -0.65 4.68
C GLU A 24 21.15 0.35 4.21
N SER A 25 21.52 1.20 3.26
CA SER A 25 20.62 2.21 2.74
C SER A 25 19.27 1.58 2.35
N LYS A 26 19.33 0.41 1.73
CA LYS A 26 18.12 -0.29 1.32
C LYS A 26 17.31 0.56 0.35
N GLY A 27 17.99 1.47 -0.35
CA GLY A 27 17.30 2.33 -1.31
C GLY A 27 17.14 3.75 -0.79
N GLY A 28 15.96 4.05 -0.28
CA GLY A 28 15.69 5.38 0.25
C GLY A 28 14.34 5.48 0.92
N TYR A 29 13.99 4.46 1.69
CA TYR A 29 12.71 4.43 2.39
C TYR A 29 12.90 4.03 3.85
N SER A 30 11.85 4.22 4.65
CA SER A 30 11.90 3.87 6.07
C SER A 30 10.53 4.03 6.71
N LYS A 31 10.30 3.32 7.81
CA LYS A 31 9.04 3.38 8.53
C LYS A 31 8.44 4.78 8.45
N ASP A 32 9.17 5.76 8.99
CA ASP A 32 8.70 7.14 8.99
C ASP A 32 8.35 7.58 7.58
N VAL A 33 9.37 7.73 6.73
CA VAL A 33 9.16 8.15 5.35
C VAL A 33 7.86 7.60 4.79
N LEU A 34 7.79 6.28 4.66
CA LEU A 34 6.60 5.63 4.13
C LEU A 34 5.36 6.06 4.91
N LEU A 35 5.38 5.85 6.22
CA LEU A 35 4.26 6.23 7.07
C LEU A 35 3.68 7.59 6.66
N ARG A 36 4.57 8.51 6.29
CA ARG A 36 4.15 9.84 5.87
C ARG A 36 3.47 9.79 4.50
N LEU A 37 4.20 9.28 3.51
CA LEU A 37 3.67 9.17 2.16
C LEU A 37 2.24 8.65 2.16
N LEU A 38 1.90 7.89 3.19
CA LEU A 38 0.56 7.33 3.32
C LEU A 38 -0.32 8.22 4.19
N GLN A 39 0.13 8.47 5.42
CA GLN A 39 -0.62 9.32 6.34
C GLN A 39 -1.34 10.43 5.60
N LYS A 40 -0.58 11.27 4.91
CA LYS A 40 -1.15 12.38 4.16
C LYS A 40 -2.50 12.01 3.57
N TYR A 41 -2.56 10.85 2.92
CA TYR A 41 -3.80 10.37 2.31
C TYR A 41 -4.69 9.71 3.35
N GLY A 42 -4.21 8.61 3.93
CA GLY A 42 -4.99 7.90 4.93
C GLY A 42 -4.16 7.51 6.14
N GLU A 43 -4.76 7.59 7.32
CA GLU A 43 -4.07 7.26 8.56
C GLU A 43 -3.57 5.81 8.52
N VAL A 44 -2.27 5.64 8.76
CA VAL A 44 -1.66 4.31 8.76
C VAL A 44 -1.85 3.62 10.10
N LEU A 45 -2.73 2.62 10.12
CA LEU A 45 -3.01 1.87 11.34
C LEU A 45 -1.86 0.92 11.67
N ASN A 46 -1.57 0.01 10.74
CA ASN A 46 -0.49 -0.96 10.94
C ASN A 46 0.41 -1.02 9.71
N LEU A 47 1.65 -0.58 9.88
CA LEU A 47 2.62 -0.59 8.78
C LEU A 47 3.65 -1.70 8.96
N VAL A 48 3.45 -2.81 8.26
CA VAL A 48 4.36 -3.94 8.34
C VAL A 48 5.35 -3.93 7.18
N LEU A 49 6.42 -4.71 7.31
CA LEU A 49 7.45 -4.80 6.28
C LEU A 49 7.92 -6.24 6.10
N SER A 50 8.40 -6.55 4.90
CA SER A 50 8.89 -7.90 4.60
C SER A 50 10.38 -8.00 4.87
N SER A 51 10.74 -8.86 5.82
CA SER A 51 12.15 -9.05 6.18
C SER A 51 12.78 -10.14 5.31
N LYS A 52 12.02 -11.20 5.05
CA LYS A 52 12.50 -12.31 4.23
C LYS A 52 13.07 -11.80 2.91
N LYS A 53 12.23 -11.13 2.14
CA LYS A 53 12.65 -10.59 0.85
C LYS A 53 12.90 -9.09 0.94
N PRO A 54 14.13 -8.67 0.59
CA PRO A 54 14.53 -7.26 0.63
C PRO A 54 13.85 -6.44 -0.45
N GLY A 55 13.22 -5.34 -0.04
CA GLY A 55 12.53 -4.47 -0.99
C GLY A 55 11.05 -4.80 -1.09
N THR A 56 10.44 -5.11 0.05
CA THR A 56 9.02 -5.44 0.08
C THR A 56 8.42 -5.18 1.46
N ALA A 57 7.16 -4.75 1.48
CA ALA A 57 6.48 -4.47 2.74
C ALA A 57 4.96 -4.41 2.53
N VAL A 58 4.24 -4.17 3.62
CA VAL A 58 2.79 -4.09 3.57
C VAL A 58 2.25 -3.15 4.64
N VAL A 59 1.31 -2.29 4.25
CA VAL A 59 0.72 -1.34 5.17
C VAL A 59 -0.78 -1.60 5.35
N GLU A 60 -1.37 -0.98 6.37
CA GLU A 60 -2.79 -1.16 6.65
C GLU A 60 -3.48 0.19 6.86
N PHE A 61 -4.32 0.58 5.91
CA PHE A 61 -5.03 1.84 6.00
C PHE A 61 -6.27 1.71 6.89
N ALA A 62 -6.91 2.85 7.15
CA ALA A 62 -8.11 2.86 7.98
C ALA A 62 -9.38 2.86 7.14
N THR A 63 -9.27 3.40 5.92
CA THR A 63 -10.40 3.46 5.02
C THR A 63 -9.99 3.09 3.59
N VAL A 64 -10.98 2.99 2.70
CA VAL A 64 -10.72 2.65 1.31
C VAL A 64 -10.26 3.87 0.52
N LYS A 65 -11.12 4.88 0.45
CA LYS A 65 -10.81 6.10 -0.28
C LYS A 65 -9.33 6.46 -0.15
N ALA A 66 -8.92 6.85 1.05
CA ALA A 66 -7.53 7.21 1.30
C ALA A 66 -6.58 6.25 0.58
N ALA A 67 -6.72 4.97 0.85
CA ALA A 67 -5.87 3.96 0.22
C ALA A 67 -5.84 4.14 -1.29
N GLU A 68 -7.00 3.95 -1.93
CA GLU A 68 -7.10 4.10 -3.39
C GLU A 68 -6.19 5.23 -3.89
N LEU A 69 -6.29 6.38 -3.23
CA LEU A 69 -5.49 7.54 -3.61
C LEU A 69 -4.01 7.29 -3.34
N ALA A 70 -3.70 6.79 -2.15
CA ALA A 70 -2.32 6.50 -1.78
C ALA A 70 -1.67 5.53 -2.77
N VAL A 71 -2.51 4.82 -3.52
CA VAL A 71 -2.02 3.87 -4.51
C VAL A 71 -1.91 4.50 -5.89
N GLN A 72 -2.79 5.48 -6.15
CA GLN A 72 -2.79 6.17 -7.45
C GLN A 72 -1.87 7.38 -7.40
N ASN A 73 -2.28 8.40 -6.65
CA ASN A 73 -1.50 9.62 -6.53
C ASN A 73 -0.06 9.31 -6.10
N GLU A 74 0.09 8.99 -4.82
CA GLU A 74 1.41 8.67 -4.28
C GLU A 74 2.06 7.53 -5.07
N VAL A 75 3.17 7.85 -5.74
CA VAL A 75 3.90 6.86 -6.52
C VAL A 75 5.21 6.48 -5.87
N GLY A 76 5.68 7.34 -4.96
CA GLY A 76 6.93 7.08 -4.27
C GLY A 76 7.98 8.15 -4.55
N LEU A 77 9.10 7.74 -5.14
CA LEU A 77 10.18 8.68 -5.46
C LEU A 77 10.48 8.66 -6.95
N VAL A 78 10.60 9.85 -7.54
CA VAL A 78 10.89 9.97 -8.96
C VAL A 78 11.86 8.89 -9.43
N ASP A 79 13.06 8.90 -8.87
CA ASP A 79 14.07 7.91 -9.22
C ASP A 79 13.52 6.50 -9.11
N ASN A 80 12.82 6.23 -8.01
CA ASN A 80 12.24 4.91 -7.78
C ASN A 80 10.77 5.02 -7.37
N PRO A 81 9.88 4.97 -8.37
CA PRO A 81 8.43 5.07 -8.14
C PRO A 81 7.87 3.83 -7.44
N LEU A 82 7.76 3.90 -6.12
CA LEU A 82 7.25 2.80 -5.32
C LEU A 82 6.16 2.04 -6.09
N LYS A 83 6.07 0.74 -5.85
CA LYS A 83 5.08 -0.09 -6.52
C LYS A 83 4.00 -0.55 -5.53
N ILE A 84 2.89 0.18 -5.51
CA ILE A 84 1.78 -0.14 -4.61
C ILE A 84 0.78 -1.06 -5.30
N SER A 85 0.64 -2.28 -4.78
CA SER A 85 -0.29 -3.25 -5.34
C SER A 85 -1.27 -3.75 -4.29
N TRP A 86 -2.53 -3.90 -4.68
CA TRP A 86 -3.56 -4.37 -3.77
C TRP A 86 -3.37 -5.84 -3.42
N LEU A 87 -2.68 -6.11 -2.31
CA LEU A 87 -2.42 -7.47 -1.87
C LEU A 87 -3.72 -8.17 -1.50
N GLU A 88 -4.62 -7.44 -0.84
CA GLU A 88 -5.89 -8.00 -0.42
C GLU A 88 -6.91 -6.89 -0.17
N GLY A 89 -8.18 -7.16 -0.46
CA GLY A 89 -9.22 -6.19 -0.25
C GLY A 89 -9.21 -5.09 -1.31
N GLN A 90 -9.27 -5.49 -2.57
CA GLN A 90 -9.25 -4.53 -3.67
C GLN A 90 -10.67 -4.15 -4.07
N PRO A 91 -10.89 -2.84 -4.30
CA PRO A 91 -12.21 -2.32 -4.69
C PRO A 91 -12.59 -2.72 -6.10
N GLN A 92 -13.89 -3.00 -6.31
CA GLN A 92 -14.38 -3.40 -7.62
C GLN A 92 -14.68 -2.19 -8.49
N ASP A 93 -13.66 -1.71 -9.18
CA ASP A 93 -13.80 -0.54 -10.05
C ASP A 93 -14.35 -0.96 -11.42
N ALA A 94 -15.33 -0.21 -11.91
CA ALA A 94 -15.93 -0.50 -13.21
C ALA A 94 -15.93 0.73 -14.10
N SER A 95 -15.17 0.68 -15.18
CA SER A 95 -15.07 1.79 -16.12
C SER A 95 -15.71 1.43 -17.46
N GLY A 96 -16.91 1.97 -17.70
CA GLY A 96 -17.61 1.69 -18.95
C GLY A 96 -18.42 0.41 -18.88
N PRO A 97 -19.58 0.48 -18.22
CA PRO A 97 -20.48 -0.66 -18.07
C PRO A 97 -21.15 -1.05 -19.38
N SER A 98 -20.64 -2.10 -20.01
CA SER A 98 -21.19 -2.58 -21.28
C SER A 98 -20.94 -4.07 -21.46
N SER A 99 -21.94 -4.77 -21.98
CA SER A 99 -21.83 -6.21 -22.19
C SER A 99 -22.52 -6.62 -23.50
N GLY A 100 -22.36 -7.87 -23.89
CA GLY A 100 -22.96 -8.37 -25.11
C GLY A 100 -22.65 -7.49 -26.30
N GLY A 1 -14.02 -20.67 -13.79
CA GLY A 1 -13.12 -19.71 -13.19
C GLY A 1 -13.84 -18.54 -12.56
N SER A 2 -13.36 -17.33 -12.84
CA SER A 2 -13.98 -16.13 -12.29
C SER A 2 -14.46 -16.35 -10.86
N SER A 3 -13.63 -17.03 -10.07
CA SER A 3 -13.98 -17.33 -8.68
C SER A 3 -13.71 -16.12 -7.79
N GLY A 4 -14.78 -15.47 -7.35
CA GLY A 4 -14.64 -14.31 -6.49
C GLY A 4 -15.22 -14.54 -5.12
N SER A 5 -14.45 -14.14 -4.09
CA SER A 5 -14.89 -14.32 -2.70
C SER A 5 -14.99 -12.98 -1.99
N SER A 6 -15.49 -12.99 -0.76
CA SER A 6 -15.64 -11.78 0.02
C SER A 6 -14.70 -11.79 1.22
N GLY A 7 -14.17 -10.62 1.57
CA GLY A 7 -13.26 -10.52 2.70
C GLY A 7 -13.60 -9.36 3.60
N GLN A 8 -13.18 -9.44 4.86
CA GLN A 8 -13.44 -8.39 5.84
C GLN A 8 -12.14 -7.82 6.40
N GLY A 9 -12.24 -6.68 7.06
CA GLY A 9 -11.06 -6.06 7.64
C GLY A 9 -10.63 -4.81 6.87
N THR A 10 -9.61 -4.14 7.37
CA THR A 10 -9.10 -2.93 6.73
C THR A 10 -8.44 -3.25 5.39
N PRO A 11 -8.56 -2.32 4.43
CA PRO A 11 -7.98 -2.48 3.10
C PRO A 11 -6.45 -2.40 3.12
N LYS A 12 -5.81 -3.50 3.49
CA LYS A 12 -4.35 -3.55 3.55
C LYS A 12 -3.75 -3.43 2.16
N LEU A 13 -2.61 -2.74 2.08
CA LEU A 13 -1.93 -2.56 0.80
C LEU A 13 -0.51 -3.09 0.86
N LYS A 14 0.01 -3.51 -0.29
CA LYS A 14 1.37 -4.04 -0.38
C LYS A 14 2.30 -3.06 -1.07
N LEU A 15 3.37 -2.67 -0.38
CA LEU A 15 4.34 -1.73 -0.93
C LEU A 15 5.59 -2.46 -1.41
N LYS A 16 5.86 -2.37 -2.71
CA LYS A 16 7.03 -3.02 -3.29
C LYS A 16 7.88 -2.03 -4.08
N TRP A 17 9.16 -1.93 -3.74
CA TRP A 17 10.06 -1.02 -4.41
C TRP A 17 11.31 -1.74 -4.89
N LYS A 18 11.73 -1.44 -6.12
CA LYS A 18 12.93 -2.06 -6.69
C LYS A 18 14.15 -1.80 -5.81
N CYS A 19 14.99 -2.82 -5.68
CA CYS A 19 16.20 -2.70 -4.87
C CYS A 19 17.06 -3.96 -4.97
N LYS A 20 18.37 -3.79 -4.87
CA LYS A 20 19.30 -4.92 -4.96
C LYS A 20 18.94 -6.00 -3.95
N LYS A 21 19.07 -7.25 -4.37
CA LYS A 21 18.76 -8.38 -3.49
C LYS A 21 19.83 -8.55 -2.42
N GLU A 22 21.09 -8.59 -2.83
CA GLU A 22 22.21 -8.74 -1.91
C GLU A 22 22.55 -7.41 -1.24
N ASP A 23 21.52 -6.68 -0.82
CA ASP A 23 21.71 -5.39 -0.17
C ASP A 23 21.08 -5.38 1.22
N GLU A 24 21.65 -4.60 2.12
CA GLU A 24 21.14 -4.50 3.48
C GLU A 24 20.05 -3.44 3.58
N SER A 25 20.30 -2.28 2.99
CA SER A 25 19.35 -1.18 3.01
C SER A 25 18.03 -1.60 2.36
N LYS A 26 16.97 -0.84 2.65
CA LYS A 26 15.66 -1.12 2.10
C LYS A 26 15.59 -0.75 0.62
N GLY A 27 15.93 0.50 0.31
CA GLY A 27 15.89 0.96 -1.06
C GLY A 27 15.48 2.40 -1.18
N GLY A 28 15.85 3.21 -0.19
CA GLY A 28 15.50 4.62 -0.21
C GLY A 28 14.15 4.89 0.40
N TYR A 29 13.83 4.18 1.48
CA TYR A 29 12.55 4.34 2.16
C TYR A 29 12.61 3.80 3.58
N SER A 30 12.06 4.54 4.53
CA SER A 30 12.06 4.14 5.93
C SER A 30 10.64 4.10 6.47
N LYS A 31 10.40 3.20 7.42
CA LYS A 31 9.09 3.06 8.03
C LYS A 31 8.41 4.41 8.19
N ASP A 32 9.17 5.41 8.63
CA ASP A 32 8.65 6.75 8.82
C ASP A 32 8.22 7.37 7.49
N VAL A 33 9.19 7.55 6.59
CA VAL A 33 8.92 8.13 5.28
C VAL A 33 7.63 7.57 4.70
N LEU A 34 7.62 6.29 4.37
CA LEU A 34 6.45 5.63 3.81
C LEU A 34 5.19 6.02 4.57
N LEU A 35 5.22 5.84 5.89
CA LEU A 35 4.08 6.17 6.74
C LEU A 35 3.58 7.58 6.43
N ARG A 36 4.49 8.47 6.07
CA ARG A 36 4.13 9.84 5.75
C ARG A 36 3.53 9.94 4.36
N LEU A 37 4.18 9.31 3.39
CA LEU A 37 3.71 9.33 2.00
C LEU A 37 2.28 8.82 1.92
N LEU A 38 1.89 8.00 2.88
CA LEU A 38 0.54 7.44 2.92
C LEU A 38 -0.33 8.19 3.92
N GLN A 39 0.23 8.49 5.08
CA GLN A 39 -0.49 9.21 6.12
C GLN A 39 -1.30 10.35 5.52
N LYS A 40 -0.62 11.27 4.86
CA LYS A 40 -1.28 12.42 4.25
C LYS A 40 -2.57 12.01 3.56
N TYR A 41 -2.60 10.76 3.07
CA TYR A 41 -3.77 10.25 2.38
C TYR A 41 -4.71 9.54 3.35
N GLY A 42 -4.21 8.46 3.96
CA GLY A 42 -5.02 7.71 4.91
C GLY A 42 -4.26 7.38 6.18
N GLU A 43 -4.90 7.60 7.33
CA GLU A 43 -4.27 7.34 8.62
C GLU A 43 -3.79 5.89 8.69
N VAL A 44 -2.52 5.68 8.37
CA VAL A 44 -1.93 4.35 8.40
C VAL A 44 -1.94 3.78 9.81
N LEU A 45 -2.90 2.89 10.08
CA LEU A 45 -3.03 2.27 11.38
C LEU A 45 -1.80 1.42 11.70
N ASN A 46 -1.46 0.52 10.78
CA ASN A 46 -0.31 -0.36 10.96
C ASN A 46 0.54 -0.42 9.69
N LEU A 47 1.84 -0.60 9.86
CA LEU A 47 2.75 -0.68 8.72
C LEU A 47 3.83 -1.74 8.96
N VAL A 48 3.75 -2.83 8.20
CA VAL A 48 4.71 -3.92 8.33
C VAL A 48 5.62 -4.00 7.11
N LEU A 49 6.85 -4.44 7.31
CA LEU A 49 7.82 -4.57 6.22
C LEU A 49 8.30 -6.01 6.09
N SER A 50 8.38 -6.49 4.84
CA SER A 50 8.82 -7.85 4.58
C SER A 50 10.35 -7.95 4.68
N SER A 51 10.81 -8.93 5.44
CA SER A 51 12.24 -9.14 5.62
C SER A 51 12.80 -10.09 4.57
N LYS A 52 12.33 -11.34 4.59
CA LYS A 52 12.77 -12.35 3.64
C LYS A 52 12.96 -11.74 2.26
N LYS A 53 11.91 -11.10 1.75
CA LYS A 53 11.96 -10.47 0.43
C LYS A 53 12.36 -9.01 0.54
N PRO A 54 13.61 -8.71 0.14
CA PRO A 54 14.15 -7.34 0.18
C PRO A 54 13.48 -6.43 -0.84
N GLY A 55 12.80 -5.40 -0.35
CA GLY A 55 12.12 -4.47 -1.23
C GLY A 55 10.62 -4.69 -1.29
N THR A 56 10.07 -5.21 -0.21
CA THR A 56 8.63 -5.48 -0.13
C THR A 56 8.09 -5.18 1.26
N ALA A 57 6.82 -4.79 1.32
CA ALA A 57 6.18 -4.48 2.59
C ALA A 57 4.66 -4.50 2.45
N VAL A 58 3.96 -4.36 3.58
CA VAL A 58 2.51 -4.35 3.59
C VAL A 58 1.97 -3.39 4.64
N VAL A 59 1.33 -2.32 4.17
CA VAL A 59 0.77 -1.32 5.07
C VAL A 59 -0.71 -1.58 5.32
N GLU A 60 -1.26 -0.94 6.35
CA GLU A 60 -2.67 -1.10 6.69
C GLU A 60 -3.35 0.25 6.87
N PHE A 61 -4.27 0.57 5.96
CA PHE A 61 -4.98 1.83 6.01
C PHE A 61 -6.20 1.73 6.92
N ALA A 62 -6.83 2.87 7.19
CA ALA A 62 -8.00 2.90 8.06
C ALA A 62 -9.29 2.89 7.23
N THR A 63 -9.18 3.34 5.98
CA THR A 63 -10.33 3.37 5.09
C THR A 63 -9.94 3.00 3.66
N VAL A 64 -10.94 2.85 2.81
CA VAL A 64 -10.69 2.50 1.40
C VAL A 64 -10.31 3.73 0.59
N LYS A 65 -11.22 4.69 0.54
CA LYS A 65 -10.99 5.92 -0.21
C LYS A 65 -9.52 6.33 -0.13
N ALA A 66 -9.04 6.55 1.08
CA ALA A 66 -7.64 6.94 1.29
C ALA A 66 -6.69 5.94 0.65
N ALA A 67 -6.90 4.66 0.94
CA ALA A 67 -6.05 3.61 0.40
C ALA A 67 -5.97 3.70 -1.12
N GLU A 68 -7.13 3.73 -1.77
CA GLU A 68 -7.20 3.81 -3.22
C GLU A 68 -6.32 4.95 -3.74
N LEU A 69 -6.40 6.10 -3.07
CA LEU A 69 -5.61 7.27 -3.46
C LEU A 69 -4.12 7.02 -3.23
N ALA A 70 -3.76 6.73 -1.99
CA ALA A 70 -2.37 6.47 -1.63
C ALA A 70 -1.73 5.50 -2.61
N VAL A 71 -2.56 4.71 -3.29
CA VAL A 71 -2.08 3.73 -4.26
C VAL A 71 -1.90 4.37 -5.63
N GLN A 72 -2.75 5.34 -5.93
CA GLN A 72 -2.69 6.03 -7.22
C GLN A 72 -1.97 7.38 -7.09
N ASN A 73 -2.59 8.29 -6.36
CA ASN A 73 -2.01 9.62 -6.15
C ASN A 73 -0.50 9.52 -5.87
N GLU A 74 -0.16 8.92 -4.74
CA GLU A 74 1.25 8.76 -4.37
C GLU A 74 1.94 7.77 -5.30
N VAL A 75 3.16 8.13 -5.70
CA VAL A 75 3.94 7.28 -6.59
C VAL A 75 5.26 6.86 -5.95
N GLY A 76 5.89 7.80 -5.23
CA GLY A 76 7.14 7.51 -4.58
C GLY A 76 8.21 8.55 -4.88
N LEU A 77 9.38 8.08 -5.30
CA LEU A 77 10.49 8.97 -5.63
C LEU A 77 10.96 8.76 -7.06
N VAL A 78 11.22 9.86 -7.76
CA VAL A 78 11.69 9.79 -9.14
C VAL A 78 12.72 8.68 -9.32
N ASP A 79 13.73 8.67 -8.45
CA ASP A 79 14.79 7.66 -8.52
C ASP A 79 14.21 6.27 -8.27
N ASN A 80 13.32 6.17 -7.29
CA ASN A 80 12.70 4.89 -6.95
C ASN A 80 11.19 5.04 -6.81
N PRO A 81 10.48 4.93 -7.93
CA PRO A 81 9.02 5.06 -7.96
C PRO A 81 8.32 3.87 -7.29
N LEU A 82 8.02 4.01 -6.00
CA LEU A 82 7.36 2.95 -5.25
C LEU A 82 6.35 2.21 -6.13
N LYS A 83 6.10 0.95 -5.79
CA LYS A 83 5.16 0.13 -6.54
C LYS A 83 4.08 -0.43 -5.62
N ILE A 84 3.03 0.36 -5.41
CA ILE A 84 1.92 -0.06 -4.56
C ILE A 84 0.99 -1.03 -5.28
N SER A 85 0.69 -2.15 -4.64
CA SER A 85 -0.19 -3.16 -5.23
C SER A 85 -1.18 -3.69 -4.20
N TRP A 86 -2.45 -3.73 -4.59
CA TRP A 86 -3.50 -4.22 -3.70
C TRP A 86 -3.33 -5.71 -3.41
N LEU A 87 -2.87 -6.03 -2.21
CA LEU A 87 -2.66 -7.42 -1.82
C LEU A 87 -4.00 -8.14 -1.63
N GLU A 88 -4.85 -7.58 -0.78
CA GLU A 88 -6.16 -8.18 -0.53
C GLU A 88 -7.24 -7.09 -0.38
N GLY A 89 -8.48 -7.52 -0.24
CA GLY A 89 -9.58 -6.57 -0.10
C GLY A 89 -9.50 -5.45 -1.12
N GLN A 90 -10.00 -5.72 -2.32
CA GLN A 90 -10.00 -4.72 -3.38
C GLN A 90 -11.40 -4.14 -3.60
N PRO A 91 -11.45 -2.85 -3.94
CA PRO A 91 -12.72 -2.14 -4.17
C PRO A 91 -13.40 -2.61 -5.46
N GLN A 92 -14.73 -2.71 -5.40
CA GLN A 92 -15.50 -3.14 -6.57
C GLN A 92 -17.00 -2.97 -6.31
N ASP A 93 -17.70 -2.38 -7.27
CA ASP A 93 -19.14 -2.17 -7.15
C ASP A 93 -19.91 -3.21 -7.96
N ALA A 94 -20.13 -4.37 -7.36
CA ALA A 94 -20.86 -5.44 -8.03
C ALA A 94 -20.45 -5.55 -9.50
N SER A 95 -19.15 -5.44 -9.76
CA SER A 95 -18.63 -5.53 -11.12
C SER A 95 -18.75 -6.95 -11.65
N GLY A 96 -18.76 -7.08 -12.98
CA GLY A 96 -18.87 -8.38 -13.59
C GLY A 96 -19.92 -8.43 -14.69
N PRO A 97 -21.14 -8.88 -14.32
CA PRO A 97 -22.26 -8.99 -15.26
C PRO A 97 -22.79 -7.63 -15.68
N SER A 98 -22.62 -7.30 -16.96
CA SER A 98 -23.08 -6.02 -17.48
C SER A 98 -24.61 -6.00 -17.60
N SER A 99 -25.16 -4.80 -17.76
CA SER A 99 -26.60 -4.64 -17.87
C SER A 99 -27.01 -4.30 -19.31
N GLY A 100 -26.30 -3.34 -19.89
CA GLY A 100 -26.59 -2.93 -21.26
C GLY A 100 -26.09 -1.55 -21.58
N GLY A 1 -15.67 -24.72 -7.95
CA GLY A 1 -15.06 -24.51 -9.25
C GLY A 1 -13.90 -23.55 -9.21
N SER A 2 -12.78 -24.00 -8.65
CA SER A 2 -11.59 -23.17 -8.54
C SER A 2 -11.94 -21.77 -8.07
N SER A 3 -12.75 -21.69 -7.02
CA SER A 3 -13.17 -20.41 -6.46
C SER A 3 -12.98 -20.39 -4.95
N GLY A 4 -12.19 -19.44 -4.48
CA GLY A 4 -11.95 -19.32 -3.04
C GLY A 4 -11.03 -18.16 -2.71
N SER A 5 -11.62 -17.00 -2.44
CA SER A 5 -10.86 -15.81 -2.09
C SER A 5 -11.43 -15.13 -0.85
N SER A 6 -10.76 -14.07 -0.42
CA SER A 6 -11.20 -13.34 0.77
C SER A 6 -10.98 -11.83 0.58
N GLY A 7 -11.95 -11.04 1.01
CA GLY A 7 -11.85 -9.60 0.89
C GLY A 7 -12.47 -8.87 2.06
N GLN A 8 -11.97 -9.14 3.26
CA GLN A 8 -12.49 -8.50 4.47
C GLN A 8 -11.37 -7.79 5.23
N GLY A 9 -11.74 -7.11 6.32
CA GLY A 9 -10.75 -6.40 7.11
C GLY A 9 -10.26 -5.15 6.42
N THR A 10 -9.43 -4.37 7.12
CA THR A 10 -8.88 -3.14 6.57
C THR A 10 -8.15 -3.41 5.25
N PRO A 11 -8.27 -2.46 4.31
CA PRO A 11 -7.62 -2.57 2.99
C PRO A 11 -6.11 -2.43 3.08
N LYS A 12 -5.44 -3.53 3.45
CA LYS A 12 -3.99 -3.54 3.57
C LYS A 12 -3.34 -3.47 2.19
N LEU A 13 -2.49 -2.46 2.00
CA LEU A 13 -1.79 -2.29 0.73
C LEU A 13 -0.37 -2.86 0.79
N LYS A 14 0.17 -3.21 -0.36
CA LYS A 14 1.52 -3.76 -0.44
C LYS A 14 2.49 -2.76 -1.05
N LEU A 15 3.56 -2.46 -0.33
CA LEU A 15 4.56 -1.52 -0.80
C LEU A 15 5.79 -2.25 -1.33
N LYS A 16 6.00 -2.17 -2.64
CA LYS A 16 7.14 -2.82 -3.27
C LYS A 16 8.06 -1.79 -3.92
N TRP A 17 9.36 -1.94 -3.68
CA TRP A 17 10.35 -1.03 -4.24
C TRP A 17 11.60 -1.78 -4.70
N LYS A 18 12.20 -1.32 -5.79
CA LYS A 18 13.41 -1.94 -6.32
C LYS A 18 14.44 -2.14 -5.22
N CYS A 19 15.07 -3.30 -5.21
CA CYS A 19 16.10 -3.62 -4.22
C CYS A 19 17.12 -4.59 -4.78
N LYS A 20 18.39 -4.35 -4.48
CA LYS A 20 19.47 -5.21 -4.95
C LYS A 20 19.73 -6.34 -3.97
N LYS A 21 20.11 -7.51 -4.50
CA LYS A 21 20.40 -8.67 -3.66
C LYS A 21 21.89 -8.77 -3.36
N GLU A 22 22.71 -8.60 -4.38
CA GLU A 22 24.16 -8.66 -4.22
C GLU A 22 24.73 -7.30 -3.82
N ASP A 23 24.09 -6.66 -2.85
CA ASP A 23 24.53 -5.36 -2.38
C ASP A 23 23.85 -5.00 -1.06
N GLU A 24 24.25 -3.86 -0.49
CA GLU A 24 23.67 -3.41 0.77
C GLU A 24 22.99 -2.06 0.60
N SER A 25 21.73 -2.08 0.16
CA SER A 25 20.98 -0.85 -0.05
C SER A 25 19.48 -1.14 -0.06
N LYS A 26 18.70 -0.20 0.47
CA LYS A 26 17.25 -0.35 0.53
C LYS A 26 16.57 0.66 -0.40
N GLY A 27 17.31 1.15 -1.38
CA GLY A 27 16.76 2.11 -2.32
C GLY A 27 16.61 3.49 -1.72
N GLY A 28 15.80 3.59 -0.67
CA GLY A 28 15.59 4.86 -0.01
C GLY A 28 14.21 4.98 0.61
N TYR A 29 13.90 4.09 1.54
CA TYR A 29 12.60 4.08 2.21
C TYR A 29 12.73 3.60 3.64
N SER A 30 12.00 4.23 4.55
CA SER A 30 12.02 3.86 5.95
C SER A 30 10.62 3.89 6.55
N LYS A 31 10.44 3.17 7.65
CA LYS A 31 9.14 3.12 8.33
C LYS A 31 8.50 4.50 8.39
N ASP A 32 9.29 5.50 8.79
CA ASP A 32 8.81 6.87 8.89
C ASP A 32 8.44 7.41 7.52
N VAL A 33 9.44 7.62 6.67
CA VAL A 33 9.22 8.14 5.33
C VAL A 33 7.92 7.59 4.74
N LEU A 34 7.80 6.28 4.68
CA LEU A 34 6.62 5.63 4.14
C LEU A 34 5.37 6.04 4.92
N LEU A 35 5.44 5.93 6.25
CA LEU A 35 4.32 6.29 7.10
C LEU A 35 3.76 7.66 6.71
N ARG A 36 4.63 8.55 6.25
CA ARG A 36 4.22 9.88 5.84
C ARG A 36 3.58 9.85 4.46
N LEU A 37 4.22 9.16 3.52
CA LEU A 37 3.71 9.05 2.16
C LEU A 37 2.25 8.60 2.16
N LEU A 38 1.88 7.82 3.16
CA LEU A 38 0.51 7.33 3.27
C LEU A 38 -0.30 8.18 4.24
N GLN A 39 0.26 8.42 5.42
CA GLN A 39 -0.41 9.22 6.44
C GLN A 39 -1.22 10.34 5.79
N LYS A 40 -0.54 11.18 5.01
CA LYS A 40 -1.19 12.30 4.33
C LYS A 40 -2.54 11.87 3.75
N TYR A 41 -2.53 10.80 2.95
CA TYR A 41 -3.74 10.30 2.33
C TYR A 41 -4.63 9.61 3.36
N GLY A 42 -4.15 8.48 3.88
CA GLY A 42 -4.92 7.74 4.87
C GLY A 42 -4.16 7.57 6.18
N GLU A 43 -4.89 7.45 7.27
CA GLU A 43 -4.28 7.27 8.59
C GLU A 43 -3.79 5.84 8.78
N VAL A 44 -2.50 5.63 8.52
CA VAL A 44 -1.91 4.30 8.66
C VAL A 44 -2.16 3.73 10.05
N LEU A 45 -2.83 2.58 10.10
CA LEU A 45 -3.14 1.93 11.36
C LEU A 45 -1.99 1.03 11.81
N ASN A 46 -1.55 0.15 10.92
CA ASN A 46 -0.45 -0.76 11.22
C ASN A 46 0.45 -0.93 10.00
N LEU A 47 1.70 -0.48 10.14
CA LEU A 47 2.68 -0.59 9.06
C LEU A 47 3.62 -1.75 9.29
N VAL A 48 3.59 -2.73 8.40
CA VAL A 48 4.45 -3.90 8.50
C VAL A 48 5.40 -3.99 7.32
N LEU A 49 6.55 -4.61 7.53
CA LEU A 49 7.56 -4.77 6.48
C LEU A 49 7.96 -6.23 6.33
N SER A 50 8.19 -6.66 5.09
CA SER A 50 8.59 -8.04 4.81
C SER A 50 10.05 -8.25 5.17
N SER A 51 10.31 -9.22 6.03
CA SER A 51 11.67 -9.53 6.45
C SER A 51 12.30 -10.56 5.53
N LYS A 52 11.54 -11.59 5.19
CA LYS A 52 12.02 -12.65 4.31
C LYS A 52 12.27 -12.11 2.91
N LYS A 53 11.34 -11.29 2.42
CA LYS A 53 11.46 -10.71 1.09
C LYS A 53 12.00 -9.28 1.17
N PRO A 54 13.27 -9.10 0.80
CA PRO A 54 13.92 -7.80 0.82
C PRO A 54 13.38 -6.87 -0.26
N GLY A 55 13.01 -5.65 0.14
CA GLY A 55 12.47 -4.68 -0.79
C GLY A 55 10.96 -4.80 -0.96
N THR A 56 10.29 -5.19 0.11
CA THR A 56 8.84 -5.35 0.08
C THR A 56 8.23 -5.13 1.46
N ALA A 57 7.03 -4.56 1.49
CA ALA A 57 6.34 -4.30 2.75
C ALA A 57 4.83 -4.25 2.56
N VAL A 58 4.10 -4.00 3.64
CA VAL A 58 2.66 -3.92 3.58
C VAL A 58 2.12 -2.93 4.62
N VAL A 59 1.29 -1.99 4.16
CA VAL A 59 0.72 -0.98 5.04
C VAL A 59 -0.78 -1.22 5.23
N GLU A 60 -1.26 -0.96 6.44
CA GLU A 60 -2.68 -1.14 6.75
C GLU A 60 -3.38 0.21 6.90
N PHE A 61 -4.30 0.49 5.98
CA PHE A 61 -5.04 1.74 6.00
C PHE A 61 -6.29 1.62 6.87
N ALA A 62 -6.92 2.75 7.16
CA ALA A 62 -8.12 2.77 7.98
C ALA A 62 -9.38 2.72 7.11
N THR A 63 -9.21 2.98 5.82
CA THR A 63 -10.32 2.97 4.88
C THR A 63 -9.84 2.69 3.46
N VAL A 64 -10.79 2.55 2.54
CA VAL A 64 -10.47 2.27 1.14
C VAL A 64 -10.18 3.56 0.39
N LYS A 65 -11.09 4.52 0.48
CA LYS A 65 -10.93 5.80 -0.19
C LYS A 65 -9.47 6.23 -0.20
N ALA A 66 -8.87 6.31 0.98
CA ALA A 66 -7.47 6.71 1.12
C ALA A 66 -6.56 5.73 0.40
N ALA A 67 -6.76 4.44 0.65
CA ALA A 67 -5.94 3.41 0.02
C ALA A 67 -5.88 3.60 -1.48
N GLU A 68 -7.02 3.92 -2.09
CA GLU A 68 -7.08 4.13 -3.53
C GLU A 68 -6.31 5.38 -3.93
N LEU A 69 -6.54 6.47 -3.21
CA LEU A 69 -5.86 7.73 -3.49
C LEU A 69 -4.34 7.58 -3.36
N ALA A 70 -3.92 6.79 -2.37
CA ALA A 70 -2.50 6.56 -2.15
C ALA A 70 -1.86 5.83 -3.32
N VAL A 71 -2.52 4.77 -3.78
CA VAL A 71 -2.02 3.98 -4.89
C VAL A 71 -1.92 4.83 -6.16
N GLN A 72 -2.81 5.81 -6.28
CA GLN A 72 -2.82 6.68 -7.44
C GLN A 72 -1.93 7.90 -7.21
N ASN A 73 -2.37 8.78 -6.31
CA ASN A 73 -1.61 9.99 -5.99
C ASN A 73 -0.15 9.66 -5.70
N GLU A 74 0.09 9.09 -4.52
CA GLU A 74 1.44 8.71 -4.12
C GLU A 74 2.07 7.76 -5.14
N VAL A 75 3.17 8.20 -5.75
CA VAL A 75 3.87 7.39 -6.74
C VAL A 75 5.22 6.92 -6.21
N GLY A 76 5.68 7.56 -5.13
CA GLY A 76 6.96 7.19 -4.54
C GLY A 76 8.04 8.20 -4.86
N LEU A 77 9.22 7.70 -5.25
CA LEU A 77 10.34 8.56 -5.57
C LEU A 77 10.69 8.47 -7.06
N VAL A 78 10.93 9.63 -7.67
CA VAL A 78 11.27 9.70 -9.09
C VAL A 78 12.20 8.54 -9.47
N ASP A 79 13.39 8.53 -8.88
CA ASP A 79 14.37 7.49 -9.15
C ASP A 79 13.75 6.11 -9.02
N ASN A 80 12.96 5.92 -7.97
CA ASN A 80 12.30 4.64 -7.73
C ASN A 80 10.82 4.83 -7.40
N PRO A 81 9.97 4.75 -8.42
CA PRO A 81 8.52 4.92 -8.27
C PRO A 81 7.88 3.76 -7.52
N LEU A 82 7.75 3.90 -6.21
CA LEU A 82 7.16 2.86 -5.37
C LEU A 82 6.03 2.15 -6.11
N LYS A 83 5.91 0.85 -5.89
CA LYS A 83 4.89 0.05 -6.54
C LYS A 83 3.87 -0.44 -5.52
N ILE A 84 2.81 0.34 -5.30
CA ILE A 84 1.77 -0.02 -4.35
C ILE A 84 0.74 -0.96 -4.99
N SER A 85 0.90 -2.26 -4.76
CA SER A 85 0.00 -3.25 -5.31
C SER A 85 -1.05 -3.66 -4.28
N TRP A 86 -2.29 -3.77 -4.72
CA TRP A 86 -3.39 -4.16 -3.83
C TRP A 86 -3.27 -5.63 -3.43
N LEU A 87 -2.66 -5.87 -2.27
CA LEU A 87 -2.48 -7.21 -1.76
C LEU A 87 -3.80 -7.97 -1.73
N GLU A 88 -4.81 -7.37 -1.10
CA GLU A 88 -6.12 -7.98 -1.00
C GLU A 88 -7.20 -6.91 -0.84
N GLY A 89 -8.46 -7.36 -0.80
CA GLY A 89 -9.57 -6.44 -0.64
C GLY A 89 -9.48 -5.27 -1.61
N GLN A 90 -9.42 -5.57 -2.90
CA GLN A 90 -9.34 -4.54 -3.92
C GLN A 90 -10.72 -4.00 -4.27
N PRO A 91 -10.82 -2.66 -4.41
CA PRO A 91 -12.08 -1.99 -4.74
C PRO A 91 -12.54 -2.27 -6.16
N GLN A 92 -13.58 -3.08 -6.30
CA GLN A 92 -14.12 -3.43 -7.60
C GLN A 92 -15.61 -3.14 -7.68
N ASP A 93 -16.02 -2.04 -7.05
CA ASP A 93 -17.43 -1.65 -7.04
C ASP A 93 -17.81 -0.99 -8.37
N ALA A 94 -19.11 -0.81 -8.58
CA ALA A 94 -19.61 -0.19 -9.80
C ALA A 94 -20.96 0.45 -9.58
N SER A 95 -21.35 1.34 -10.49
CA SER A 95 -22.64 2.03 -10.38
C SER A 95 -23.77 1.17 -10.93
N GLY A 96 -24.48 0.50 -10.02
CA GLY A 96 -25.59 -0.36 -10.43
C GLY A 96 -26.26 -1.03 -9.25
N PRO A 97 -27.06 -2.06 -9.54
CA PRO A 97 -27.79 -2.81 -8.51
C PRO A 97 -26.86 -3.65 -7.64
N SER A 98 -25.98 -4.42 -8.29
CA SER A 98 -25.03 -5.27 -7.58
C SER A 98 -24.00 -5.84 -8.55
N SER A 99 -22.73 -5.53 -8.29
CA SER A 99 -21.64 -6.01 -9.14
C SER A 99 -21.30 -7.46 -8.80
N GLY A 100 -21.65 -7.88 -7.59
CA GLY A 100 -21.37 -9.25 -7.17
C GLY A 100 -20.76 -9.30 -5.78
N GLY A 1 -14.18 -10.66 -5.36
CA GLY A 1 -13.98 -11.52 -4.20
C GLY A 1 -14.43 -12.94 -4.46
N SER A 2 -13.60 -13.71 -5.15
CA SER A 2 -13.91 -15.09 -5.46
C SER A 2 -12.83 -16.04 -4.95
N SER A 3 -13.25 -17.03 -4.17
CA SER A 3 -12.31 -17.99 -3.60
C SER A 3 -11.11 -17.29 -2.99
N GLY A 4 -11.38 -16.20 -2.27
CA GLY A 4 -10.32 -15.44 -1.64
C GLY A 4 -10.78 -14.69 -0.41
N SER A 5 -11.49 -13.59 -0.63
CA SER A 5 -12.00 -12.77 0.47
C SER A 5 -13.10 -13.50 1.22
N SER A 6 -12.78 -13.99 2.42
CA SER A 6 -13.74 -14.72 3.23
C SER A 6 -14.42 -13.78 4.24
N GLY A 7 -13.62 -12.95 4.90
CA GLY A 7 -14.15 -12.02 5.87
C GLY A 7 -13.92 -10.57 5.48
N GLN A 8 -14.31 -9.65 6.35
CA GLN A 8 -14.15 -8.23 6.09
C GLN A 8 -13.04 -7.63 6.96
N GLY A 9 -12.11 -6.93 6.32
CA GLY A 9 -11.01 -6.32 7.06
C GLY A 9 -10.49 -5.07 6.38
N THR A 10 -9.61 -4.35 7.07
CA THR A 10 -9.04 -3.12 6.54
C THR A 10 -8.29 -3.39 5.23
N PRO A 11 -8.37 -2.42 4.30
CA PRO A 11 -7.72 -2.53 3.00
C PRO A 11 -6.20 -2.44 3.11
N LYS A 12 -5.55 -3.58 3.28
CA LYS A 12 -4.10 -3.63 3.41
C LYS A 12 -3.43 -3.59 2.03
N LEU A 13 -2.49 -2.67 1.87
CA LEU A 13 -1.78 -2.52 0.60
C LEU A 13 -0.37 -3.08 0.70
N LYS A 14 0.23 -3.40 -0.45
CA LYS A 14 1.57 -3.93 -0.49
C LYS A 14 2.55 -2.93 -1.11
N LEU A 15 3.60 -2.61 -0.37
CA LEU A 15 4.61 -1.66 -0.86
C LEU A 15 5.88 -2.38 -1.26
N LYS A 16 6.14 -2.44 -2.56
CA LYS A 16 7.33 -3.09 -3.08
C LYS A 16 8.24 -2.10 -3.78
N TRP A 17 9.55 -2.28 -3.63
CA TRP A 17 10.52 -1.40 -4.26
C TRP A 17 11.82 -2.14 -4.55
N LYS A 18 12.58 -1.64 -5.52
CA LYS A 18 13.85 -2.25 -5.89
C LYS A 18 14.73 -2.48 -4.67
N CYS A 19 15.83 -3.18 -4.87
CA CYS A 19 16.77 -3.46 -3.77
C CYS A 19 18.04 -4.13 -4.30
N LYS A 20 19.18 -3.72 -3.76
CA LYS A 20 20.47 -4.28 -4.18
C LYS A 20 20.64 -5.69 -3.64
N LYS A 21 20.69 -6.66 -4.55
CA LYS A 21 20.86 -8.06 -4.17
C LYS A 21 22.31 -8.34 -3.77
N GLU A 22 23.25 -7.98 -4.65
CA GLU A 22 24.66 -8.19 -4.40
C GLU A 22 25.04 -7.68 -3.01
N ASP A 23 24.48 -6.54 -2.63
CA ASP A 23 24.77 -5.95 -1.32
C ASP A 23 23.52 -5.95 -0.45
N GLU A 24 23.57 -6.69 0.65
CA GLU A 24 22.44 -6.78 1.57
C GLU A 24 22.12 -5.41 2.16
N SER A 25 21.14 -4.73 1.58
CA SER A 25 20.74 -3.41 2.05
C SER A 25 19.23 -3.24 1.96
N LYS A 26 18.70 -2.27 2.70
CA LYS A 26 17.27 -2.00 2.71
C LYS A 26 16.82 -1.42 1.37
N GLY A 27 17.50 -0.36 0.94
CA GLY A 27 17.15 0.28 -0.32
C GLY A 27 17.12 1.80 -0.22
N GLY A 28 15.92 2.36 -0.34
CA GLY A 28 15.77 3.80 -0.25
C GLY A 28 14.45 4.21 0.36
N TYR A 29 14.14 3.66 1.52
CA TYR A 29 12.89 3.97 2.21
C TYR A 29 12.97 3.57 3.69
N SER A 30 12.08 4.14 4.49
CA SER A 30 12.05 3.84 5.92
C SER A 30 10.62 3.89 6.44
N LYS A 31 10.31 2.99 7.38
CA LYS A 31 8.98 2.92 7.97
C LYS A 31 8.36 4.31 8.08
N ASP A 32 9.19 5.30 8.42
CA ASP A 32 8.73 6.67 8.56
C ASP A 32 8.37 7.26 7.20
N VAL A 33 9.37 7.44 6.35
CA VAL A 33 9.17 7.99 5.02
C VAL A 33 7.88 7.46 4.39
N LEU A 34 7.75 6.15 4.35
CA LEU A 34 6.56 5.52 3.78
C LEU A 34 5.31 5.89 4.57
N LEU A 35 5.44 5.86 5.90
CA LEU A 35 4.31 6.19 6.78
C LEU A 35 3.75 7.56 6.44
N ARG A 36 4.63 8.55 6.31
CA ARG A 36 4.22 9.91 6.00
C ARG A 36 3.61 9.98 4.60
N LEU A 37 4.22 9.27 3.65
CA LEU A 37 3.75 9.25 2.27
C LEU A 37 2.26 8.90 2.22
N LEU A 38 1.87 7.91 3.02
CA LEU A 38 0.47 7.48 3.07
C LEU A 38 -0.35 8.36 4.00
N GLN A 39 0.22 8.67 5.16
CA GLN A 39 -0.45 9.51 6.15
C GLN A 39 -1.30 10.58 5.45
N LYS A 40 -0.63 11.52 4.80
CA LYS A 40 -1.32 12.61 4.11
C LYS A 40 -2.63 12.11 3.49
N TYR A 41 -2.59 10.91 2.93
CA TYR A 41 -3.78 10.32 2.31
C TYR A 41 -4.64 9.60 3.35
N GLY A 42 -4.08 8.53 3.92
CA GLY A 42 -4.81 7.77 4.93
C GLY A 42 -4.01 7.60 6.20
N GLU A 43 -4.72 7.49 7.33
CA GLU A 43 -4.09 7.33 8.62
C GLU A 43 -3.57 5.90 8.80
N VAL A 44 -2.32 5.67 8.42
CA VAL A 44 -1.71 4.35 8.53
C VAL A 44 -1.96 3.75 9.92
N LEU A 45 -2.75 2.67 9.95
CA LEU A 45 -3.07 1.99 11.20
C LEU A 45 -1.98 1.00 11.57
N ASN A 46 -1.55 0.20 10.60
CA ASN A 46 -0.52 -0.80 10.83
C ASN A 46 0.41 -0.91 9.61
N LEU A 47 1.68 -0.61 9.83
CA LEU A 47 2.67 -0.68 8.75
C LEU A 47 3.70 -1.76 9.03
N VAL A 48 3.58 -2.88 8.34
CA VAL A 48 4.51 -3.99 8.50
C VAL A 48 5.56 -4.02 7.39
N LEU A 49 6.72 -4.59 7.68
CA LEU A 49 7.79 -4.69 6.69
C LEU A 49 8.39 -6.09 6.67
N SER A 50 8.76 -6.55 5.49
CA SER A 50 9.35 -7.88 5.34
C SER A 50 10.79 -7.90 5.84
N SER A 51 11.00 -8.55 6.98
CA SER A 51 12.33 -8.64 7.58
C SER A 51 13.19 -9.64 6.82
N LYS A 52 12.83 -10.91 6.90
CA LYS A 52 13.56 -11.97 6.22
C LYS A 52 13.94 -11.55 4.80
N LYS A 53 12.99 -10.93 4.11
CA LYS A 53 13.22 -10.47 2.74
C LYS A 53 13.04 -8.96 2.63
N PRO A 54 14.16 -8.23 2.77
CA PRO A 54 14.15 -6.77 2.69
C PRO A 54 13.86 -6.26 1.28
N GLY A 55 12.83 -5.44 1.14
CA GLY A 55 12.46 -4.91 -0.16
C GLY A 55 10.98 -4.72 -0.32
N THR A 56 10.20 -5.60 0.30
CA THR A 56 8.74 -5.53 0.22
C THR A 56 8.13 -5.20 1.58
N ALA A 57 6.87 -4.79 1.57
CA ALA A 57 6.17 -4.44 2.80
C ALA A 57 4.66 -4.39 2.58
N VAL A 58 3.91 -4.26 3.67
CA VAL A 58 2.46 -4.20 3.59
C VAL A 58 1.90 -3.20 4.60
N VAL A 59 1.20 -2.19 4.10
CA VAL A 59 0.59 -1.17 4.96
C VAL A 59 -0.89 -1.42 5.17
N GLU A 60 -1.41 -0.94 6.28
CA GLU A 60 -2.84 -1.11 6.60
C GLU A 60 -3.51 0.24 6.81
N PHE A 61 -4.46 0.56 5.95
CA PHE A 61 -5.20 1.82 6.05
C PHE A 61 -6.42 1.68 6.93
N ALA A 62 -7.07 2.80 7.23
CA ALA A 62 -8.25 2.79 8.08
C ALA A 62 -9.52 2.80 7.23
N THR A 63 -9.36 3.02 5.93
CA THR A 63 -10.49 3.05 5.02
C THR A 63 -10.06 2.74 3.59
N VAL A 64 -11.02 2.72 2.67
CA VAL A 64 -10.74 2.42 1.28
C VAL A 64 -10.34 3.69 0.52
N LYS A 65 -11.24 4.67 0.51
CA LYS A 65 -10.98 5.93 -0.18
C LYS A 65 -9.51 6.33 -0.06
N ALA A 66 -9.07 6.61 1.16
CA ALA A 66 -7.69 6.99 1.39
C ALA A 66 -6.72 6.05 0.68
N ALA A 67 -6.94 4.75 0.82
CA ALA A 67 -6.10 3.76 0.19
C ALA A 67 -6.08 3.93 -1.32
N GLU A 68 -7.27 3.85 -1.94
CA GLU A 68 -7.38 4.00 -3.38
C GLU A 68 -6.61 5.21 -3.87
N LEU A 69 -6.64 6.29 -3.08
CA LEU A 69 -5.93 7.52 -3.43
C LEU A 69 -4.42 7.34 -3.30
N ALA A 70 -3.99 6.97 -2.11
CA ALA A 70 -2.56 6.76 -1.85
C ALA A 70 -1.93 5.89 -2.94
N VAL A 71 -2.57 4.76 -3.22
CA VAL A 71 -2.07 3.83 -4.23
C VAL A 71 -1.96 4.52 -5.59
N GLN A 72 -2.78 5.56 -5.80
CA GLN A 72 -2.78 6.30 -7.05
C GLN A 72 -2.02 7.61 -6.91
N ASN A 73 -2.61 8.56 -6.21
CA ASN A 73 -1.99 9.87 -6.00
C ASN A 73 -0.50 9.72 -5.75
N GLU A 74 -0.14 9.08 -4.65
CA GLU A 74 1.26 8.86 -4.30
C GLU A 74 1.94 7.93 -5.30
N VAL A 75 3.22 8.17 -5.56
CA VAL A 75 3.98 7.36 -6.49
C VAL A 75 5.24 6.80 -5.83
N GLY A 76 5.91 7.64 -5.04
CA GLY A 76 7.12 7.20 -4.37
C GLY A 76 8.27 8.16 -4.57
N LEU A 77 9.35 7.68 -5.18
CA LEU A 77 10.52 8.51 -5.42
C LEU A 77 10.84 8.56 -6.92
N VAL A 78 11.01 9.77 -7.43
CA VAL A 78 11.32 9.96 -8.85
C VAL A 78 12.24 8.87 -9.36
N ASP A 79 13.45 8.80 -8.79
CA ASP A 79 14.42 7.80 -9.20
C ASP A 79 13.84 6.39 -9.09
N ASN A 80 13.14 6.13 -7.99
CA ASN A 80 12.52 4.83 -7.77
C ASN A 80 11.05 4.97 -7.39
N PRO A 81 10.17 4.92 -8.40
CA PRO A 81 8.72 5.04 -8.20
C PRO A 81 8.14 3.83 -7.48
N LEU A 82 7.95 3.95 -6.17
CA LEU A 82 7.39 2.87 -5.36
C LEU A 82 6.29 2.13 -6.13
N LYS A 83 6.17 0.84 -5.88
CA LYS A 83 5.16 0.02 -6.54
C LYS A 83 4.06 -0.38 -5.56
N ILE A 84 2.98 0.39 -5.55
CA ILE A 84 1.86 0.12 -4.67
C ILE A 84 0.83 -0.79 -5.35
N SER A 85 0.79 -2.05 -4.92
CA SER A 85 -0.15 -3.01 -5.49
C SER A 85 -1.12 -3.51 -4.43
N TRP A 86 -2.37 -3.74 -4.84
CA TRP A 86 -3.39 -4.23 -3.92
C TRP A 86 -3.18 -5.70 -3.60
N LEU A 87 -2.71 -5.96 -2.37
CA LEU A 87 -2.47 -7.33 -1.94
C LEU A 87 -3.77 -8.11 -1.83
N GLU A 88 -4.81 -7.46 -1.34
CA GLU A 88 -6.12 -8.09 -1.19
C GLU A 88 -7.17 -7.07 -0.76
N GLY A 89 -8.44 -7.38 -1.05
CA GLY A 89 -9.53 -6.48 -0.70
C GLY A 89 -9.73 -5.38 -1.72
N GLN A 90 -9.66 -5.75 -2.99
CA GLN A 90 -9.84 -4.79 -4.08
C GLN A 90 -11.19 -4.09 -3.96
N PRO A 91 -11.17 -2.74 -4.04
CA PRO A 91 -12.39 -1.93 -3.93
C PRO A 91 -13.29 -2.09 -5.15
N GLN A 92 -12.89 -2.95 -6.08
CA GLN A 92 -13.67 -3.19 -7.29
C GLN A 92 -14.86 -4.09 -7.00
N ASP A 93 -15.73 -3.64 -6.09
CA ASP A 93 -16.91 -4.41 -5.72
C ASP A 93 -17.95 -3.51 -5.05
N ALA A 94 -19.22 -3.79 -5.31
CA ALA A 94 -20.31 -3.01 -4.73
C ALA A 94 -21.15 -3.87 -3.77
N SER A 95 -21.22 -3.44 -2.52
CA SER A 95 -21.99 -4.18 -1.51
C SER A 95 -23.42 -3.65 -1.44
N GLY A 96 -23.56 -2.34 -1.38
CA GLY A 96 -24.88 -1.74 -1.31
C GLY A 96 -24.91 -0.50 -0.44
N PRO A 97 -26.13 0.00 -0.16
CA PRO A 97 -26.32 1.19 0.67
C PRO A 97 -25.97 0.95 2.14
N SER A 98 -24.73 1.24 2.51
CA SER A 98 -24.28 1.05 3.88
C SER A 98 -24.26 2.38 4.65
N SER A 99 -23.76 3.43 3.99
CA SER A 99 -23.69 4.74 4.61
C SER A 99 -24.59 5.73 3.87
N GLY A 100 -24.98 6.80 4.57
CA GLY A 100 -25.83 7.81 3.97
C GLY A 100 -26.96 8.23 4.89
N GLY A 1 -23.82 2.22 0.76
CA GLY A 1 -23.26 1.64 -0.45
C GLY A 1 -21.87 1.08 -0.23
N SER A 2 -21.74 0.18 0.74
CA SER A 2 -20.46 -0.43 1.05
C SER A 2 -20.26 -1.72 0.27
N SER A 3 -19.02 -2.05 -0.04
CA SER A 3 -18.70 -3.26 -0.80
C SER A 3 -17.90 -4.23 0.07
N GLY A 4 -18.18 -5.52 -0.10
CA GLY A 4 -17.48 -6.54 0.66
C GLY A 4 -18.23 -7.86 0.70
N SER A 5 -17.61 -8.86 1.28
CA SER A 5 -18.23 -10.19 1.38
C SER A 5 -18.60 -10.50 2.83
N SER A 6 -17.60 -10.61 3.69
CA SER A 6 -17.83 -10.91 5.10
C SER A 6 -16.55 -10.71 5.91
N GLY A 7 -16.69 -10.62 7.23
CA GLY A 7 -15.55 -10.42 8.09
C GLY A 7 -14.94 -9.04 7.95
N GLN A 8 -15.65 -8.03 8.45
CA GLN A 8 -15.17 -6.66 8.38
C GLN A 8 -13.65 -6.60 8.52
N GLY A 9 -12.99 -6.08 7.49
CA GLY A 9 -11.54 -5.99 7.52
C GLY A 9 -11.04 -4.65 6.99
N THR A 10 -9.72 -4.51 6.91
CA THR A 10 -9.12 -3.28 6.41
C THR A 10 -8.37 -3.52 5.10
N PRO A 11 -8.43 -2.53 4.20
CA PRO A 11 -7.76 -2.61 2.90
C PRO A 11 -6.24 -2.54 3.02
N LYS A 12 -5.61 -3.67 3.34
CA LYS A 12 -4.17 -3.73 3.49
C LYS A 12 -3.48 -3.68 2.13
N LEU A 13 -2.64 -2.68 1.93
CA LEU A 13 -1.91 -2.51 0.67
C LEU A 13 -0.50 -3.08 0.78
N LYS A 14 0.10 -3.39 -0.36
CA LYS A 14 1.45 -3.94 -0.39
C LYS A 14 2.41 -2.94 -1.03
N LEU A 15 3.50 -2.64 -0.32
CA LEU A 15 4.50 -1.70 -0.82
C LEU A 15 5.73 -2.44 -1.32
N LYS A 16 6.01 -2.30 -2.61
CA LYS A 16 7.16 -2.95 -3.22
C LYS A 16 8.15 -1.92 -3.76
N TRP A 17 9.44 -2.24 -3.68
CA TRP A 17 10.48 -1.35 -4.16
C TRP A 17 11.80 -2.09 -4.36
N LYS A 18 12.57 -1.68 -5.36
CA LYS A 18 13.85 -2.31 -5.64
C LYS A 18 14.80 -2.20 -4.46
N CYS A 19 15.72 -3.15 -4.34
CA CYS A 19 16.68 -3.17 -3.26
C CYS A 19 18.03 -3.71 -3.72
N LYS A 20 19.10 -3.03 -3.33
CA LYS A 20 20.45 -3.44 -3.71
C LYS A 20 20.76 -4.83 -3.16
N LYS A 21 21.69 -5.53 -3.82
CA LYS A 21 22.08 -6.87 -3.39
C LYS A 21 23.37 -6.82 -2.58
N GLU A 22 24.31 -5.99 -3.02
CA GLU A 22 25.59 -5.86 -2.34
C GLU A 22 25.41 -5.23 -0.96
N ASP A 23 24.36 -4.42 -0.82
CA ASP A 23 24.07 -3.76 0.45
C ASP A 23 23.00 -4.52 1.23
N GLU A 24 23.13 -4.50 2.56
CA GLU A 24 22.17 -5.19 3.42
C GLU A 24 21.00 -4.29 3.76
N SER A 25 21.13 -3.00 3.46
CA SER A 25 20.08 -2.04 3.74
C SER A 25 18.91 -2.21 2.79
N LYS A 26 17.76 -1.66 3.16
CA LYS A 26 16.55 -1.75 2.34
C LYS A 26 16.70 -0.93 1.06
N GLY A 27 17.16 0.32 1.20
CA GLY A 27 17.34 1.18 0.06
C GLY A 27 17.06 2.64 0.38
N GLY A 28 16.07 3.21 -0.31
CA GLY A 28 15.73 4.61 -0.08
C GLY A 28 14.32 4.77 0.49
N TYR A 29 14.04 4.08 1.58
CA TYR A 29 12.73 4.14 2.21
C TYR A 29 12.79 3.62 3.65
N SER A 30 12.41 4.46 4.60
CA SER A 30 12.42 4.10 6.01
C SER A 30 11.00 4.02 6.56
N LYS A 31 10.77 3.09 7.47
CA LYS A 31 9.46 2.91 8.09
C LYS A 31 8.76 4.25 8.24
N ASP A 32 9.51 5.27 8.65
CA ASP A 32 8.96 6.60 8.85
C ASP A 32 8.57 7.23 7.50
N VAL A 33 9.58 7.44 6.66
CA VAL A 33 9.35 8.03 5.34
C VAL A 33 8.04 7.54 4.73
N LEU A 34 7.91 6.22 4.62
CA LEU A 34 6.71 5.61 4.05
C LEU A 34 5.48 6.01 4.85
N LEU A 35 5.51 5.75 6.16
CA LEU A 35 4.39 6.08 7.03
C LEU A 35 3.86 7.47 6.73
N ARG A 36 4.77 8.39 6.40
CA ARG A 36 4.40 9.76 6.09
C ARG A 36 3.67 9.84 4.75
N LEU A 37 4.37 9.45 3.68
CA LEU A 37 3.80 9.48 2.34
C LEU A 37 2.34 9.06 2.36
N LEU A 38 2.02 8.07 3.19
CA LEU A 38 0.66 7.57 3.30
C LEU A 38 -0.13 8.38 4.32
N GLN A 39 0.42 8.51 5.52
CA GLN A 39 -0.23 9.27 6.58
C GLN A 39 -0.97 10.47 6.02
N LYS A 40 -0.40 11.09 4.98
CA LYS A 40 -1.01 12.25 4.35
C LYS A 40 -2.39 11.91 3.81
N TYR A 41 -2.46 10.90 2.95
CA TYR A 41 -3.72 10.47 2.36
C TYR A 41 -4.64 9.85 3.42
N GLY A 42 -4.24 8.68 3.91
CA GLY A 42 -5.02 7.99 4.92
C GLY A 42 -4.28 7.86 6.24
N GLU A 43 -5.01 7.49 7.29
CA GLU A 43 -4.42 7.33 8.61
C GLU A 43 -3.84 5.92 8.77
N VAL A 44 -2.59 5.76 8.33
CA VAL A 44 -1.92 4.47 8.44
C VAL A 44 -2.09 3.86 9.82
N LEU A 45 -2.80 2.73 9.87
CA LEU A 45 -3.04 2.04 11.14
C LEU A 45 -1.87 1.13 11.50
N ASN A 46 -1.51 0.25 10.57
CA ASN A 46 -0.41 -0.68 10.79
C ASN A 46 0.49 -0.76 9.56
N LEU A 47 1.76 -0.46 9.74
CA LEU A 47 2.73 -0.50 8.64
C LEU A 47 3.81 -1.54 8.90
N VAL A 48 3.63 -2.73 8.33
CA VAL A 48 4.60 -3.81 8.49
C VAL A 48 5.50 -3.94 7.27
N LEU A 49 6.76 -4.29 7.50
CA LEU A 49 7.71 -4.46 6.42
C LEU A 49 8.22 -5.89 6.35
N SER A 50 8.69 -6.30 5.17
CA SER A 50 9.20 -7.65 4.97
C SER A 50 10.56 -7.81 5.63
N SER A 51 10.72 -8.88 6.40
CA SER A 51 11.98 -9.15 7.10
C SER A 51 12.85 -10.10 6.28
N LYS A 52 12.33 -11.31 6.04
CA LYS A 52 13.06 -12.32 5.28
C LYS A 52 13.57 -11.74 3.97
N LYS A 53 12.65 -11.37 3.09
CA LYS A 53 13.01 -10.80 1.80
C LYS A 53 12.92 -9.27 1.83
N PRO A 54 14.08 -8.61 1.96
CA PRO A 54 14.15 -7.15 2.00
C PRO A 54 13.82 -6.51 0.66
N GLY A 55 13.10 -5.39 0.69
CA GLY A 55 12.74 -4.71 -0.53
C GLY A 55 11.24 -4.58 -0.69
N THR A 56 10.49 -5.32 0.11
CA THR A 56 9.03 -5.28 0.05
C THR A 56 8.43 -4.96 1.42
N ALA A 57 7.12 -4.76 1.45
CA ALA A 57 6.43 -4.45 2.70
C ALA A 57 4.92 -4.41 2.47
N VAL A 58 4.18 -4.11 3.55
CA VAL A 58 2.73 -4.03 3.48
C VAL A 58 2.18 -3.06 4.52
N VAL A 59 1.25 -2.22 4.09
CA VAL A 59 0.64 -1.23 4.98
C VAL A 59 -0.83 -1.55 5.24
N GLU A 60 -1.39 -0.94 6.27
CA GLU A 60 -2.79 -1.16 6.61
C GLU A 60 -3.52 0.16 6.79
N PHE A 61 -4.47 0.44 5.89
CA PHE A 61 -5.24 1.67 5.95
C PHE A 61 -6.50 1.48 6.79
N ALA A 62 -7.17 2.59 7.09
CA ALA A 62 -8.39 2.56 7.88
C ALA A 62 -9.63 2.63 6.99
N THR A 63 -9.45 3.13 5.76
CA THR A 63 -10.55 3.25 4.82
C THR A 63 -10.09 2.89 3.41
N VAL A 64 -11.06 2.58 2.54
CA VAL A 64 -10.76 2.22 1.16
C VAL A 64 -10.41 3.46 0.34
N LYS A 65 -11.22 4.49 0.45
CA LYS A 65 -10.99 5.73 -0.30
C LYS A 65 -9.52 6.13 -0.24
N ALA A 66 -9.03 6.44 0.94
CA ALA A 66 -7.64 6.83 1.13
C ALA A 66 -6.71 5.91 0.35
N ALA A 67 -6.77 4.61 0.63
CA ALA A 67 -5.93 3.64 -0.04
C ALA A 67 -5.87 3.90 -1.55
N GLU A 68 -7.05 3.99 -2.17
CA GLU A 68 -7.14 4.23 -3.61
C GLU A 68 -6.27 5.43 -4.00
N LEU A 69 -6.45 6.54 -3.31
CA LEU A 69 -5.69 7.76 -3.57
C LEU A 69 -4.20 7.51 -3.36
N ALA A 70 -3.86 6.84 -2.26
CA ALA A 70 -2.47 6.55 -1.95
C ALA A 70 -1.85 5.65 -3.01
N VAL A 71 -2.68 4.86 -3.68
CA VAL A 71 -2.20 3.95 -4.71
C VAL A 71 -2.12 4.65 -6.06
N GLN A 72 -2.88 5.74 -6.20
CA GLN A 72 -2.89 6.49 -7.45
C GLN A 72 -1.98 7.71 -7.35
N ASN A 73 -2.39 8.69 -6.54
CA ASN A 73 -1.61 9.91 -6.37
C ASN A 73 -0.18 9.58 -5.94
N GLU A 74 -0.01 9.16 -4.69
CA GLU A 74 1.30 8.81 -4.17
C GLU A 74 1.93 7.67 -4.97
N VAL A 75 3.07 7.95 -5.58
CA VAL A 75 3.78 6.95 -6.38
C VAL A 75 5.08 6.53 -5.72
N GLY A 76 5.72 7.48 -5.02
CA GLY A 76 6.98 7.19 -4.36
C GLY A 76 8.05 8.22 -4.67
N LEU A 77 9.18 7.75 -5.18
CA LEU A 77 10.28 8.63 -5.53
C LEU A 77 10.59 8.56 -7.02
N VAL A 78 10.74 9.73 -7.65
CA VAL A 78 11.04 9.80 -9.07
C VAL A 78 12.00 8.68 -9.48
N ASP A 79 13.20 8.70 -8.90
CA ASP A 79 14.20 7.69 -9.21
C ASP A 79 13.63 6.28 -9.02
N ASN A 80 12.92 6.08 -7.92
CA ASN A 80 12.33 4.78 -7.63
C ASN A 80 10.86 4.92 -7.25
N PRO A 81 9.99 4.83 -8.26
CA PRO A 81 8.53 4.95 -8.06
C PRO A 81 7.95 3.76 -7.33
N LEU A 82 7.87 3.87 -6.00
CA LEU A 82 7.32 2.80 -5.18
C LEU A 82 6.18 2.09 -5.89
N LYS A 83 5.97 0.81 -5.55
CA LYS A 83 4.91 0.03 -6.15
C LYS A 83 3.85 -0.35 -5.11
N ILE A 84 2.70 0.31 -5.18
CA ILE A 84 1.61 0.05 -4.26
C ILE A 84 0.55 -0.83 -4.90
N SER A 85 0.69 -2.14 -4.71
CA SER A 85 -0.27 -3.10 -5.28
C SER A 85 -1.31 -3.48 -4.23
N TRP A 86 -2.48 -3.92 -4.72
CA TRP A 86 -3.56 -4.33 -3.82
C TRP A 86 -3.46 -5.81 -3.50
N LEU A 87 -3.10 -6.12 -2.25
CA LEU A 87 -2.98 -7.50 -1.81
C LEU A 87 -4.32 -8.21 -1.83
N GLU A 88 -5.36 -7.50 -1.39
CA GLU A 88 -6.70 -8.06 -1.36
C GLU A 88 -7.72 -7.00 -0.95
N GLY A 89 -9.01 -7.35 -1.06
CA GLY A 89 -10.06 -6.42 -0.70
C GLY A 89 -10.18 -5.27 -1.69
N GLN A 90 -10.02 -5.57 -2.97
CA GLN A 90 -10.11 -4.56 -4.02
C GLN A 90 -11.50 -3.94 -4.05
N PRO A 91 -11.55 -2.61 -4.22
CA PRO A 91 -12.81 -1.86 -4.28
C PRO A 91 -13.61 -2.15 -5.54
N GLN A 92 -14.74 -2.84 -5.39
CA GLN A 92 -15.58 -3.19 -6.52
C GLN A 92 -16.62 -2.10 -6.77
N ASP A 93 -16.29 -1.16 -7.66
CA ASP A 93 -17.18 -0.07 -7.99
C ASP A 93 -18.60 -0.59 -8.28
N ALA A 94 -19.52 -0.31 -7.36
CA ALA A 94 -20.90 -0.75 -7.51
C ALA A 94 -21.86 0.21 -6.80
N SER A 95 -22.77 0.80 -7.57
CA SER A 95 -23.74 1.74 -7.02
C SER A 95 -24.90 0.99 -6.36
N GLY A 96 -24.71 0.63 -5.10
CA GLY A 96 -25.74 -0.08 -4.37
C GLY A 96 -26.99 0.76 -4.16
N PRO A 97 -27.06 1.45 -3.01
CA PRO A 97 -28.20 2.30 -2.67
C PRO A 97 -28.27 3.56 -3.54
N SER A 98 -27.19 3.81 -4.28
CA SER A 98 -27.13 4.98 -5.15
C SER A 98 -28.01 4.78 -6.38
N SER A 99 -29.30 5.09 -6.23
CA SER A 99 -30.24 4.95 -7.34
C SER A 99 -29.65 5.48 -8.64
N GLY A 100 -29.33 4.57 -9.55
CA GLY A 100 -28.76 4.95 -10.82
C GLY A 100 -29.77 4.91 -11.95
N GLY A 1 -10.02 -25.19 -8.53
CA GLY A 1 -9.51 -24.23 -9.50
C GLY A 1 -9.38 -22.84 -8.92
N SER A 2 -10.36 -22.44 -8.09
CA SER A 2 -10.35 -21.13 -7.47
C SER A 2 -11.36 -21.06 -6.33
N SER A 3 -10.90 -20.62 -5.17
CA SER A 3 -11.75 -20.52 -3.99
C SER A 3 -12.61 -19.25 -4.06
N GLY A 4 -11.96 -18.11 -4.30
CA GLY A 4 -12.66 -16.85 -4.39
C GLY A 4 -11.98 -15.75 -3.59
N SER A 5 -11.92 -14.56 -4.18
CA SER A 5 -11.29 -13.42 -3.53
C SER A 5 -12.28 -12.69 -2.63
N SER A 6 -12.14 -12.88 -1.33
CA SER A 6 -13.01 -12.24 -0.35
C SER A 6 -12.42 -10.93 0.14
N GLY A 7 -13.28 -9.99 0.51
CA GLY A 7 -12.83 -8.70 0.98
C GLY A 7 -13.51 -8.30 2.28
N GLN A 8 -12.85 -8.54 3.41
CA GLN A 8 -13.40 -8.20 4.71
C GLN A 8 -12.32 -7.63 5.63
N GLY A 9 -12.55 -6.41 6.12
CA GLY A 9 -11.59 -5.79 7.00
C GLY A 9 -11.02 -4.50 6.43
N THR A 10 -9.84 -4.11 6.89
CA THR A 10 -9.20 -2.89 6.41
C THR A 10 -8.51 -3.12 5.07
N PRO A 11 -8.56 -2.10 4.20
CA PRO A 11 -7.95 -2.16 2.87
C PRO A 11 -6.42 -2.17 2.94
N LYS A 12 -5.85 -3.34 3.20
CA LYS A 12 -4.40 -3.48 3.30
C LYS A 12 -3.76 -3.38 1.91
N LEU A 13 -2.53 -2.91 1.87
CA LEU A 13 -1.80 -2.77 0.61
C LEU A 13 -0.39 -3.32 0.73
N LYS A 14 0.18 -3.75 -0.40
CA LYS A 14 1.52 -4.30 -0.42
C LYS A 14 2.49 -3.33 -1.09
N LEU A 15 3.41 -2.78 -0.30
CA LEU A 15 4.39 -1.83 -0.82
C LEU A 15 5.64 -2.57 -1.33
N LYS A 16 5.87 -2.49 -2.63
CA LYS A 16 7.01 -3.16 -3.24
C LYS A 16 7.94 -2.13 -3.90
N TRP A 17 9.24 -2.41 -3.85
CA TRP A 17 10.23 -1.51 -4.44
C TRP A 17 11.54 -2.24 -4.71
N LYS A 18 12.50 -1.53 -5.28
CA LYS A 18 13.80 -2.12 -5.60
C LYS A 18 14.89 -1.55 -4.70
N CYS A 19 15.35 -2.37 -3.75
CA CYS A 19 16.39 -1.93 -2.82
C CYS A 19 17.65 -1.53 -3.57
N LYS A 20 18.08 -0.29 -3.38
CA LYS A 20 19.28 0.22 -4.03
C LYS A 20 20.52 -0.57 -3.61
N LYS A 21 21.60 -0.42 -4.37
CA LYS A 21 22.84 -1.12 -4.06
C LYS A 21 23.23 -0.92 -2.60
N GLU A 22 24.03 -1.85 -2.08
CA GLU A 22 24.47 -1.78 -0.68
C GLU A 22 24.94 -0.37 -0.33
N ASP A 23 24.05 0.40 0.28
CA ASP A 23 24.37 1.77 0.67
C ASP A 23 23.92 2.05 2.10
N GLU A 24 24.38 3.16 2.66
CA GLU A 24 24.03 3.53 4.02
C GLU A 24 22.58 3.15 4.33
N SER A 25 21.65 3.72 3.56
CA SER A 25 20.23 3.45 3.75
C SER A 25 19.85 2.12 3.12
N LYS A 26 18.59 1.72 3.31
CA LYS A 26 18.10 0.46 2.75
C LYS A 26 17.75 0.62 1.28
N GLY A 27 16.74 1.46 1.00
CA GLY A 27 16.33 1.67 -0.38
C GLY A 27 15.59 2.99 -0.55
N GLY A 28 16.09 4.04 0.08
CA GLY A 28 15.47 5.34 -0.01
C GLY A 28 14.07 5.36 0.58
N TYR A 29 13.73 4.30 1.31
CA TYR A 29 12.42 4.20 1.93
C TYR A 29 12.52 3.54 3.31
N SER A 30 11.92 4.19 4.31
CA SER A 30 11.94 3.67 5.67
C SER A 30 10.54 3.70 6.29
N LYS A 31 10.36 2.94 7.36
CA LYS A 31 9.07 2.87 8.05
C LYS A 31 8.45 4.26 8.17
N ASP A 32 9.17 5.18 8.79
CA ASP A 32 8.69 6.55 8.97
C ASP A 32 8.32 7.17 7.63
N VAL A 33 9.33 7.41 6.81
CA VAL A 33 9.12 8.01 5.49
C VAL A 33 7.82 7.51 4.86
N LEU A 34 7.80 6.23 4.52
CA LEU A 34 6.61 5.62 3.91
C LEU A 34 5.35 6.00 4.67
N LEU A 35 5.37 5.78 5.98
CA LEU A 35 4.23 6.10 6.83
C LEU A 35 3.73 7.51 6.55
N ARG A 36 4.65 8.40 6.16
CA ARG A 36 4.29 9.78 5.87
C ARG A 36 3.64 9.89 4.49
N LEU A 37 4.28 9.31 3.48
CA LEU A 37 3.74 9.35 2.12
C LEU A 37 2.29 8.88 2.10
N LEU A 38 1.95 7.98 3.01
CA LEU A 38 0.58 7.46 3.08
C LEU A 38 -0.26 8.27 4.06
N GLN A 39 0.30 8.54 5.24
CA GLN A 39 -0.39 9.30 6.26
C GLN A 39 -1.06 10.52 5.66
N LYS A 40 -0.35 11.21 4.77
CA LYS A 40 -0.88 12.41 4.12
C LYS A 40 -2.25 12.13 3.50
N TYR A 41 -2.41 10.91 2.97
CA TYR A 41 -3.66 10.52 2.34
C TYR A 41 -4.61 9.89 3.36
N GLY A 42 -4.21 8.76 3.92
CA GLY A 42 -5.03 8.09 4.91
C GLY A 42 -4.28 7.79 6.19
N GLU A 43 -5.02 7.67 7.29
CA GLU A 43 -4.42 7.38 8.58
C GLU A 43 -3.99 5.92 8.68
N VAL A 44 -2.74 5.66 8.31
CA VAL A 44 -2.21 4.30 8.36
C VAL A 44 -2.26 3.73 9.77
N LEU A 45 -2.98 2.64 9.94
CA LEU A 45 -3.12 2.00 11.24
C LEU A 45 -1.87 1.18 11.58
N ASN A 46 -1.52 0.25 10.70
CA ASN A 46 -0.35 -0.59 10.91
C ASN A 46 0.54 -0.60 9.67
N LEU A 47 1.85 -0.68 9.88
CA LEU A 47 2.80 -0.68 8.79
C LEU A 47 3.82 -1.81 8.96
N VAL A 48 3.63 -2.89 8.22
CA VAL A 48 4.53 -4.03 8.28
C VAL A 48 5.57 -3.98 7.16
N LEU A 49 6.78 -4.45 7.46
CA LEU A 49 7.86 -4.46 6.48
C LEU A 49 8.49 -5.85 6.39
N SER A 50 8.82 -6.27 5.16
CA SER A 50 9.44 -7.56 4.94
C SER A 50 10.44 -7.89 6.05
N SER A 51 10.53 -9.17 6.40
CA SER A 51 11.45 -9.62 7.45
C SER A 51 12.42 -10.65 6.91
N LYS A 52 12.08 -11.22 5.75
CA LYS A 52 12.94 -12.24 5.12
C LYS A 52 13.86 -11.60 4.08
N LYS A 53 13.28 -10.77 3.22
CA LYS A 53 14.04 -10.10 2.18
C LYS A 53 13.70 -8.62 2.11
N PRO A 54 14.72 -7.76 2.25
CA PRO A 54 14.54 -6.31 2.21
C PRO A 54 14.19 -5.80 0.82
N GLY A 55 13.04 -5.13 0.71
CA GLY A 55 12.61 -4.61 -0.57
C GLY A 55 11.10 -4.56 -0.68
N THR A 56 10.41 -5.37 0.11
CA THR A 56 8.95 -5.41 0.09
C THR A 56 8.37 -5.06 1.45
N ALA A 57 7.06 -4.82 1.49
CA ALA A 57 6.39 -4.48 2.74
C ALA A 57 4.88 -4.43 2.55
N VAL A 58 4.15 -4.31 3.65
CA VAL A 58 2.69 -4.25 3.60
C VAL A 58 2.14 -3.28 4.64
N VAL A 59 1.29 -2.35 4.20
CA VAL A 59 0.70 -1.37 5.08
C VAL A 59 -0.78 -1.65 5.30
N GLU A 60 -1.37 -0.98 6.29
CA GLU A 60 -2.78 -1.15 6.59
C GLU A 60 -3.47 0.20 6.79
N PHE A 61 -4.31 0.57 5.84
CA PHE A 61 -5.03 1.84 5.90
C PHE A 61 -6.25 1.73 6.80
N ALA A 62 -6.92 2.86 7.04
CA ALA A 62 -8.10 2.89 7.88
C ALA A 62 -9.36 3.13 7.05
N THR A 63 -9.18 3.35 5.75
CA THR A 63 -10.29 3.61 4.85
C THR A 63 -9.95 3.20 3.42
N VAL A 64 -10.97 2.91 2.63
CA VAL A 64 -10.78 2.52 1.24
C VAL A 64 -10.39 3.72 0.38
N LYS A 65 -11.14 4.81 0.52
CA LYS A 65 -10.87 6.02 -0.24
C LYS A 65 -9.38 6.40 -0.17
N ALA A 66 -8.92 6.70 1.03
CA ALA A 66 -7.52 7.07 1.24
C ALA A 66 -6.58 6.07 0.57
N ALA A 67 -6.82 4.79 0.81
CA ALA A 67 -6.00 3.73 0.23
C ALA A 67 -5.91 3.88 -1.29
N GLU A 68 -7.06 4.04 -1.93
CA GLU A 68 -7.11 4.19 -3.38
C GLU A 68 -6.33 5.42 -3.83
N LEU A 69 -6.46 6.50 -3.07
CA LEU A 69 -5.76 7.75 -3.39
C LEU A 69 -4.26 7.60 -3.17
N ALA A 70 -3.89 6.70 -2.26
CA ALA A 70 -2.48 6.46 -1.97
C ALA A 70 -1.81 5.62 -3.05
N VAL A 71 -2.54 4.60 -3.52
CA VAL A 71 -2.04 3.72 -4.55
C VAL A 71 -1.93 4.44 -5.89
N GLN A 72 -2.75 5.47 -6.05
CA GLN A 72 -2.76 6.25 -7.29
C GLN A 72 -1.77 7.42 -7.22
N ASN A 73 -2.14 8.45 -6.47
CA ASN A 73 -1.29 9.62 -6.32
C ASN A 73 0.10 9.22 -5.84
N GLU A 74 0.21 8.88 -4.56
CA GLU A 74 1.49 8.48 -3.99
C GLU A 74 2.13 7.37 -4.80
N VAL A 75 3.29 7.64 -5.38
CA VAL A 75 4.00 6.66 -6.19
C VAL A 75 5.43 6.49 -5.69
N GLY A 76 5.76 7.14 -4.58
CA GLY A 76 7.09 7.04 -4.02
C GLY A 76 7.96 8.22 -4.37
N LEU A 77 8.96 8.00 -5.20
CA LEU A 77 9.87 9.07 -5.61
C LEU A 77 10.26 8.92 -7.08
N VAL A 78 10.31 10.04 -7.79
CA VAL A 78 10.67 10.04 -9.20
C VAL A 78 11.77 9.03 -9.49
N ASP A 79 12.92 9.21 -8.83
CA ASP A 79 14.05 8.31 -9.01
C ASP A 79 13.63 6.86 -8.80
N ASN A 80 12.88 6.63 -7.72
CA ASN A 80 12.42 5.28 -7.39
C ASN A 80 10.91 5.27 -7.17
N PRO A 81 10.14 5.10 -8.25
CA PRO A 81 8.68 5.06 -8.19
C PRO A 81 8.15 3.80 -7.51
N LEU A 82 7.85 3.92 -6.23
CA LEU A 82 7.33 2.78 -5.46
C LEU A 82 6.32 2.00 -6.27
N LYS A 83 6.03 0.77 -5.83
CA LYS A 83 5.06 -0.07 -6.51
C LYS A 83 3.97 -0.55 -5.55
N ILE A 84 2.97 0.29 -5.34
CA ILE A 84 1.86 -0.04 -4.45
C ILE A 84 0.82 -0.89 -5.16
N SER A 85 0.65 -2.12 -4.69
CA SER A 85 -0.31 -3.04 -5.29
C SER A 85 -1.15 -3.73 -4.21
N TRP A 86 -2.45 -3.81 -4.44
CA TRP A 86 -3.36 -4.44 -3.48
C TRP A 86 -2.96 -5.89 -3.24
N LEU A 87 -3.42 -6.44 -2.12
CA LEU A 87 -3.12 -7.83 -1.76
C LEU A 87 -4.40 -8.63 -1.58
N GLU A 88 -5.07 -8.42 -0.45
CA GLU A 88 -6.31 -9.12 -0.16
C GLU A 88 -7.43 -8.14 0.16
N GLY A 89 -7.07 -6.87 0.36
CA GLY A 89 -8.06 -5.86 0.68
C GLY A 89 -8.53 -5.11 -0.56
N GLN A 90 -9.02 -5.85 -1.54
CA GLN A 90 -9.50 -5.25 -2.78
C GLN A 90 -10.91 -4.70 -2.61
N PRO A 91 -11.11 -3.43 -2.99
CA PRO A 91 -12.41 -2.75 -2.88
C PRO A 91 -13.43 -3.32 -3.86
N GLN A 92 -12.99 -4.23 -4.73
CA GLN A 92 -13.87 -4.84 -5.71
C GLN A 92 -15.23 -5.15 -5.10
N ASP A 93 -15.22 -5.83 -3.96
CA ASP A 93 -16.46 -6.20 -3.28
C ASP A 93 -17.40 -5.00 -3.19
N ALA A 94 -16.93 -3.92 -2.57
CA ALA A 94 -17.73 -2.71 -2.42
C ALA A 94 -16.85 -1.50 -2.18
N SER A 95 -17.27 -0.35 -2.70
CA SER A 95 -16.51 0.89 -2.54
C SER A 95 -15.90 0.98 -1.14
N GLY A 96 -16.60 0.39 -0.17
CA GLY A 96 -16.10 0.42 1.20
C GLY A 96 -17.15 0.88 2.19
N PRO A 97 -16.70 1.31 3.38
CA PRO A 97 -17.61 1.78 4.43
C PRO A 97 -18.25 3.13 4.09
N SER A 98 -19.17 3.56 4.93
CA SER A 98 -19.86 4.83 4.70
C SER A 98 -19.29 5.92 5.59
N SER A 99 -19.12 7.11 5.03
CA SER A 99 -18.57 8.25 5.77
C SER A 99 -17.44 7.81 6.68
N GLY A 100 -16.53 6.98 6.14
CA GLY A 100 -15.41 6.50 6.93
C GLY A 100 -14.48 5.62 6.10
N GLY A 1 -21.95 11.06 1.43
CA GLY A 1 -22.34 9.76 1.95
C GLY A 1 -21.17 8.81 2.08
N SER A 2 -21.03 8.20 3.25
CA SER A 2 -19.94 7.26 3.49
C SER A 2 -20.27 5.88 2.94
N SER A 3 -19.52 5.44 1.94
CA SER A 3 -19.75 4.14 1.32
C SER A 3 -18.46 3.32 1.30
N GLY A 4 -18.51 2.13 1.89
CA GLY A 4 -17.34 1.27 1.93
C GLY A 4 -17.42 0.15 0.92
N SER A 5 -16.28 -0.28 0.41
CA SER A 5 -16.23 -1.36 -0.57
C SER A 5 -15.79 -2.67 0.09
N SER A 6 -14.64 -2.64 0.74
CA SER A 6 -14.11 -3.82 1.40
C SER A 6 -15.17 -4.46 2.31
N GLY A 7 -15.71 -3.65 3.22
CA GLY A 7 -16.73 -4.15 4.12
C GLY A 7 -16.17 -4.47 5.50
N GLN A 8 -15.92 -5.75 5.75
CA GLN A 8 -15.39 -6.18 7.04
C GLN A 8 -13.87 -6.33 6.97
N GLY A 9 -13.16 -5.34 7.51
CA GLY A 9 -11.71 -5.38 7.50
C GLY A 9 -11.10 -4.11 6.95
N THR A 10 -9.77 -4.11 6.81
CA THR A 10 -9.07 -2.94 6.28
C THR A 10 -8.33 -3.27 4.99
N PRO A 11 -8.40 -2.34 4.03
CA PRO A 11 -7.75 -2.51 2.72
C PRO A 11 -6.23 -2.46 2.81
N LYS A 12 -5.61 -3.58 3.19
CA LYS A 12 -4.17 -3.65 3.32
C LYS A 12 -3.50 -3.61 1.95
N LEU A 13 -2.50 -2.75 1.81
CA LEU A 13 -1.77 -2.62 0.55
C LEU A 13 -0.36 -3.16 0.68
N LYS A 14 0.19 -3.64 -0.44
CA LYS A 14 1.54 -4.19 -0.45
C LYS A 14 2.52 -3.21 -1.09
N LEU A 15 3.47 -2.72 -0.30
CA LEU A 15 4.47 -1.79 -0.79
C LEU A 15 5.70 -2.52 -1.31
N LYS A 16 5.87 -2.52 -2.63
CA LYS A 16 7.01 -3.18 -3.26
C LYS A 16 7.89 -2.16 -3.99
N TRP A 17 9.20 -2.29 -3.79
CA TRP A 17 10.16 -1.38 -4.43
C TRP A 17 11.48 -2.09 -4.70
N LYS A 18 12.08 -1.80 -5.85
CA LYS A 18 13.35 -2.41 -6.22
C LYS A 18 14.45 -2.02 -5.24
N CYS A 19 15.24 -2.99 -4.82
CA CYS A 19 16.34 -2.75 -3.89
C CYS A 19 17.68 -3.07 -4.53
N LYS A 20 18.64 -2.16 -4.38
CA LYS A 20 19.97 -2.33 -4.94
C LYS A 20 20.56 -3.67 -4.50
N LYS A 21 21.68 -4.05 -5.12
CA LYS A 21 22.35 -5.30 -4.80
C LYS A 21 23.43 -5.08 -3.74
N GLU A 22 23.14 -5.50 -2.52
CA GLU A 22 24.08 -5.35 -1.41
C GLU A 22 24.83 -4.02 -1.51
N ASP A 23 24.07 -2.94 -1.68
CA ASP A 23 24.66 -1.61 -1.79
C ASP A 23 24.82 -0.97 -0.41
N GLU A 24 25.27 -1.77 0.56
CA GLU A 24 25.47 -1.28 1.92
C GLU A 24 24.32 -0.37 2.34
N SER A 25 23.10 -0.75 1.97
CA SER A 25 21.92 0.04 2.30
C SER A 25 20.64 -0.71 1.93
N LYS A 26 19.51 -0.21 2.41
CA LYS A 26 18.22 -0.83 2.13
C LYS A 26 17.53 -0.15 0.95
N GLY A 27 17.64 1.18 0.90
CA GLY A 27 17.03 1.94 -0.18
C GLY A 27 16.74 3.38 0.23
N GLY A 28 15.93 4.05 -0.59
CA GLY A 28 15.59 5.43 -0.30
C GLY A 28 14.25 5.57 0.41
N TYR A 29 13.90 4.55 1.19
CA TYR A 29 12.64 4.55 1.92
C TYR A 29 12.83 4.02 3.34
N SER A 30 11.84 4.26 4.20
CA SER A 30 11.90 3.80 5.58
C SER A 30 10.52 3.82 6.21
N LYS A 31 10.32 2.95 7.20
CA LYS A 31 9.04 2.84 7.89
C LYS A 31 8.41 4.23 8.08
N ASP A 32 9.20 5.16 8.62
CA ASP A 32 8.72 6.52 8.85
C ASP A 32 8.37 7.20 7.53
N VAL A 33 9.37 7.37 6.67
CA VAL A 33 9.17 8.02 5.38
C VAL A 33 7.87 7.56 4.74
N LEU A 34 7.77 6.27 4.44
CA LEU A 34 6.57 5.71 3.83
C LEU A 34 5.33 6.11 4.61
N LEU A 35 5.40 5.99 5.93
CA LEU A 35 4.28 6.34 6.80
C LEU A 35 3.76 7.74 6.49
N ARG A 36 4.68 8.68 6.30
CA ARG A 36 4.31 10.06 5.99
C ARG A 36 3.78 10.17 4.57
N LEU A 37 4.24 9.29 3.69
CA LEU A 37 3.80 9.29 2.30
C LEU A 37 2.34 8.88 2.19
N LEU A 38 1.90 8.02 3.09
CA LEU A 38 0.52 7.55 3.11
C LEU A 38 -0.34 8.38 4.05
N GLN A 39 0.25 8.77 5.18
CA GLN A 39 -0.45 9.57 6.17
C GLN A 39 -1.23 10.70 5.51
N LYS A 40 -0.51 11.61 4.86
CA LYS A 40 -1.13 12.73 4.18
C LYS A 40 -2.42 12.32 3.49
N TYR A 41 -2.51 11.04 3.12
CA TYR A 41 -3.68 10.51 2.46
C TYR A 41 -4.65 9.89 3.47
N GLY A 42 -4.22 8.80 4.10
CA GLY A 42 -5.06 8.14 5.09
C GLY A 42 -4.32 7.87 6.38
N GLU A 43 -5.08 7.72 7.46
CA GLU A 43 -4.49 7.46 8.78
C GLU A 43 -3.97 6.03 8.87
N VAL A 44 -2.71 5.83 8.55
CA VAL A 44 -2.10 4.52 8.60
C VAL A 44 -2.29 3.88 9.97
N LEU A 45 -2.91 2.70 9.98
CA LEU A 45 -3.16 1.98 11.22
C LEU A 45 -1.97 1.10 11.60
N ASN A 46 -1.51 0.29 10.65
CA ASN A 46 -0.38 -0.60 10.87
C ASN A 46 0.50 -0.68 9.63
N LEU A 47 1.82 -0.71 9.84
CA LEU A 47 2.77 -0.79 8.74
C LEU A 47 3.81 -1.87 9.01
N VAL A 48 3.62 -3.03 8.38
CA VAL A 48 4.55 -4.14 8.54
C VAL A 48 5.52 -4.23 7.36
N LEU A 49 6.73 -4.70 7.63
CA LEU A 49 7.74 -4.84 6.59
C LEU A 49 8.21 -6.29 6.47
N SER A 50 8.76 -6.64 5.32
CA SER A 50 9.25 -7.99 5.08
C SER A 50 10.73 -8.11 5.45
N SER A 51 11.20 -9.34 5.60
CA SER A 51 12.59 -9.59 5.95
C SER A 51 13.28 -10.43 4.87
N LYS A 52 12.70 -11.59 4.58
CA LYS A 52 13.26 -12.48 3.58
C LYS A 52 13.46 -11.76 2.25
N LYS A 53 12.40 -11.15 1.75
CA LYS A 53 12.45 -10.41 0.49
C LYS A 53 12.79 -8.95 0.73
N PRO A 54 14.02 -8.55 0.36
CA PRO A 54 14.49 -7.18 0.52
C PRO A 54 13.79 -6.21 -0.42
N GLY A 55 13.32 -5.09 0.12
CA GLY A 55 12.64 -4.10 -0.68
C GLY A 55 11.16 -4.37 -0.80
N THR A 56 10.59 -5.05 0.20
CA THR A 56 9.18 -5.38 0.21
C THR A 56 8.56 -5.14 1.58
N ALA A 57 7.27 -4.81 1.59
CA ALA A 57 6.56 -4.56 2.84
C ALA A 57 5.06 -4.39 2.60
N VAL A 58 4.29 -4.40 3.68
CA VAL A 58 2.84 -4.25 3.59
C VAL A 58 2.33 -3.24 4.60
N VAL A 59 1.36 -2.43 4.18
CA VAL A 59 0.77 -1.42 5.06
C VAL A 59 -0.72 -1.67 5.27
N GLU A 60 -1.29 -0.99 6.26
CA GLU A 60 -2.71 -1.14 6.56
C GLU A 60 -3.38 0.23 6.70
N PHE A 61 -4.42 0.45 5.92
CA PHE A 61 -5.15 1.71 5.95
C PHE A 61 -6.42 1.59 6.78
N ALA A 62 -7.00 2.72 7.16
CA ALA A 62 -8.22 2.75 7.95
C ALA A 62 -9.45 2.77 7.06
N THR A 63 -9.28 3.27 5.84
CA THR A 63 -10.39 3.36 4.88
C THR A 63 -9.94 2.99 3.48
N VAL A 64 -10.89 2.82 2.58
CA VAL A 64 -10.59 2.47 1.20
C VAL A 64 -10.21 3.70 0.38
N LYS A 65 -11.07 4.72 0.42
CA LYS A 65 -10.82 5.95 -0.30
C LYS A 65 -9.36 6.37 -0.20
N ALA A 66 -8.90 6.61 1.02
CA ALA A 66 -7.51 7.00 1.24
C ALA A 66 -6.54 6.08 0.51
N ALA A 67 -6.69 4.78 0.74
CA ALA A 67 -5.84 3.79 0.09
C ALA A 67 -5.78 4.01 -1.42
N GLU A 68 -6.95 4.02 -2.05
CA GLU A 68 -7.03 4.22 -3.49
C GLU A 68 -6.23 5.44 -3.92
N LEU A 69 -6.33 6.50 -3.13
CA LEU A 69 -5.62 7.74 -3.42
C LEU A 69 -4.11 7.56 -3.28
N ALA A 70 -3.69 6.95 -2.18
CA ALA A 70 -2.28 6.70 -1.92
C ALA A 70 -1.66 5.89 -3.05
N VAL A 71 -2.37 4.87 -3.51
CA VAL A 71 -1.89 4.02 -4.59
C VAL A 71 -1.88 4.76 -5.92
N GLN A 72 -2.79 5.72 -6.06
CA GLN A 72 -2.89 6.51 -7.28
C GLN A 72 -2.05 7.78 -7.19
N ASN A 73 -2.51 8.72 -6.36
CA ASN A 73 -1.79 9.98 -6.18
C ASN A 73 -0.32 9.74 -5.89
N GLU A 74 -0.04 9.19 -4.71
CA GLU A 74 1.33 8.91 -4.31
C GLU A 74 1.94 7.81 -5.18
N VAL A 75 3.12 8.08 -5.73
CA VAL A 75 3.81 7.11 -6.58
C VAL A 75 5.18 6.77 -6.03
N GLY A 76 5.52 7.35 -4.88
CA GLY A 76 6.80 7.08 -4.26
C GLY A 76 7.80 8.20 -4.52
N LEU A 77 8.89 7.85 -5.20
CA LEU A 77 9.93 8.83 -5.52
C LEU A 77 10.33 8.74 -6.98
N VAL A 78 10.48 9.90 -7.63
CA VAL A 78 10.86 9.94 -9.03
C VAL A 78 11.95 8.92 -9.34
N ASP A 79 13.01 8.94 -8.54
CA ASP A 79 14.12 8.01 -8.72
C ASP A 79 13.66 6.56 -8.58
N ASN A 80 12.84 6.32 -7.56
CA ASN A 80 12.31 4.97 -7.31
C ASN A 80 10.80 4.99 -7.14
N PRO A 81 10.08 4.78 -8.26
CA PRO A 81 8.62 4.78 -8.26
C PRO A 81 8.04 3.56 -7.54
N LEU A 82 7.73 3.73 -6.26
CA LEU A 82 7.17 2.66 -5.45
C LEU A 82 6.16 1.84 -6.25
N LYS A 83 5.89 0.62 -5.79
CA LYS A 83 4.94 -0.25 -6.47
C LYS A 83 3.86 -0.73 -5.50
N ILE A 84 2.86 0.11 -5.28
CA ILE A 84 1.77 -0.23 -4.37
C ILE A 84 0.79 -1.20 -5.03
N SER A 85 0.96 -2.49 -4.75
CA SER A 85 0.10 -3.52 -5.31
C SER A 85 -0.93 -3.99 -4.29
N TRP A 86 -2.19 -4.07 -4.72
CA TRP A 86 -3.26 -4.50 -3.84
C TRP A 86 -3.11 -5.97 -3.48
N LEU A 87 -2.64 -6.23 -2.27
CA LEU A 87 -2.46 -7.60 -1.80
C LEU A 87 -3.76 -8.38 -1.86
N GLU A 88 -4.77 -7.90 -1.16
CA GLU A 88 -6.08 -8.56 -1.14
C GLU A 88 -7.17 -7.60 -0.67
N GLY A 89 -8.01 -7.18 -1.60
CA GLY A 89 -9.09 -6.26 -1.26
C GLY A 89 -9.07 -5.00 -2.12
N GLN A 90 -9.11 -5.19 -3.43
CA GLN A 90 -9.10 -4.07 -4.37
C GLN A 90 -10.51 -3.82 -4.92
N PRO A 91 -10.88 -2.54 -5.01
CA PRO A 91 -12.19 -2.13 -5.53
C PRO A 91 -12.32 -2.37 -7.02
N GLN A 92 -13.52 -2.74 -7.46
CA GLN A 92 -13.77 -3.01 -8.87
C GLN A 92 -14.85 -2.07 -9.41
N ASP A 93 -16.08 -2.25 -8.94
CA ASP A 93 -17.19 -1.41 -9.38
C ASP A 93 -17.38 -0.22 -8.44
N ALA A 94 -16.26 0.38 -8.03
CA ALA A 94 -16.30 1.53 -7.13
C ALA A 94 -17.36 1.35 -6.06
N SER A 95 -17.49 0.13 -5.56
CA SER A 95 -18.48 -0.18 -4.52
C SER A 95 -18.24 -1.56 -3.93
N GLY A 96 -18.99 -1.90 -2.89
CA GLY A 96 -18.85 -3.20 -2.26
C GLY A 96 -20.17 -3.92 -2.10
N PRO A 97 -20.19 -4.96 -1.25
CA PRO A 97 -21.39 -5.76 -0.99
C PRO A 97 -22.44 -4.98 -0.21
N SER A 98 -23.71 -5.20 -0.56
CA SER A 98 -24.82 -4.52 0.09
C SER A 98 -25.81 -5.52 0.66
N SER A 99 -26.01 -5.47 1.97
CA SER A 99 -26.93 -6.39 2.64
C SER A 99 -27.21 -5.93 4.07
N GLY A 100 -28.46 -6.05 4.50
CA GLY A 100 -28.82 -5.66 5.84
C GLY A 100 -30.17 -6.21 6.27
N GLY A 1 -7.89 -21.90 11.74
CA GLY A 1 -8.29 -20.75 10.95
C GLY A 1 -9.65 -20.91 10.31
N SER A 2 -9.77 -20.56 9.04
CA SER A 2 -11.02 -20.67 8.32
C SER A 2 -10.86 -21.53 7.07
N SER A 3 -11.96 -21.74 6.35
CA SER A 3 -11.95 -22.55 5.14
C SER A 3 -11.96 -21.65 3.90
N GLY A 4 -12.83 -20.65 3.91
CA GLY A 4 -12.92 -19.74 2.78
C GLY A 4 -12.86 -18.28 3.20
N SER A 5 -14.03 -17.66 3.37
CA SER A 5 -14.11 -16.27 3.77
C SER A 5 -13.69 -16.09 5.22
N SER A 6 -12.67 -15.27 5.46
CA SER A 6 -12.18 -15.03 6.81
C SER A 6 -13.13 -14.11 7.58
N GLY A 7 -13.46 -12.99 6.97
CA GLY A 7 -14.36 -12.04 7.61
C GLY A 7 -14.03 -10.59 7.28
N GLN A 8 -14.66 -9.66 7.98
CA GLN A 8 -14.43 -8.24 7.75
C GLN A 8 -12.94 -7.90 7.92
N GLY A 9 -12.53 -6.78 7.34
CA GLY A 9 -11.14 -6.37 7.44
C GLY A 9 -10.90 -5.02 6.78
N THR A 10 -9.64 -4.56 6.85
CA THR A 10 -9.28 -3.27 6.25
C THR A 10 -8.54 -3.47 4.94
N PRO A 11 -8.66 -2.47 4.04
CA PRO A 11 -8.01 -2.50 2.73
C PRO A 11 -6.49 -2.37 2.83
N LYS A 12 -5.82 -3.48 3.12
CA LYS A 12 -4.38 -3.49 3.25
C LYS A 12 -3.71 -3.34 1.88
N LEU A 13 -2.50 -2.80 1.88
CA LEU A 13 -1.76 -2.59 0.64
C LEU A 13 -0.33 -3.11 0.76
N LYS A 14 0.24 -3.56 -0.34
CA LYS A 14 1.60 -4.08 -0.36
C LYS A 14 2.53 -3.12 -1.10
N LEU A 15 3.55 -2.64 -0.39
CA LEU A 15 4.52 -1.72 -0.97
C LEU A 15 5.77 -2.46 -1.44
N LYS A 16 6.10 -2.30 -2.72
CA LYS A 16 7.27 -2.95 -3.29
C LYS A 16 8.20 -1.93 -3.94
N TRP A 17 9.49 -2.02 -3.62
CA TRP A 17 10.48 -1.10 -4.17
C TRP A 17 11.72 -1.86 -4.63
N LYS A 18 12.57 -1.18 -5.39
CA LYS A 18 13.80 -1.79 -5.90
C LYS A 18 14.90 -1.73 -4.85
N CYS A 19 15.35 -2.91 -4.42
CA CYS A 19 16.40 -3.01 -3.43
C CYS A 19 17.77 -3.14 -4.09
N LYS A 20 18.63 -2.16 -3.87
CA LYS A 20 19.97 -2.16 -4.44
C LYS A 20 20.82 -3.27 -3.82
N LYS A 21 22.01 -3.50 -4.40
CA LYS A 21 22.91 -4.52 -3.90
C LYS A 21 23.81 -3.96 -2.80
N GLU A 22 24.40 -2.80 -3.05
CA GLU A 22 25.28 -2.16 -2.08
C GLU A 22 24.48 -1.28 -1.12
N ASP A 23 23.33 -1.77 -0.68
CA ASP A 23 22.48 -1.02 0.23
C ASP A 23 23.08 -1.01 1.64
N GLU A 24 22.45 -0.25 2.52
CA GLU A 24 22.92 -0.15 3.91
C GLU A 24 21.87 -0.67 4.88
N SER A 25 20.67 -0.13 4.80
CA SER A 25 19.57 -0.55 5.67
C SER A 25 18.47 -1.24 4.87
N LYS A 26 17.95 -0.55 3.87
CA LYS A 26 16.90 -1.10 3.02
C LYS A 26 17.19 -0.85 1.54
N GLY A 27 17.51 0.39 1.21
CA GLY A 27 17.82 0.73 -0.17
C GLY A 27 17.55 2.19 -0.48
N GLY A 28 16.33 2.64 -0.17
CA GLY A 28 15.96 4.02 -0.44
C GLY A 28 14.63 4.39 0.17
N TYR A 29 14.35 3.86 1.37
CA TYR A 29 13.10 4.14 2.05
C TYR A 29 13.19 3.75 3.52
N SER A 30 12.17 4.13 4.29
CA SER A 30 12.13 3.82 5.72
C SER A 30 10.72 3.95 6.27
N LYS A 31 10.37 3.06 7.19
CA LYS A 31 9.05 3.08 7.80
C LYS A 31 8.53 4.51 7.94
N ASP A 32 9.39 5.40 8.43
CA ASP A 32 9.03 6.79 8.62
C ASP A 32 8.54 7.40 7.31
N VAL A 33 9.43 7.48 6.32
CA VAL A 33 9.08 8.04 5.02
C VAL A 33 7.77 7.45 4.50
N LEU A 34 7.73 6.13 4.39
CA LEU A 34 6.55 5.44 3.90
C LEU A 34 5.31 5.84 4.71
N LEU A 35 5.47 5.89 6.03
CA LEU A 35 4.37 6.25 6.92
C LEU A 35 3.77 7.59 6.52
N ARG A 36 4.63 8.52 6.12
CA ARG A 36 4.19 9.85 5.71
C ARG A 36 3.50 9.79 4.35
N LEU A 37 4.20 9.26 3.35
CA LEU A 37 3.64 9.14 2.01
C LEU A 37 2.22 8.62 2.04
N LEU A 38 1.95 7.71 2.98
CA LEU A 38 0.61 7.14 3.12
C LEU A 38 -0.25 7.98 4.04
N GLN A 39 0.24 8.23 5.25
CA GLN A 39 -0.49 9.02 6.23
C GLN A 39 -1.29 10.13 5.53
N LYS A 40 -0.58 11.03 4.86
CA LYS A 40 -1.21 12.13 4.15
C LYS A 40 -2.56 11.71 3.58
N TYR A 41 -2.56 10.60 2.85
CA TYR A 41 -3.79 10.09 2.24
C TYR A 41 -4.64 9.35 3.27
N GLY A 42 -4.12 8.23 3.78
CA GLY A 42 -4.85 7.45 4.76
C GLY A 42 -4.11 7.35 6.08
N GLU A 43 -4.83 7.49 7.18
CA GLU A 43 -4.23 7.40 8.51
C GLU A 43 -3.68 6.00 8.77
N VAL A 44 -2.45 5.76 8.32
CA VAL A 44 -1.82 4.46 8.51
C VAL A 44 -2.07 3.92 9.92
N LEU A 45 -2.75 2.78 9.99
CA LEU A 45 -3.05 2.17 11.28
C LEU A 45 -1.99 1.14 11.66
N ASN A 46 -1.66 0.25 10.73
CA ASN A 46 -0.66 -0.77 10.96
C ASN A 46 0.29 -0.89 9.77
N LEU A 47 1.53 -0.47 9.97
CA LEU A 47 2.54 -0.52 8.92
C LEU A 47 3.57 -1.62 9.21
N VAL A 48 3.60 -2.63 8.35
CA VAL A 48 4.55 -3.73 8.51
C VAL A 48 5.50 -3.81 7.32
N LEU A 49 6.73 -4.22 7.60
CA LEU A 49 7.75 -4.35 6.56
C LEU A 49 8.37 -5.73 6.56
N SER A 50 8.52 -6.32 5.37
CA SER A 50 9.10 -7.65 5.23
C SER A 50 10.49 -7.69 5.84
N SER A 51 10.62 -8.37 6.98
CA SER A 51 11.89 -8.49 7.67
C SER A 51 12.79 -9.50 6.98
N LYS A 52 12.25 -10.68 6.69
CA LYS A 52 12.99 -11.74 6.03
C LYS A 52 13.41 -11.31 4.63
N LYS A 53 12.44 -10.95 3.80
CA LYS A 53 12.72 -10.51 2.44
C LYS A 53 12.70 -8.99 2.34
N PRO A 54 13.89 -8.38 2.33
CA PRO A 54 14.03 -6.92 2.24
C PRO A 54 13.64 -6.39 0.87
N GLY A 55 12.78 -5.37 0.86
CA GLY A 55 12.34 -4.78 -0.40
C GLY A 55 10.84 -4.67 -0.49
N THR A 56 10.14 -5.65 0.07
CA THR A 56 8.68 -5.67 0.03
C THR A 56 8.11 -5.34 1.41
N ALA A 57 6.94 -4.70 1.42
CA ALA A 57 6.28 -4.33 2.67
C ALA A 57 4.77 -4.42 2.54
N VAL A 58 4.06 -4.13 3.63
CA VAL A 58 2.61 -4.18 3.64
C VAL A 58 2.03 -3.22 4.66
N VAL A 59 1.28 -2.23 4.18
CA VAL A 59 0.66 -1.24 5.05
C VAL A 59 -0.83 -1.51 5.23
N GLU A 60 -1.40 -0.94 6.29
CA GLU A 60 -2.82 -1.13 6.58
C GLU A 60 -3.52 0.21 6.75
N PHE A 61 -4.46 0.49 5.86
CA PHE A 61 -5.21 1.75 5.91
C PHE A 61 -6.45 1.61 6.79
N ALA A 62 -7.02 2.75 7.16
CA ALA A 62 -8.21 2.76 8.01
C ALA A 62 -9.49 2.70 7.17
N THR A 63 -9.42 3.25 5.96
CA THR A 63 -10.57 3.27 5.06
C THR A 63 -10.16 2.91 3.65
N VAL A 64 -11.15 2.71 2.78
CA VAL A 64 -10.89 2.36 1.39
C VAL A 64 -10.49 3.60 0.58
N LYS A 65 -11.32 4.63 0.63
CA LYS A 65 -11.05 5.86 -0.10
C LYS A 65 -9.59 6.27 0.04
N ALA A 66 -9.18 6.60 1.27
CA ALA A 66 -7.81 7.00 1.54
C ALA A 66 -6.83 6.11 0.79
N ALA A 67 -6.98 4.80 0.96
CA ALA A 67 -6.10 3.84 0.30
C ALA A 67 -6.09 4.04 -1.20
N GLU A 68 -7.27 4.10 -1.81
CA GLU A 68 -7.40 4.29 -3.24
C GLU A 68 -6.65 5.54 -3.69
N LEU A 69 -6.86 6.64 -2.97
CA LEU A 69 -6.21 7.90 -3.30
C LEU A 69 -4.69 7.79 -3.14
N ALA A 70 -4.26 7.11 -2.08
CA ALA A 70 -2.83 6.92 -1.83
C ALA A 70 -2.18 6.10 -2.94
N VAL A 71 -2.63 4.86 -3.09
CA VAL A 71 -2.08 3.98 -4.12
C VAL A 71 -1.95 4.70 -5.46
N GLN A 72 -2.93 5.54 -5.77
CA GLN A 72 -2.93 6.29 -7.02
C GLN A 72 -1.98 7.48 -6.93
N ASN A 73 -2.32 8.46 -6.10
CA ASN A 73 -1.50 9.65 -5.92
C ASN A 73 -0.06 9.27 -5.58
N GLU A 74 0.14 8.76 -4.37
CA GLU A 74 1.47 8.36 -3.92
C GLU A 74 2.20 7.58 -5.02
N VAL A 75 3.34 8.11 -5.46
CA VAL A 75 4.13 7.45 -6.49
C VAL A 75 5.49 7.00 -5.95
N GLY A 76 6.04 7.78 -5.02
CA GLY A 76 7.32 7.44 -4.45
C GLY A 76 8.39 8.46 -4.76
N LEU A 77 9.51 8.01 -5.31
CA LEU A 77 10.62 8.90 -5.66
C LEU A 77 10.93 8.81 -7.15
N VAL A 78 11.23 9.95 -7.75
CA VAL A 78 11.56 10.01 -9.18
C VAL A 78 12.58 8.94 -9.55
N ASP A 79 13.53 8.71 -8.65
CA ASP A 79 14.57 7.71 -8.88
C ASP A 79 14.00 6.30 -8.75
N ASN A 80 13.13 6.10 -7.78
CA ASN A 80 12.51 4.80 -7.55
C ASN A 80 11.01 4.93 -7.32
N PRO A 81 10.23 4.77 -8.40
CA PRO A 81 8.76 4.87 -8.34
C PRO A 81 8.13 3.71 -7.58
N LEU A 82 7.96 3.89 -6.27
CA LEU A 82 7.36 2.85 -5.43
C LEU A 82 6.25 2.12 -6.17
N LYS A 83 6.16 0.82 -5.94
CA LYS A 83 5.13 0.00 -6.59
C LYS A 83 4.09 -0.46 -5.57
N ILE A 84 2.95 0.24 -5.55
CA ILE A 84 1.87 -0.11 -4.63
C ILE A 84 0.86 -1.04 -5.29
N SER A 85 0.92 -2.32 -4.92
CA SER A 85 0.02 -3.32 -5.47
C SER A 85 -1.00 -3.78 -4.42
N TRP A 86 -2.26 -3.82 -4.81
CA TRP A 86 -3.33 -4.24 -3.90
C TRP A 86 -3.18 -5.72 -3.54
N LEU A 87 -2.60 -5.99 -2.38
CA LEU A 87 -2.41 -7.36 -1.92
C LEU A 87 -3.72 -8.13 -1.96
N GLU A 88 -4.71 -7.63 -1.23
CA GLU A 88 -6.02 -8.28 -1.17
C GLU A 88 -7.10 -7.31 -0.70
N GLY A 89 -8.12 -7.12 -1.52
CA GLY A 89 -9.20 -6.21 -1.17
C GLY A 89 -9.27 -5.02 -2.10
N GLN A 90 -9.42 -5.28 -3.39
CA GLN A 90 -9.51 -4.22 -4.38
C GLN A 90 -10.94 -3.71 -4.53
N PRO A 91 -11.09 -2.38 -4.67
CA PRO A 91 -12.40 -1.75 -4.81
C PRO A 91 -13.05 -2.06 -6.15
N GLN A 92 -14.37 -2.19 -6.15
CA GLN A 92 -15.11 -2.49 -7.37
C GLN A 92 -15.94 -1.29 -7.82
N ASP A 93 -15.29 -0.38 -8.53
CA ASP A 93 -15.96 0.82 -9.02
C ASP A 93 -16.39 0.65 -10.47
N ALA A 94 -16.92 -0.53 -10.80
CA ALA A 94 -17.37 -0.81 -12.15
C ALA A 94 -18.40 0.21 -12.63
N SER A 95 -17.93 1.22 -13.35
CA SER A 95 -18.81 2.27 -13.86
C SER A 95 -18.81 2.28 -15.38
N GLY A 96 -19.99 2.09 -15.96
CA GLY A 96 -20.11 2.08 -17.42
C GLY A 96 -20.78 3.33 -17.94
N PRO A 97 -21.00 3.37 -19.27
CA PRO A 97 -21.63 4.52 -19.92
C PRO A 97 -23.11 4.64 -19.57
N SER A 98 -23.59 3.75 -18.71
CA SER A 98 -24.99 3.76 -18.30
C SER A 98 -25.22 4.83 -17.24
N SER A 99 -26.47 5.27 -17.11
CA SER A 99 -26.84 6.28 -16.12
C SER A 99 -26.93 5.68 -14.73
N GLY A 100 -26.93 6.55 -13.72
CA GLY A 100 -27.02 6.08 -12.34
C GLY A 100 -28.30 6.51 -11.67
N GLY A 1 -28.96 -9.15 11.06
CA GLY A 1 -28.88 -9.70 9.71
C GLY A 1 -28.06 -8.84 8.79
N SER A 2 -28.36 -8.89 7.50
CA SER A 2 -27.63 -8.12 6.49
C SER A 2 -28.43 -8.00 5.21
N SER A 3 -28.23 -6.89 4.50
CA SER A 3 -28.95 -6.65 3.24
C SER A 3 -28.09 -7.05 2.05
N GLY A 4 -26.86 -6.55 2.01
CA GLY A 4 -25.96 -6.88 0.92
C GLY A 4 -25.02 -8.01 1.25
N SER A 5 -23.79 -7.67 1.62
CA SER A 5 -22.78 -8.67 1.96
C SER A 5 -21.87 -8.14 3.07
N SER A 6 -21.03 -9.04 3.59
CA SER A 6 -20.11 -8.68 4.65
C SER A 6 -18.67 -9.01 4.27
N GLY A 7 -17.73 -8.22 4.77
CA GLY A 7 -16.32 -8.44 4.47
C GLY A 7 -15.40 -7.79 5.48
N GLN A 8 -15.59 -8.13 6.75
CA GLN A 8 -14.76 -7.58 7.82
C GLN A 8 -13.30 -7.53 7.40
N GLY A 9 -12.61 -6.47 7.81
CA GLY A 9 -11.20 -6.33 7.47
C GLY A 9 -10.87 -4.95 6.93
N THR A 10 -9.59 -4.61 6.91
CA THR A 10 -9.15 -3.31 6.41
C THR A 10 -8.42 -3.46 5.09
N PRO A 11 -8.57 -2.44 4.22
CA PRO A 11 -7.92 -2.43 2.91
C PRO A 11 -6.41 -2.28 3.00
N LYS A 12 -5.71 -3.37 3.26
CA LYS A 12 -4.26 -3.36 3.37
C LYS A 12 -3.62 -3.28 2.00
N LEU A 13 -2.53 -2.51 1.90
CA LEU A 13 -1.82 -2.35 0.64
C LEU A 13 -0.39 -2.88 0.75
N LYS A 14 0.15 -3.36 -0.36
CA LYS A 14 1.50 -3.89 -0.39
C LYS A 14 2.46 -2.91 -1.07
N LEU A 15 3.52 -2.54 -0.36
CA LEU A 15 4.51 -1.60 -0.89
C LEU A 15 5.73 -2.35 -1.41
N LYS A 16 5.86 -2.41 -2.73
CA LYS A 16 6.99 -3.09 -3.36
C LYS A 16 7.86 -2.10 -4.12
N TRP A 17 9.17 -2.15 -3.86
CA TRP A 17 10.11 -1.26 -4.51
C TRP A 17 11.35 -2.03 -4.97
N LYS A 18 11.86 -1.65 -6.14
CA LYS A 18 13.04 -2.30 -6.71
C LYS A 18 14.19 -2.30 -5.69
N CYS A 19 14.95 -3.39 -5.67
CA CYS A 19 16.08 -3.52 -4.75
C CYS A 19 17.07 -4.57 -5.25
N LYS A 20 18.36 -4.30 -5.02
CA LYS A 20 19.40 -5.22 -5.45
C LYS A 20 19.49 -6.41 -4.51
N LYS A 21 20.09 -7.50 -5.00
CA LYS A 21 20.25 -8.72 -4.20
C LYS A 21 21.45 -8.60 -3.26
N GLU A 22 22.64 -8.62 -3.83
CA GLU A 22 23.87 -8.52 -3.03
C GLU A 22 23.76 -7.39 -2.02
N ASP A 23 23.24 -6.24 -2.46
CA ASP A 23 23.08 -5.08 -1.59
C ASP A 23 22.68 -5.51 -0.18
N GLU A 24 21.69 -6.39 -0.09
CA GLU A 24 21.20 -6.88 1.18
C GLU A 24 20.82 -5.72 2.10
N SER A 25 20.33 -4.64 1.51
CA SER A 25 19.93 -3.46 2.26
C SER A 25 18.42 -3.21 2.14
N LYS A 26 17.94 -2.20 2.84
CA LYS A 26 16.52 -1.86 2.81
C LYS A 26 16.19 -1.01 1.59
N GLY A 27 17.01 0.01 1.36
CA GLY A 27 16.78 0.89 0.22
C GLY A 27 16.56 2.34 0.64
N GLY A 28 15.99 3.12 -0.26
CA GLY A 28 15.73 4.52 0.03
C GLY A 28 14.34 4.75 0.58
N TYR A 29 13.94 3.93 1.55
CA TYR A 29 12.63 4.04 2.17
C TYR A 29 12.67 3.63 3.63
N SER A 30 12.16 4.50 4.50
CA SER A 30 12.14 4.22 5.93
C SER A 30 10.72 4.27 6.47
N LYS A 31 10.43 3.40 7.45
CA LYS A 31 9.11 3.35 8.05
C LYS A 31 8.48 4.73 8.12
N ASP A 32 9.21 5.68 8.68
CA ASP A 32 8.72 7.05 8.80
C ASP A 32 8.37 7.62 7.43
N VAL A 33 9.35 7.65 6.54
CA VAL A 33 9.14 8.18 5.19
C VAL A 33 7.83 7.68 4.60
N LEU A 34 7.70 6.36 4.51
CA LEU A 34 6.48 5.76 3.96
C LEU A 34 5.26 6.15 4.77
N LEU A 35 5.41 6.16 6.10
CA LEU A 35 4.32 6.53 6.99
C LEU A 35 3.78 7.91 6.65
N ARG A 36 4.67 8.86 6.43
CA ARG A 36 4.29 10.23 6.09
C ARG A 36 3.78 10.31 4.65
N LEU A 37 4.22 9.36 3.83
CA LEU A 37 3.81 9.32 2.43
C LEU A 37 2.35 8.89 2.30
N LEU A 38 1.91 8.04 3.22
CA LEU A 38 0.53 7.55 3.20
C LEU A 38 -0.35 8.36 4.16
N GLN A 39 0.17 8.62 5.36
CA GLN A 39 -0.56 9.38 6.35
C GLN A 39 -1.34 10.51 5.70
N LYS A 40 -0.64 11.35 4.94
CA LYS A 40 -1.28 12.48 4.26
C LYS A 40 -2.57 12.05 3.58
N TYR A 41 -2.55 10.87 2.97
CA TYR A 41 -3.72 10.35 2.28
C TYR A 41 -4.64 9.61 3.25
N GLY A 42 -4.14 8.54 3.84
CA GLY A 42 -4.93 7.77 4.79
C GLY A 42 -4.21 7.58 6.11
N GLU A 43 -4.99 7.54 7.19
CA GLU A 43 -4.43 7.35 8.52
C GLU A 43 -3.90 5.93 8.71
N VAL A 44 -2.62 5.74 8.41
CA VAL A 44 -1.99 4.43 8.53
C VAL A 44 -2.23 3.84 9.92
N LEU A 45 -2.86 2.68 9.97
CA LEU A 45 -3.15 2.01 11.23
C LEU A 45 -1.99 1.12 11.65
N ASN A 46 -1.53 0.28 10.72
CA ASN A 46 -0.42 -0.64 10.99
C ASN A 46 0.48 -0.77 9.77
N LEU A 47 1.76 -0.49 9.96
CA LEU A 47 2.74 -0.58 8.87
C LEU A 47 3.70 -1.74 9.11
N VAL A 48 3.57 -2.79 8.30
CA VAL A 48 4.43 -3.95 8.42
C VAL A 48 5.35 -4.08 7.21
N LEU A 49 6.51 -4.71 7.42
CA LEU A 49 7.48 -4.88 6.35
C LEU A 49 7.88 -6.35 6.22
N SER A 50 8.15 -6.78 4.98
CA SER A 50 8.55 -8.16 4.73
C SER A 50 10.02 -8.38 5.06
N SER A 51 10.31 -9.50 5.72
CA SER A 51 11.68 -9.82 6.10
C SER A 51 12.29 -10.84 5.14
N LYS A 52 11.43 -11.61 4.49
CA LYS A 52 11.87 -12.61 3.54
C LYS A 52 12.37 -11.97 2.24
N LYS A 53 11.42 -11.52 1.42
CA LYS A 53 11.75 -10.88 0.16
C LYS A 53 12.27 -9.46 0.38
N PRO A 54 13.50 -9.20 -0.10
CA PRO A 54 14.14 -7.90 0.03
C PRO A 54 13.47 -6.83 -0.82
N GLY A 55 13.10 -5.71 -0.20
CA GLY A 55 12.45 -4.64 -0.92
C GLY A 55 10.95 -4.84 -1.05
N THR A 56 10.33 -5.32 0.03
CA THR A 56 8.90 -5.56 0.04
C THR A 56 8.31 -5.29 1.42
N ALA A 57 7.07 -4.78 1.44
CA ALA A 57 6.40 -4.48 2.70
C ALA A 57 4.89 -4.42 2.50
N VAL A 58 4.16 -4.33 3.60
CA VAL A 58 2.70 -4.26 3.56
C VAL A 58 2.16 -3.29 4.60
N VAL A 59 1.41 -2.30 4.14
CA VAL A 59 0.83 -1.30 5.03
C VAL A 59 -0.64 -1.57 5.28
N GLU A 60 -1.19 -0.97 6.34
CA GLU A 60 -2.59 -1.15 6.68
C GLU A 60 -3.29 0.19 6.87
N PHE A 61 -4.25 0.48 6.02
CA PHE A 61 -4.99 1.74 6.09
C PHE A 61 -6.23 1.59 6.98
N ALA A 62 -6.93 2.70 7.18
CA ALA A 62 -8.13 2.70 8.01
C ALA A 62 -9.39 2.86 7.16
N THR A 63 -9.20 3.00 5.85
CA THR A 63 -10.31 3.17 4.93
C THR A 63 -9.93 2.76 3.51
N VAL A 64 -10.92 2.65 2.64
CA VAL A 64 -10.69 2.28 1.26
C VAL A 64 -10.27 3.48 0.41
N LYS A 65 -11.13 4.49 0.38
CA LYS A 65 -10.86 5.71 -0.37
C LYS A 65 -9.39 6.09 -0.27
N ALA A 66 -8.96 6.48 0.92
CA ALA A 66 -7.58 6.87 1.16
C ALA A 66 -6.61 5.95 0.41
N ALA A 67 -6.67 4.66 0.73
CA ALA A 67 -5.82 3.68 0.08
C ALA A 67 -5.77 3.89 -1.43
N GLU A 68 -6.91 3.73 -2.08
CA GLU A 68 -7.01 3.91 -3.53
C GLU A 68 -6.21 5.14 -3.98
N LEU A 69 -6.33 6.22 -3.22
CA LEU A 69 -5.64 7.46 -3.54
C LEU A 69 -4.13 7.30 -3.35
N ALA A 70 -3.74 6.77 -2.20
CA ALA A 70 -2.32 6.56 -1.90
C ALA A 70 -1.65 5.72 -2.98
N VAL A 71 -2.32 4.65 -3.38
CA VAL A 71 -1.79 3.75 -4.40
C VAL A 71 -1.60 4.49 -5.73
N GLN A 72 -2.41 5.53 -5.94
CA GLN A 72 -2.34 6.31 -7.16
C GLN A 72 -1.54 7.59 -6.94
N ASN A 73 -2.13 8.54 -6.23
CA ASN A 73 -1.47 9.81 -5.95
C ASN A 73 -0.01 9.59 -5.58
N GLU A 74 0.22 8.96 -4.44
CA GLU A 74 1.58 8.70 -3.98
C GLU A 74 2.26 7.65 -4.85
N VAL A 75 3.37 8.03 -5.47
CA VAL A 75 4.11 7.11 -6.33
C VAL A 75 5.46 6.75 -5.72
N GLY A 76 5.83 7.46 -4.66
CA GLY A 76 7.10 7.19 -4.00
C GLY A 76 8.17 8.22 -4.35
N LEU A 77 9.23 7.76 -4.98
CA LEU A 77 10.33 8.64 -5.37
C LEU A 77 10.56 8.58 -6.88
N VAL A 78 10.66 9.75 -7.51
CA VAL A 78 10.88 9.83 -8.94
C VAL A 78 11.80 8.71 -9.42
N ASP A 79 13.05 8.73 -8.96
CA ASP A 79 14.02 7.71 -9.35
C ASP A 79 13.45 6.31 -9.14
N ASN A 80 12.83 6.10 -7.98
CA ASN A 80 12.24 4.81 -7.65
C ASN A 80 10.76 4.95 -7.29
N PRO A 81 9.90 4.88 -8.32
CA PRO A 81 8.45 4.99 -8.14
C PRO A 81 7.86 3.79 -7.42
N LEU A 82 7.66 3.92 -6.11
CA LEU A 82 7.09 2.84 -5.31
C LEU A 82 6.01 2.10 -6.09
N LYS A 83 6.01 0.77 -5.95
CA LYS A 83 5.02 -0.06 -6.64
C LYS A 83 3.94 -0.52 -5.66
N ILE A 84 2.94 0.31 -5.44
CA ILE A 84 1.84 -0.01 -4.54
C ILE A 84 0.84 -0.95 -5.21
N SER A 85 0.80 -2.19 -4.75
CA SER A 85 -0.10 -3.19 -5.30
C SER A 85 -1.08 -3.68 -4.24
N TRP A 86 -2.36 -3.77 -4.61
CA TRP A 86 -3.40 -4.23 -3.69
C TRP A 86 -3.21 -5.71 -3.36
N LEU A 87 -2.80 -5.99 -2.12
CA LEU A 87 -2.60 -7.36 -1.68
C LEU A 87 -3.90 -8.14 -1.69
N GLU A 88 -4.96 -7.52 -1.18
CA GLU A 88 -6.27 -8.16 -1.14
C GLU A 88 -7.33 -7.18 -0.67
N GLY A 89 -8.35 -6.97 -1.50
CA GLY A 89 -9.42 -6.06 -1.15
C GLY A 89 -9.43 -4.82 -2.03
N GLN A 90 -9.58 -5.02 -3.33
CA GLN A 90 -9.60 -3.91 -4.28
C GLN A 90 -11.04 -3.55 -4.66
N PRO A 91 -11.32 -2.24 -4.75
CA PRO A 91 -12.65 -1.75 -5.12
C PRO A 91 -13.00 -2.03 -6.57
N GLN A 92 -14.23 -2.49 -6.81
CA GLN A 92 -14.68 -2.80 -8.15
C GLN A 92 -15.77 -1.82 -8.61
N ASP A 93 -15.74 -0.62 -8.04
CA ASP A 93 -16.71 0.41 -8.38
C ASP A 93 -16.04 1.56 -9.13
N ALA A 94 -16.55 1.86 -10.32
CA ALA A 94 -16.02 2.93 -11.13
C ALA A 94 -17.12 3.84 -11.66
N SER A 95 -18.05 4.21 -10.77
CA SER A 95 -19.17 5.07 -11.15
C SER A 95 -19.60 5.94 -9.98
N GLY A 96 -20.67 6.70 -10.18
CA GLY A 96 -21.18 7.56 -9.13
C GLY A 96 -22.66 7.34 -8.85
N PRO A 97 -23.52 7.94 -9.69
CA PRO A 97 -24.97 7.82 -9.55
C PRO A 97 -25.47 6.42 -9.89
N SER A 98 -24.73 5.72 -10.73
CA SER A 98 -25.09 4.36 -11.13
C SER A 98 -25.08 3.41 -9.93
N SER A 99 -25.96 2.42 -9.97
CA SER A 99 -26.05 1.45 -8.88
C SER A 99 -24.75 0.68 -8.73
N GLY A 100 -24.53 0.12 -7.55
CA GLY A 100 -23.33 -0.64 -7.29
C GLY A 100 -22.93 -0.64 -5.82
N GLY A 1 -7.98 -10.32 -10.10
CA GLY A 1 -8.64 -10.51 -8.82
C GLY A 1 -9.76 -11.54 -8.89
N SER A 2 -10.66 -11.48 -7.91
CA SER A 2 -11.78 -12.42 -7.86
C SER A 2 -13.09 -11.68 -7.57
N SER A 3 -14.19 -12.41 -7.61
CA SER A 3 -15.50 -11.83 -7.36
C SER A 3 -15.69 -11.54 -5.87
N GLY A 4 -15.32 -10.33 -5.46
CA GLY A 4 -15.46 -9.94 -4.08
C GLY A 4 -15.70 -8.46 -3.91
N SER A 5 -16.88 -8.00 -4.32
CA SER A 5 -17.22 -6.59 -4.21
C SER A 5 -16.78 -6.01 -2.88
N SER A 6 -17.20 -6.66 -1.79
CA SER A 6 -16.85 -6.22 -0.44
C SER A 6 -15.66 -7.00 0.10
N GLY A 7 -14.54 -6.32 0.29
CA GLY A 7 -13.35 -6.97 0.80
C GLY A 7 -13.50 -7.39 2.25
N GLN A 8 -12.54 -8.16 2.74
CA GLN A 8 -12.56 -8.63 4.12
C GLN A 8 -11.60 -7.84 4.99
N GLY A 9 -12.14 -7.01 5.87
CA GLY A 9 -11.30 -6.21 6.74
C GLY A 9 -10.74 -4.98 6.06
N THR A 10 -10.00 -4.17 6.80
CA THR A 10 -9.41 -2.96 6.26
C THR A 10 -8.64 -3.25 4.97
N PRO A 11 -8.72 -2.31 4.01
CA PRO A 11 -8.04 -2.44 2.72
C PRO A 11 -6.53 -2.33 2.84
N LYS A 12 -5.88 -3.45 3.15
CA LYS A 12 -4.42 -3.48 3.30
C LYS A 12 -3.74 -3.47 1.94
N LEU A 13 -2.65 -2.73 1.83
CA LEU A 13 -1.90 -2.64 0.58
C LEU A 13 -0.48 -3.18 0.76
N LYS A 14 0.14 -3.58 -0.34
CA LYS A 14 1.48 -4.12 -0.31
C LYS A 14 2.47 -3.16 -0.97
N LEU A 15 3.44 -2.68 -0.19
CA LEU A 15 4.44 -1.75 -0.69
C LEU A 15 5.65 -2.49 -1.23
N LYS A 16 6.02 -2.19 -2.48
CA LYS A 16 7.17 -2.84 -3.12
C LYS A 16 8.08 -1.79 -3.75
N TRP A 17 9.38 -1.96 -3.54
CA TRP A 17 10.37 -1.04 -4.10
C TRP A 17 11.64 -1.77 -4.50
N LYS A 18 12.36 -1.21 -5.46
CA LYS A 18 13.61 -1.81 -5.93
C LYS A 18 14.62 -1.94 -4.80
N CYS A 19 14.88 -3.17 -4.38
CA CYS A 19 15.83 -3.43 -3.30
C CYS A 19 17.16 -3.93 -3.86
N LYS A 20 18.25 -3.56 -3.18
CA LYS A 20 19.59 -3.97 -3.61
C LYS A 20 20.16 -5.01 -2.66
N LYS A 21 21.40 -5.42 -2.93
CA LYS A 21 22.07 -6.43 -2.10
C LYS A 21 22.66 -5.78 -0.85
N GLU A 22 21.90 -4.89 -0.22
CA GLU A 22 22.36 -4.21 0.99
C GLU A 22 23.79 -3.71 0.81
N ASP A 23 24.06 -3.13 -0.36
CA ASP A 23 25.39 -2.60 -0.65
C ASP A 23 25.61 -1.25 0.03
N GLU A 24 24.65 -0.35 -0.14
CA GLU A 24 24.73 0.98 0.46
C GLU A 24 23.53 1.26 1.34
N SER A 25 22.33 1.10 0.78
CA SER A 25 21.09 1.34 1.51
C SER A 25 20.11 0.19 1.29
N LYS A 26 19.00 0.23 2.03
CA LYS A 26 17.97 -0.80 1.91
C LYS A 26 17.22 -0.67 0.59
N GLY A 27 16.78 0.55 0.27
CA GLY A 27 16.05 0.78 -0.95
C GLY A 27 15.53 2.19 -1.06
N GLY A 28 16.26 3.14 -0.47
CA GLY A 28 15.84 4.53 -0.51
C GLY A 28 14.47 4.74 0.12
N TYR A 29 14.18 3.98 1.16
CA TYR A 29 12.90 4.09 1.85
C TYR A 29 13.00 3.53 3.27
N SER A 30 12.15 4.05 4.16
CA SER A 30 12.14 3.62 5.55
C SER A 30 10.73 3.67 6.13
N LYS A 31 10.58 3.15 7.34
CA LYS A 31 9.28 3.15 8.01
C LYS A 31 8.66 4.54 8.02
N ASP A 32 9.39 5.49 8.61
CA ASP A 32 8.90 6.87 8.68
C ASP A 32 8.47 7.37 7.31
N VAL A 33 9.43 7.49 6.40
CA VAL A 33 9.13 7.97 5.05
C VAL A 33 7.82 7.40 4.54
N LEU A 34 7.79 6.08 4.32
CA LEU A 34 6.59 5.41 3.82
C LEU A 34 5.37 5.80 4.67
N LEU A 35 5.53 5.75 5.98
CA LEU A 35 4.45 6.10 6.90
C LEU A 35 3.83 7.44 6.52
N ARG A 36 4.68 8.38 6.11
CA ARG A 36 4.21 9.71 5.73
C ARG A 36 3.54 9.67 4.36
N LEU A 37 4.26 9.20 3.35
CA LEU A 37 3.74 9.11 2.00
C LEU A 37 2.31 8.57 2.01
N LEU A 38 2.00 7.75 3.00
CA LEU A 38 0.67 7.16 3.12
C LEU A 38 -0.19 7.96 4.11
N GLN A 39 0.31 8.11 5.33
CA GLN A 39 -0.41 8.85 6.36
C GLN A 39 -1.19 10.01 5.75
N LYS A 40 -0.46 10.94 5.16
CA LYS A 40 -1.09 12.11 4.53
C LYS A 40 -2.44 11.75 3.93
N TYR A 41 -2.48 10.65 3.18
CA TYR A 41 -3.71 10.20 2.55
C TYR A 41 -4.60 9.48 3.55
N GLY A 42 -4.14 8.32 4.02
CA GLY A 42 -4.90 7.55 4.98
C GLY A 42 -4.15 7.33 6.28
N GLU A 43 -4.86 7.51 7.40
CA GLU A 43 -4.26 7.33 8.71
C GLU A 43 -3.74 5.90 8.89
N VAL A 44 -2.53 5.65 8.40
CA VAL A 44 -1.92 4.33 8.51
C VAL A 44 -2.13 3.74 9.90
N LEU A 45 -2.96 2.70 9.97
CA LEU A 45 -3.25 2.04 11.24
C LEU A 45 -2.11 1.12 11.64
N ASN A 46 -1.68 0.27 10.71
CA ASN A 46 -0.58 -0.66 10.97
C ASN A 46 0.31 -0.80 9.74
N LEU A 47 1.58 -0.43 9.89
CA LEU A 47 2.53 -0.51 8.79
C LEU A 47 3.59 -1.58 9.08
N VAL A 48 3.49 -2.71 8.39
CA VAL A 48 4.43 -3.81 8.57
C VAL A 48 5.41 -3.88 7.40
N LEU A 49 6.66 -4.22 7.71
CA LEU A 49 7.69 -4.33 6.68
C LEU A 49 8.30 -5.74 6.67
N SER A 50 8.51 -6.27 5.48
CA SER A 50 9.09 -7.60 5.32
C SER A 50 10.54 -7.62 5.81
N SER A 51 10.78 -8.30 6.93
CA SER A 51 12.11 -8.40 7.49
C SER A 51 12.97 -9.38 6.69
N LYS A 52 12.64 -10.66 6.78
CA LYS A 52 13.38 -11.69 6.07
C LYS A 52 13.61 -11.30 4.61
N LYS A 53 12.56 -10.78 3.97
CA LYS A 53 12.64 -10.35 2.59
C LYS A 53 12.71 -8.83 2.49
N PRO A 54 13.94 -8.30 2.44
CA PRO A 54 14.17 -6.85 2.34
C PRO A 54 13.77 -6.30 0.98
N GLY A 55 12.94 -5.26 0.98
CA GLY A 55 12.49 -4.66 -0.25
C GLY A 55 10.98 -4.57 -0.36
N THR A 56 10.30 -5.58 0.19
CA THR A 56 8.84 -5.61 0.16
C THR A 56 8.25 -5.33 1.54
N ALA A 57 7.03 -4.80 1.56
CA ALA A 57 6.36 -4.49 2.81
C ALA A 57 4.84 -4.42 2.62
N VAL A 58 4.12 -4.18 3.71
CA VAL A 58 2.67 -4.10 3.66
C VAL A 58 2.15 -3.03 4.61
N VAL A 59 1.28 -2.16 4.10
CA VAL A 59 0.71 -1.08 4.91
C VAL A 59 -0.80 -1.26 5.05
N GLU A 60 -1.30 -0.98 6.26
CA GLU A 60 -2.73 -1.11 6.53
C GLU A 60 -3.39 0.25 6.65
N PHE A 61 -4.41 0.48 5.84
CA PHE A 61 -5.13 1.76 5.85
C PHE A 61 -6.36 1.68 6.75
N ALA A 62 -6.95 2.85 7.04
CA ALA A 62 -8.13 2.91 7.88
C ALA A 62 -9.41 2.84 7.06
N THR A 63 -9.35 3.36 5.84
CA THR A 63 -10.50 3.36 4.94
C THR A 63 -10.08 3.06 3.51
N VAL A 64 -11.06 2.91 2.62
CA VAL A 64 -10.79 2.63 1.22
C VAL A 64 -10.39 3.90 0.47
N LYS A 65 -11.27 4.89 0.47
CA LYS A 65 -11.01 6.15 -0.21
C LYS A 65 -9.55 6.54 -0.06
N ALA A 66 -9.09 6.65 1.17
CA ALA A 66 -7.69 7.01 1.44
C ALA A 66 -6.73 6.05 0.76
N ALA A 67 -6.91 4.76 1.03
CA ALA A 67 -6.06 3.73 0.44
C ALA A 67 -5.96 3.90 -1.09
N GLU A 68 -7.11 3.85 -1.75
CA GLU A 68 -7.15 4.00 -3.20
C GLU A 68 -6.25 5.14 -3.66
N LEU A 69 -6.49 6.33 -3.14
CA LEU A 69 -5.70 7.50 -3.50
C LEU A 69 -4.21 7.23 -3.29
N ALA A 70 -3.86 6.81 -2.08
CA ALA A 70 -2.47 6.51 -1.74
C ALA A 70 -1.82 5.64 -2.82
N VAL A 71 -2.64 4.80 -3.45
CA VAL A 71 -2.13 3.91 -4.50
C VAL A 71 -1.93 4.67 -5.81
N GLN A 72 -2.82 5.60 -6.10
CA GLN A 72 -2.73 6.40 -7.32
C GLN A 72 -2.01 7.71 -7.06
N ASN A 73 -2.60 8.55 -6.21
CA ASN A 73 -2.01 9.84 -5.88
C ASN A 73 -0.51 9.71 -5.65
N GLU A 74 -0.13 9.04 -4.57
CA GLU A 74 1.27 8.84 -4.24
C GLU A 74 1.95 7.94 -5.27
N VAL A 75 3.15 8.32 -5.69
CA VAL A 75 3.90 7.54 -6.66
C VAL A 75 5.23 7.06 -6.07
N GLY A 76 5.85 7.91 -5.26
CA GLY A 76 7.12 7.56 -4.65
C GLY A 76 8.20 8.58 -4.94
N LEU A 77 9.33 8.11 -5.45
CA LEU A 77 10.46 8.99 -5.77
C LEU A 77 10.84 8.88 -7.24
N VAL A 78 11.12 10.01 -7.86
CA VAL A 78 11.51 10.04 -9.27
C VAL A 78 12.55 8.97 -9.57
N ASP A 79 13.49 8.78 -8.65
CA ASP A 79 14.53 7.78 -8.81
C ASP A 79 13.97 6.37 -8.69
N ASN A 80 13.08 6.18 -7.71
CA ASN A 80 12.47 4.88 -7.47
C ASN A 80 10.96 5.02 -7.28
N PRO A 81 10.20 4.83 -8.37
CA PRO A 81 8.74 4.93 -8.34
C PRO A 81 8.10 3.78 -7.58
N LEU A 82 7.90 3.97 -6.28
CA LEU A 82 7.30 2.94 -5.44
C LEU A 82 6.21 2.19 -6.19
N LYS A 83 6.16 0.88 -6.00
CA LYS A 83 5.17 0.05 -6.66
C LYS A 83 4.16 -0.50 -5.66
N ILE A 84 2.94 0.02 -5.71
CA ILE A 84 1.89 -0.42 -4.80
C ILE A 84 0.95 -1.40 -5.49
N SER A 85 0.69 -2.53 -4.83
CA SER A 85 -0.20 -3.54 -5.38
C SER A 85 -1.25 -3.96 -4.35
N TRP A 86 -2.49 -4.13 -4.82
CA TRP A 86 -3.58 -4.51 -3.95
C TRP A 86 -3.47 -5.98 -3.55
N LEU A 87 -2.88 -6.23 -2.39
CA LEU A 87 -2.70 -7.60 -1.90
C LEU A 87 -4.04 -8.32 -1.82
N GLU A 88 -5.01 -7.69 -1.16
CA GLU A 88 -6.33 -8.27 -1.01
C GLU A 88 -7.37 -7.20 -0.66
N GLY A 89 -8.59 -7.39 -1.15
CA GLY A 89 -9.65 -6.44 -0.88
C GLY A 89 -9.65 -5.28 -1.86
N GLN A 90 -9.48 -5.58 -3.15
CA GLN A 90 -9.46 -4.56 -4.18
C GLN A 90 -10.87 -4.23 -4.65
N PRO A 91 -11.19 -2.93 -4.69
CA PRO A 91 -12.51 -2.45 -5.12
C PRO A 91 -12.74 -2.66 -6.61
N GLN A 92 -13.91 -3.18 -6.97
CA GLN A 92 -14.25 -3.42 -8.36
C GLN A 92 -15.15 -2.32 -8.90
N ASP A 93 -16.14 -1.93 -8.11
CA ASP A 93 -17.08 -0.89 -8.51
C ASP A 93 -16.91 0.36 -7.64
N ALA A 94 -17.31 1.50 -8.17
CA ALA A 94 -17.20 2.77 -7.44
C ALA A 94 -18.50 3.56 -7.51
N SER A 95 -19.01 3.95 -6.35
CA SER A 95 -20.25 4.72 -6.28
C SER A 95 -20.09 5.95 -5.39
N GLY A 96 -19.61 5.73 -4.17
CA GLY A 96 -19.41 6.81 -3.24
C GLY A 96 -20.61 7.02 -2.32
N PRO A 97 -20.37 7.65 -1.16
CA PRO A 97 -21.41 7.91 -0.17
C PRO A 97 -22.41 8.95 -0.65
N SER A 98 -21.99 9.78 -1.59
CA SER A 98 -22.86 10.83 -2.14
C SER A 98 -23.34 10.47 -3.54
N SER A 99 -24.52 9.86 -3.61
CA SER A 99 -25.10 9.46 -4.89
C SER A 99 -25.71 10.65 -5.61
N GLY A 100 -25.07 11.08 -6.69
CA GLY A 100 -25.56 12.21 -7.46
C GLY A 100 -25.02 12.24 -8.87
N GLY A 1 -18.34 -21.60 16.58
CA GLY A 1 -18.85 -21.42 15.23
C GLY A 1 -17.90 -20.63 14.35
N SER A 2 -17.92 -20.93 13.05
CA SER A 2 -17.05 -20.25 12.10
C SER A 2 -15.66 -20.02 12.70
N SER A 3 -15.13 -21.05 13.34
CA SER A 3 -13.81 -20.97 13.96
C SER A 3 -12.76 -20.51 12.95
N GLY A 4 -11.95 -19.54 13.36
CA GLY A 4 -10.91 -19.02 12.48
C GLY A 4 -11.48 -18.41 11.22
N SER A 5 -11.18 -19.02 10.08
CA SER A 5 -11.66 -18.52 8.79
C SER A 5 -11.66 -16.99 8.78
N SER A 6 -10.53 -16.39 9.13
CA SER A 6 -10.42 -14.94 9.16
C SER A 6 -9.53 -14.44 8.02
N GLY A 7 -10.09 -13.56 7.19
CA GLY A 7 -9.35 -13.03 6.07
C GLY A 7 -9.72 -11.60 5.75
N GLN A 8 -11.00 -11.38 5.46
CA GLN A 8 -11.49 -10.04 5.14
C GLN A 8 -11.11 -9.04 6.24
N GLY A 9 -11.06 -7.76 5.87
CA GLY A 9 -10.70 -6.73 6.83
C GLY A 9 -10.22 -5.46 6.16
N THR A 10 -9.58 -4.59 6.94
CA THR A 10 -9.06 -3.33 6.42
C THR A 10 -8.33 -3.55 5.10
N PRO A 11 -8.45 -2.57 4.19
CA PRO A 11 -7.82 -2.61 2.88
C PRO A 11 -6.30 -2.48 2.96
N LYS A 12 -5.63 -3.58 3.24
CA LYS A 12 -4.16 -3.59 3.35
C LYS A 12 -3.52 -3.55 1.97
N LEU A 13 -2.48 -2.73 1.83
CA LEU A 13 -1.77 -2.60 0.56
C LEU A 13 -0.34 -3.11 0.68
N LYS A 14 0.23 -3.52 -0.45
CA LYS A 14 1.60 -4.03 -0.46
C LYS A 14 2.55 -3.01 -1.09
N LEU A 15 3.62 -2.69 -0.39
CA LEU A 15 4.61 -1.74 -0.87
C LEU A 15 5.86 -2.45 -1.37
N LYS A 16 6.18 -2.26 -2.64
CA LYS A 16 7.36 -2.89 -3.23
C LYS A 16 8.22 -1.85 -3.94
N TRP A 17 9.54 -1.98 -3.80
CA TRP A 17 10.47 -1.06 -4.43
C TRP A 17 11.77 -1.77 -4.81
N LYS A 18 12.38 -1.33 -5.91
CA LYS A 18 13.63 -1.93 -6.37
C LYS A 18 14.81 -1.35 -5.61
N CYS A 19 15.43 -2.18 -4.77
CA CYS A 19 16.58 -1.76 -3.98
C CYS A 19 17.88 -2.23 -4.62
N LYS A 20 18.16 -3.52 -4.49
CA LYS A 20 19.37 -4.10 -5.06
C LYS A 20 19.20 -5.60 -5.30
N LYS A 21 20.11 -6.18 -6.07
CA LYS A 21 20.06 -7.61 -6.38
C LYS A 21 20.72 -8.42 -5.27
N GLU A 22 21.97 -8.09 -4.96
CA GLU A 22 22.72 -8.79 -3.92
C GLU A 22 23.20 -7.82 -2.85
N ASP A 23 22.29 -7.47 -1.94
CA ASP A 23 22.62 -6.56 -0.85
C ASP A 23 21.46 -6.42 0.13
N GLU A 24 21.71 -6.78 1.39
CA GLU A 24 20.67 -6.71 2.41
C GLU A 24 20.53 -5.28 2.93
N SER A 25 19.81 -4.46 2.17
CA SER A 25 19.59 -3.06 2.55
C SER A 25 18.17 -2.63 2.22
N LYS A 26 17.71 -1.57 2.89
CA LYS A 26 16.36 -1.05 2.68
C LYS A 26 16.32 -0.13 1.45
N GLY A 27 17.22 0.84 1.42
CA GLY A 27 17.27 1.76 0.30
C GLY A 27 16.95 3.19 0.71
N GLY A 28 16.36 3.96 -0.21
CA GLY A 28 16.00 5.33 0.09
C GLY A 28 14.64 5.46 0.71
N TYR A 29 14.17 4.39 1.34
CA TYR A 29 12.86 4.38 1.98
C TYR A 29 12.95 3.89 3.42
N SER A 30 12.22 4.55 4.31
CA SER A 30 12.23 4.18 5.72
C SER A 30 10.80 4.13 6.27
N LYS A 31 10.57 3.20 7.20
CA LYS A 31 9.26 3.04 7.81
C LYS A 31 8.57 4.39 7.97
N ASP A 32 9.32 5.40 8.40
CA ASP A 32 8.79 6.73 8.60
C ASP A 32 8.37 7.35 7.26
N VAL A 33 9.34 7.58 6.39
CA VAL A 33 9.08 8.17 5.09
C VAL A 33 7.78 7.63 4.50
N LEU A 34 7.73 6.31 4.28
CA LEU A 34 6.54 5.68 3.73
C LEU A 34 5.30 6.05 4.52
N LEU A 35 5.41 6.01 5.85
CA LEU A 35 4.30 6.34 6.72
C LEU A 35 3.76 7.74 6.42
N ARG A 36 4.68 8.67 6.18
CA ARG A 36 4.30 10.05 5.87
C ARG A 36 3.76 10.16 4.46
N LEU A 37 4.14 9.22 3.60
CA LEU A 37 3.69 9.21 2.22
C LEU A 37 2.24 8.75 2.11
N LEU A 38 1.85 7.87 3.02
CA LEU A 38 0.49 7.35 3.04
C LEU A 38 -0.36 8.07 4.08
N GLN A 39 0.30 8.62 5.09
CA GLN A 39 -0.40 9.35 6.15
C GLN A 39 -1.22 10.49 5.58
N LYS A 40 -0.55 11.41 4.89
CA LYS A 40 -1.22 12.57 4.29
C LYS A 40 -2.52 12.14 3.62
N TYR A 41 -2.60 10.87 3.24
CA TYR A 41 -3.79 10.34 2.58
C TYR A 41 -4.73 9.71 3.59
N GLY A 42 -4.29 8.60 4.18
CA GLY A 42 -5.10 7.91 5.17
C GLY A 42 -4.38 7.72 6.50
N GLU A 43 -5.15 7.52 7.55
CA GLU A 43 -4.58 7.32 8.88
C GLU A 43 -4.04 5.91 9.05
N VAL A 44 -2.83 5.68 8.54
CA VAL A 44 -2.21 4.37 8.63
C VAL A 44 -2.42 3.76 10.01
N LEU A 45 -3.04 2.58 10.04
CA LEU A 45 -3.30 1.88 11.29
C LEU A 45 -2.15 0.95 11.65
N ASN A 46 -1.51 0.39 10.63
CA ASN A 46 -0.38 -0.51 10.83
C ASN A 46 0.51 -0.57 9.60
N LEU A 47 1.82 -0.44 9.80
CA LEU A 47 2.77 -0.47 8.71
C LEU A 47 3.78 -1.60 8.89
N VAL A 48 3.61 -2.68 8.12
CA VAL A 48 4.50 -3.82 8.20
C VAL A 48 5.49 -3.82 7.04
N LEU A 49 6.58 -4.59 7.20
CA LEU A 49 7.60 -4.68 6.16
C LEU A 49 7.95 -6.15 5.88
N SER A 50 8.92 -6.35 4.99
CA SER A 50 9.34 -7.69 4.62
C SER A 50 9.71 -8.50 5.87
N SER A 51 10.10 -9.75 5.65
CA SER A 51 10.47 -10.64 6.75
C SER A 51 11.88 -11.18 6.55
N LYS A 52 12.18 -11.60 5.33
CA LYS A 52 13.49 -12.14 5.00
C LYS A 52 14.20 -11.26 3.98
N LYS A 53 13.67 -11.22 2.76
CA LYS A 53 14.25 -10.42 1.70
C LYS A 53 13.82 -8.97 1.80
N PRO A 54 14.79 -8.07 2.04
CA PRO A 54 14.53 -6.63 2.17
C PRO A 54 14.12 -6.00 0.84
N GLY A 55 13.22 -5.02 0.91
CA GLY A 55 12.76 -4.34 -0.29
C GLY A 55 11.25 -4.28 -0.38
N THR A 56 10.59 -5.32 0.13
CA THR A 56 9.14 -5.39 0.11
C THR A 56 8.54 -5.03 1.46
N ALA A 57 7.27 -4.66 1.46
CA ALA A 57 6.58 -4.29 2.70
C ALA A 57 5.07 -4.28 2.50
N VAL A 58 4.34 -4.04 3.58
CA VAL A 58 2.88 -4.00 3.53
C VAL A 58 2.33 -3.03 4.56
N VAL A 59 1.49 -2.11 4.10
CA VAL A 59 0.87 -1.11 4.98
C VAL A 59 -0.61 -1.40 5.18
N GLU A 60 -1.20 -0.75 6.17
CA GLU A 60 -2.62 -0.93 6.47
C GLU A 60 -3.32 0.42 6.64
N PHE A 61 -4.37 0.64 5.86
CA PHE A 61 -5.12 1.89 5.93
C PHE A 61 -6.34 1.74 6.84
N ALA A 62 -7.02 2.86 7.09
CA ALA A 62 -8.21 2.85 7.94
C ALA A 62 -9.48 2.91 7.10
N THR A 63 -9.32 3.15 5.81
CA THR A 63 -10.45 3.23 4.90
C THR A 63 -10.02 2.96 3.45
N VAL A 64 -10.99 2.57 2.62
CA VAL A 64 -10.71 2.29 1.22
C VAL A 64 -10.35 3.56 0.46
N LYS A 65 -11.10 4.63 0.72
CA LYS A 65 -10.86 5.90 0.06
C LYS A 65 -9.38 6.27 0.08
N ALA A 66 -8.85 6.54 1.27
CA ALA A 66 -7.45 6.89 1.42
C ALA A 66 -6.56 5.93 0.62
N ALA A 67 -6.82 4.64 0.76
CA ALA A 67 -6.05 3.63 0.05
C ALA A 67 -6.01 3.90 -1.45
N GLU A 68 -7.20 4.02 -2.04
CA GLU A 68 -7.31 4.28 -3.47
C GLU A 68 -6.47 5.48 -3.87
N LEU A 69 -6.40 6.48 -2.99
CA LEU A 69 -5.62 7.69 -3.25
C LEU A 69 -4.13 7.43 -3.05
N ALA A 70 -3.81 6.63 -2.04
CA ALA A 70 -2.41 6.31 -1.74
C ALA A 70 -1.83 5.38 -2.80
N VAL A 71 -2.71 4.72 -3.54
CA VAL A 71 -2.28 3.81 -4.60
C VAL A 71 -2.17 4.51 -5.94
N GLN A 72 -2.90 5.62 -6.07
CA GLN A 72 -2.89 6.40 -7.31
C GLN A 72 -2.00 7.63 -7.17
N ASN A 73 -2.41 8.55 -6.29
CA ASN A 73 -1.66 9.78 -6.06
C ASN A 73 -0.20 9.46 -5.73
N GLU A 74 0.03 9.00 -4.50
CA GLU A 74 1.38 8.67 -4.06
C GLU A 74 2.03 7.67 -5.00
N VAL A 75 3.15 8.07 -5.60
CA VAL A 75 3.87 7.21 -6.52
C VAL A 75 5.20 6.74 -5.91
N GLY A 76 5.73 7.53 -4.98
CA GLY A 76 6.98 7.18 -4.34
C GLY A 76 8.07 8.19 -4.62
N LEU A 77 9.20 7.72 -5.14
CA LEU A 77 10.32 8.59 -5.44
C LEU A 77 10.72 8.48 -6.91
N VAL A 78 10.95 9.63 -7.55
CA VAL A 78 11.34 9.66 -8.95
C VAL A 78 12.34 8.56 -9.28
N ASP A 79 13.43 8.53 -8.53
CA ASP A 79 14.47 7.53 -8.74
C ASP A 79 13.92 6.12 -8.51
N ASN A 80 13.08 5.97 -7.48
CA ASN A 80 12.49 4.68 -7.16
C ASN A 80 11.00 4.82 -6.91
N PRO A 81 10.21 4.75 -7.98
CA PRO A 81 8.75 4.87 -7.92
C PRO A 81 8.10 3.65 -7.24
N LEU A 82 7.91 3.75 -5.93
CA LEU A 82 7.30 2.66 -5.17
C LEU A 82 6.18 1.98 -5.97
N LYS A 83 5.88 0.74 -5.63
CA LYS A 83 4.84 -0.01 -6.31
C LYS A 83 3.77 -0.49 -5.33
N ILE A 84 2.67 0.23 -5.27
CA ILE A 84 1.58 -0.12 -4.37
C ILE A 84 0.57 -1.03 -5.06
N SER A 85 0.66 -2.33 -4.77
CA SER A 85 -0.23 -3.31 -5.36
C SER A 85 -1.31 -3.72 -4.37
N TRP A 86 -2.52 -3.93 -4.88
CA TRP A 86 -3.65 -4.32 -4.04
C TRP A 86 -3.58 -5.81 -3.71
N LEU A 87 -3.10 -6.13 -2.51
CA LEU A 87 -2.99 -7.51 -2.06
C LEU A 87 -4.35 -8.19 -2.04
N GLU A 88 -5.36 -7.47 -1.57
CA GLU A 88 -6.71 -8.00 -1.50
C GLU A 88 -7.71 -6.92 -1.07
N GLY A 89 -8.99 -7.19 -1.28
CA GLY A 89 -10.02 -6.23 -0.92
C GLY A 89 -10.01 -5.02 -1.82
N GLN A 90 -10.01 -5.24 -3.13
CA GLN A 90 -9.99 -4.16 -4.09
C GLN A 90 -11.38 -3.53 -4.22
N PRO A 91 -11.42 -2.20 -4.40
CA PRO A 91 -12.67 -1.45 -4.54
C PRO A 91 -13.37 -1.74 -5.87
N GLN A 92 -14.59 -2.26 -5.78
CA GLN A 92 -15.36 -2.58 -6.98
C GLN A 92 -16.78 -2.02 -6.88
N ASP A 93 -17.48 -1.99 -8.01
CA ASP A 93 -18.85 -1.49 -8.05
C ASP A 93 -19.84 -2.61 -7.80
N ALA A 94 -20.41 -2.63 -6.59
CA ALA A 94 -21.39 -3.64 -6.21
C ALA A 94 -22.79 -3.05 -6.13
N SER A 95 -23.74 -3.68 -6.81
CA SER A 95 -25.11 -3.22 -6.82
C SER A 95 -26.03 -4.21 -6.10
N GLY A 96 -26.16 -4.04 -4.79
CA GLY A 96 -27.00 -4.93 -4.00
C GLY A 96 -27.69 -4.21 -2.86
N PRO A 97 -27.01 -4.17 -1.70
CA PRO A 97 -27.55 -3.51 -0.50
C PRO A 97 -27.60 -1.99 -0.65
N SER A 98 -27.19 -1.49 -1.82
CA SER A 98 -27.19 -0.06 -2.07
C SER A 98 -26.68 0.71 -0.86
N SER A 99 -25.60 0.24 -0.26
CA SER A 99 -25.03 0.89 0.91
C SER A 99 -23.62 1.41 0.61
N GLY A 100 -22.83 0.60 -0.10
CA GLY A 100 -21.49 1.01 -0.44
C GLY A 100 -21.13 0.69 -1.88
N GLY A 1 -20.42 -13.23 1.99
CA GLY A 1 -19.70 -14.15 1.14
C GLY A 1 -19.82 -15.59 1.62
N SER A 2 -20.07 -16.51 0.69
CA SER A 2 -20.22 -17.92 1.02
C SER A 2 -18.89 -18.65 0.84
N SER A 3 -18.27 -18.47 -0.32
CA SER A 3 -17.00 -19.12 -0.63
C SER A 3 -15.83 -18.15 -0.47
N GLY A 4 -14.97 -18.41 0.50
CA GLY A 4 -13.82 -17.55 0.73
C GLY A 4 -13.82 -16.95 2.13
N SER A 5 -14.21 -15.69 2.24
CA SER A 5 -14.24 -15.01 3.52
C SER A 5 -15.30 -13.91 3.53
N SER A 6 -16.00 -13.77 4.65
CA SER A 6 -17.04 -12.75 4.79
C SER A 6 -16.78 -11.87 6.00
N GLY A 7 -17.58 -10.82 6.15
CA GLY A 7 -17.43 -9.91 7.27
C GLY A 7 -16.88 -8.56 6.85
N GLN A 8 -15.94 -8.05 7.62
CA GLN A 8 -15.33 -6.75 7.33
C GLN A 8 -13.82 -6.81 7.49
N GLY A 9 -13.12 -5.88 6.85
CA GLY A 9 -11.67 -5.84 6.94
C GLY A 9 -11.09 -4.57 6.35
N THR A 10 -9.89 -4.20 6.80
CA THR A 10 -9.23 -3.01 6.31
C THR A 10 -8.50 -3.28 5.00
N PRO A 11 -8.53 -2.29 4.09
CA PRO A 11 -7.87 -2.40 2.78
C PRO A 11 -6.35 -2.40 2.89
N LYS A 12 -5.77 -3.55 3.21
CA LYS A 12 -4.33 -3.67 3.35
C LYS A 12 -3.64 -3.62 1.99
N LEU A 13 -2.55 -2.88 1.91
CA LEU A 13 -1.80 -2.74 0.66
C LEU A 13 -0.38 -3.29 0.81
N LYS A 14 0.28 -3.50 -0.31
CA LYS A 14 1.65 -4.02 -0.31
C LYS A 14 2.59 -3.05 -1.01
N LEU A 15 3.55 -2.51 -0.25
CA LEU A 15 4.52 -1.57 -0.81
C LEU A 15 5.71 -2.31 -1.39
N LYS A 16 5.88 -2.21 -2.71
CA LYS A 16 6.99 -2.86 -3.39
C LYS A 16 7.80 -1.86 -4.21
N TRP A 17 9.11 -1.88 -4.02
CA TRP A 17 10.00 -0.97 -4.74
C TRP A 17 11.25 -1.69 -5.23
N LYS A 18 11.84 -1.19 -6.31
CA LYS A 18 13.04 -1.79 -6.88
C LYS A 18 14.19 -1.74 -5.89
N CYS A 19 15.05 -2.74 -5.93
CA CYS A 19 16.21 -2.80 -5.04
C CYS A 19 17.28 -3.74 -5.59
N LYS A 20 18.48 -3.66 -5.02
CA LYS A 20 19.59 -4.49 -5.47
C LYS A 20 19.85 -5.62 -4.47
N LYS A 21 19.56 -6.85 -4.90
CA LYS A 21 19.76 -8.01 -4.06
C LYS A 21 21.09 -7.93 -3.32
N GLU A 22 22.02 -7.15 -3.86
CA GLU A 22 23.34 -6.99 -3.25
C GLU A 22 23.67 -5.51 -3.06
N ASP A 23 24.89 -5.22 -2.63
CA ASP A 23 25.33 -3.86 -2.40
C ASP A 23 24.59 -3.23 -1.22
N GLU A 24 24.28 -4.05 -0.23
CA GLU A 24 23.57 -3.58 0.96
C GLU A 24 22.57 -2.49 0.59
N SER A 25 21.86 -2.69 -0.51
CA SER A 25 20.87 -1.73 -0.97
C SER A 25 19.47 -2.13 -0.53
N LYS A 26 18.95 -1.43 0.48
CA LYS A 26 17.62 -1.72 1.00
C LYS A 26 16.55 -1.36 -0.03
N GLY A 27 16.69 -0.19 -0.66
CA GLY A 27 15.73 0.24 -1.65
C GLY A 27 15.63 1.75 -1.74
N GLY A 28 15.44 2.39 -0.60
CA GLY A 28 15.33 3.84 -0.57
C GLY A 28 14.07 4.31 0.12
N TYR A 29 13.79 3.74 1.30
CA TYR A 29 12.61 4.11 2.07
C TYR A 29 12.75 3.68 3.52
N SER A 30 11.95 4.29 4.40
CA SER A 30 11.98 3.97 5.82
C SER A 30 10.58 3.97 6.40
N LYS A 31 10.34 3.08 7.36
CA LYS A 31 9.04 2.98 8.01
C LYS A 31 8.40 4.36 8.15
N ASP A 32 9.17 5.32 8.63
CA ASP A 32 8.68 6.68 8.81
C ASP A 32 8.27 7.29 7.47
N VAL A 33 9.27 7.56 6.63
CA VAL A 33 9.01 8.15 5.32
C VAL A 33 7.72 7.60 4.71
N LEU A 34 7.72 6.31 4.38
CA LEU A 34 6.55 5.67 3.80
C LEU A 34 5.28 6.02 4.58
N LEU A 35 5.33 5.82 5.89
CA LEU A 35 4.19 6.12 6.75
C LEU A 35 3.64 7.52 6.46
N ARG A 36 4.54 8.49 6.35
CA ARG A 36 4.15 9.86 6.06
C ARG A 36 3.55 9.98 4.67
N LEU A 37 4.26 9.45 3.68
CA LEU A 37 3.81 9.50 2.29
C LEU A 37 2.34 9.08 2.19
N LEU A 38 1.93 8.17 3.06
CA LEU A 38 0.55 7.69 3.07
C LEU A 38 -0.31 8.51 4.02
N GLN A 39 0.25 8.85 5.17
CA GLN A 39 -0.46 9.64 6.17
C GLN A 39 -1.34 10.70 5.50
N LYS A 40 -0.71 11.72 4.93
CA LYS A 40 -1.43 12.79 4.27
C LYS A 40 -2.68 12.25 3.58
N TYR A 41 -2.60 11.02 3.09
CA TYR A 41 -3.74 10.39 2.41
C TYR A 41 -4.64 9.67 3.41
N GLY A 42 -4.11 8.61 4.01
CA GLY A 42 -4.88 7.84 4.98
C GLY A 42 -4.14 7.64 6.28
N GLU A 43 -4.89 7.54 7.38
CA GLU A 43 -4.29 7.35 8.69
C GLU A 43 -3.74 5.94 8.84
N VAL A 44 -2.56 5.71 8.28
CA VAL A 44 -1.92 4.40 8.35
C VAL A 44 -2.09 3.78 9.73
N LEU A 45 -2.95 2.77 9.83
CA LEU A 45 -3.19 2.10 11.10
C LEU A 45 -1.99 1.25 11.50
N ASN A 46 -1.52 0.42 10.57
CA ASN A 46 -0.37 -0.44 10.83
C ASN A 46 0.55 -0.52 9.61
N LEU A 47 1.85 -0.48 9.85
CA LEU A 47 2.82 -0.55 8.77
C LEU A 47 3.85 -1.64 9.04
N VAL A 48 3.75 -2.74 8.30
CA VAL A 48 4.67 -3.85 8.46
C VAL A 48 5.63 -3.94 7.27
N LEU A 49 6.79 -4.56 7.50
CA LEU A 49 7.80 -4.71 6.45
C LEU A 49 8.15 -6.18 6.25
N SER A 50 8.32 -6.58 4.99
CA SER A 50 8.66 -7.96 4.67
C SER A 50 10.17 -8.18 4.79
N SER A 51 10.60 -8.67 5.95
CA SER A 51 12.01 -8.94 6.20
C SER A 51 12.51 -10.07 5.32
N LYS A 52 11.68 -11.09 5.14
CA LYS A 52 12.04 -12.23 4.32
C LYS A 52 12.44 -11.79 2.91
N LYS A 53 11.61 -10.96 2.30
CA LYS A 53 11.87 -10.45 0.96
C LYS A 53 12.35 -9.01 1.00
N PRO A 54 13.60 -8.78 0.56
CA PRO A 54 14.20 -7.45 0.53
C PRO A 54 13.57 -6.54 -0.52
N GLY A 55 13.18 -5.35 -0.10
CA GLY A 55 12.56 -4.40 -1.01
C GLY A 55 11.06 -4.60 -1.13
N THR A 56 10.44 -5.00 -0.02
CA THR A 56 9.00 -5.23 0.00
C THR A 56 8.43 -4.96 1.39
N ALA A 57 7.21 -4.45 1.44
CA ALA A 57 6.55 -4.16 2.71
C ALA A 57 5.03 -4.19 2.56
N VAL A 58 4.33 -4.14 3.68
CA VAL A 58 2.87 -4.17 3.68
C VAL A 58 2.29 -3.19 4.68
N VAL A 59 1.45 -2.29 4.20
CA VAL A 59 0.82 -1.28 5.06
C VAL A 59 -0.66 -1.56 5.24
N GLU A 60 -1.25 -0.95 6.26
CA GLU A 60 -2.67 -1.13 6.56
C GLU A 60 -3.36 0.21 6.73
N PHE A 61 -4.37 0.46 5.90
CA PHE A 61 -5.13 1.71 5.97
C PHE A 61 -6.36 1.55 6.85
N ALA A 62 -7.05 2.67 7.10
CA ALA A 62 -8.24 2.66 7.92
C ALA A 62 -9.50 2.64 7.07
N THR A 63 -9.39 3.13 5.85
CA THR A 63 -10.52 3.18 4.93
C THR A 63 -10.09 2.82 3.51
N VAL A 64 -11.07 2.70 2.62
CA VAL A 64 -10.79 2.36 1.22
C VAL A 64 -10.37 3.60 0.43
N LYS A 65 -11.14 4.67 0.57
CA LYS A 65 -10.85 5.92 -0.13
C LYS A 65 -9.36 6.26 -0.04
N ALA A 66 -8.89 6.54 1.17
CA ALA A 66 -7.49 6.87 1.38
C ALA A 66 -6.57 5.90 0.64
N ALA A 67 -6.78 4.61 0.84
CA ALA A 67 -5.99 3.59 0.19
C ALA A 67 -5.90 3.84 -1.31
N GLU A 68 -7.06 3.80 -1.98
CA GLU A 68 -7.10 4.02 -3.42
C GLU A 68 -6.22 5.20 -3.83
N LEU A 69 -6.38 6.31 -3.12
CA LEU A 69 -5.60 7.51 -3.41
C LEU A 69 -4.11 7.24 -3.23
N ALA A 70 -3.76 6.57 -2.13
CA ALA A 70 -2.36 6.26 -1.85
C ALA A 70 -1.76 5.40 -2.96
N VAL A 71 -2.59 4.57 -3.58
CA VAL A 71 -2.14 3.70 -4.66
C VAL A 71 -2.01 4.47 -5.97
N GLN A 72 -2.67 5.62 -6.05
CA GLN A 72 -2.62 6.45 -7.24
C GLN A 72 -1.82 7.72 -6.99
N ASN A 73 -2.36 8.60 -6.17
CA ASN A 73 -1.70 9.86 -5.84
C ASN A 73 -0.22 9.62 -5.52
N GLU A 74 0.05 9.01 -4.38
CA GLU A 74 1.42 8.72 -3.96
C GLU A 74 2.10 7.78 -4.95
N VAL A 75 3.24 8.22 -5.48
CA VAL A 75 3.99 7.42 -6.44
C VAL A 75 5.32 6.95 -5.84
N GLY A 76 5.83 7.71 -4.88
CA GLY A 76 7.07 7.34 -4.23
C GLY A 76 8.19 8.33 -4.53
N LEU A 77 9.26 7.85 -5.14
CA LEU A 77 10.41 8.70 -5.48
C LEU A 77 10.80 8.52 -6.94
N VAL A 78 11.09 9.62 -7.60
CA VAL A 78 11.49 9.59 -9.01
C VAL A 78 12.43 8.42 -9.28
N ASP A 79 13.57 8.41 -8.58
CA ASP A 79 14.55 7.34 -8.74
C ASP A 79 13.90 5.98 -8.60
N ASN A 80 13.04 5.84 -7.60
CA ASN A 80 12.35 4.57 -7.34
C ASN A 80 10.86 4.80 -7.15
N PRO A 81 10.09 4.67 -8.24
CA PRO A 81 8.64 4.85 -8.21
C PRO A 81 7.92 3.74 -7.46
N LEU A 82 7.70 3.96 -6.17
CA LEU A 82 7.03 2.97 -5.33
C LEU A 82 5.96 2.21 -6.12
N LYS A 83 5.83 0.92 -5.84
CA LYS A 83 4.84 0.09 -6.53
C LYS A 83 3.84 -0.51 -5.54
N ILE A 84 2.81 0.26 -5.24
CA ILE A 84 1.78 -0.19 -4.30
C ILE A 84 0.78 -1.12 -4.99
N SER A 85 0.80 -2.39 -4.60
CA SER A 85 -0.09 -3.39 -5.17
C SER A 85 -1.18 -3.79 -4.17
N TRP A 86 -2.37 -4.06 -4.69
CA TRP A 86 -3.49 -4.45 -3.84
C TRP A 86 -3.44 -5.95 -3.55
N LEU A 87 -3.07 -6.29 -2.32
CA LEU A 87 -3.00 -7.68 -1.90
C LEU A 87 -4.37 -8.33 -1.91
N GLU A 88 -5.35 -7.66 -1.32
CA GLU A 88 -6.71 -8.17 -1.26
C GLU A 88 -7.68 -7.10 -0.75
N GLY A 89 -8.87 -7.06 -1.34
CA GLY A 89 -9.86 -6.08 -0.94
C GLY A 89 -9.89 -4.87 -1.85
N GLN A 90 -9.75 -5.12 -3.16
CA GLN A 90 -9.76 -4.04 -4.14
C GLN A 90 -11.18 -3.56 -4.40
N PRO A 91 -11.34 -2.24 -4.52
CA PRO A 91 -12.65 -1.62 -4.78
C PRO A 91 -13.15 -1.90 -6.19
N GLN A 92 -14.28 -2.57 -6.29
CA GLN A 92 -14.86 -2.90 -7.59
C GLN A 92 -16.33 -2.47 -7.65
N ASP A 93 -16.55 -1.20 -7.99
CA ASP A 93 -17.90 -0.67 -8.09
C ASP A 93 -17.92 0.60 -8.96
N ALA A 94 -19.12 1.14 -9.17
CA ALA A 94 -19.27 2.34 -9.98
C ALA A 94 -18.43 2.27 -11.24
N SER A 95 -18.38 1.09 -11.86
CA SER A 95 -17.60 0.89 -13.07
C SER A 95 -18.47 1.07 -14.30
N GLY A 96 -17.83 1.37 -15.43
CA GLY A 96 -18.56 1.57 -16.66
C GLY A 96 -18.25 2.91 -17.31
N PRO A 97 -19.02 3.25 -18.35
CA PRO A 97 -18.84 4.51 -19.09
C PRO A 97 -19.27 5.73 -18.26
N SER A 98 -18.29 6.38 -17.63
CA SER A 98 -18.56 7.55 -16.80
C SER A 98 -17.79 8.76 -17.32
N SER A 99 -18.00 9.90 -16.67
CA SER A 99 -17.32 11.14 -17.06
C SER A 99 -17.00 12.00 -15.84
N GLY A 100 -15.90 12.74 -15.91
CA GLY A 100 -15.50 13.59 -14.81
C GLY A 100 -15.03 12.79 -13.62
N GLY A 1 -8.38 -12.69 -15.00
CA GLY A 1 -9.72 -12.13 -14.93
C GLY A 1 -10.26 -12.15 -13.51
N SER A 2 -10.11 -11.03 -12.80
CA SER A 2 -10.58 -10.92 -11.43
C SER A 2 -12.07 -10.59 -11.40
N SER A 3 -12.90 -11.63 -11.47
CA SER A 3 -14.35 -11.45 -11.46
C SER A 3 -14.75 -10.35 -10.48
N GLY A 4 -14.42 -10.54 -9.20
CA GLY A 4 -14.75 -9.56 -8.19
C GLY A 4 -14.64 -10.12 -6.79
N SER A 5 -13.56 -9.75 -6.08
CA SER A 5 -13.35 -10.23 -4.73
C SER A 5 -14.31 -9.55 -3.75
N SER A 6 -14.52 -10.20 -2.61
CA SER A 6 -15.43 -9.67 -1.59
C SER A 6 -14.70 -8.74 -0.64
N GLY A 7 -15.39 -7.70 -0.19
CA GLY A 7 -14.78 -6.75 0.73
C GLY A 7 -14.83 -7.22 2.18
N GLN A 8 -13.66 -7.39 2.78
CA GLN A 8 -13.57 -7.84 4.16
C GLN A 8 -12.40 -7.17 4.88
N GLY A 9 -12.62 -6.79 6.13
CA GLY A 9 -11.57 -6.14 6.92
C GLY A 9 -11.03 -4.91 6.22
N THR A 10 -10.08 -4.25 6.88
CA THR A 10 -9.48 -3.04 6.33
C THR A 10 -8.77 -3.34 5.01
N PRO A 11 -8.79 -2.34 4.10
CA PRO A 11 -8.16 -2.48 2.78
C PRO A 11 -6.63 -2.51 2.87
N LYS A 12 -6.09 -3.68 3.17
CA LYS A 12 -4.64 -3.84 3.29
C LYS A 12 -3.96 -3.59 1.95
N LEU A 13 -2.79 -2.96 1.99
CA LEU A 13 -2.03 -2.67 0.77
C LEU A 13 -0.61 -3.21 0.87
N LYS A 14 -0.03 -3.53 -0.27
CA LYS A 14 1.34 -4.05 -0.32
C LYS A 14 2.27 -3.09 -1.04
N LEU A 15 3.34 -2.70 -0.37
CA LEU A 15 4.31 -1.78 -0.95
C LEU A 15 5.56 -2.52 -1.43
N LYS A 16 5.90 -2.35 -2.70
CA LYS A 16 7.07 -2.99 -3.28
C LYS A 16 7.96 -1.98 -3.99
N TRP A 17 9.26 -2.06 -3.74
CA TRP A 17 10.21 -1.16 -4.36
C TRP A 17 11.53 -1.87 -4.68
N LYS A 18 12.16 -1.48 -5.79
CA LYS A 18 13.42 -2.09 -6.20
C LYS A 18 14.44 -2.05 -5.05
N CYS A 19 15.47 -2.88 -5.17
CA CYS A 19 16.51 -2.93 -4.15
C CYS A 19 17.80 -3.52 -4.72
N LYS A 20 18.93 -3.12 -4.15
CA LYS A 20 20.23 -3.60 -4.60
C LYS A 20 20.26 -5.13 -4.63
N LYS A 21 21.28 -5.68 -5.29
CA LYS A 21 21.43 -7.13 -5.40
C LYS A 21 21.33 -7.79 -4.03
N GLU A 22 20.11 -8.15 -3.64
CA GLU A 22 19.89 -8.79 -2.35
C GLU A 22 20.85 -8.25 -1.29
N ASP A 23 20.85 -6.94 -1.13
CA ASP A 23 21.73 -6.28 -0.15
C ASP A 23 21.15 -6.40 1.25
N GLU A 24 21.99 -6.14 2.25
CA GLU A 24 21.56 -6.22 3.65
C GLU A 24 20.91 -4.91 4.09
N SER A 25 20.02 -4.39 3.26
CA SER A 25 19.34 -3.14 3.57
C SER A 25 18.02 -3.03 2.79
N LYS A 26 17.22 -2.03 3.14
CA LYS A 26 15.93 -1.82 2.48
C LYS A 26 16.13 -1.16 1.12
N GLY A 27 16.86 -0.05 1.10
CA GLY A 27 17.11 0.66 -0.14
C GLY A 27 17.03 2.16 0.02
N GLY A 28 16.09 2.78 -0.69
CA GLY A 28 15.93 4.22 -0.61
C GLY A 28 14.61 4.62 0.02
N TYR A 29 14.21 3.90 1.06
CA TYR A 29 12.96 4.18 1.76
C TYR A 29 13.04 3.77 3.23
N SER A 30 12.24 4.41 4.06
CA SER A 30 12.22 4.12 5.49
C SER A 30 10.79 4.07 6.02
N LYS A 31 10.64 3.58 7.24
CA LYS A 31 9.33 3.48 7.87
C LYS A 31 8.62 4.84 7.88
N ASP A 32 9.36 5.89 8.24
CA ASP A 32 8.81 7.23 8.28
C ASP A 32 8.41 7.70 6.89
N VAL A 33 9.34 7.64 5.95
CA VAL A 33 9.09 8.06 4.58
C VAL A 33 7.79 7.46 4.05
N LEU A 34 7.58 6.17 4.33
CA LEU A 34 6.38 5.48 3.88
C LEU A 34 5.18 5.89 4.72
N LEU A 35 5.38 5.97 6.03
CA LEU A 35 4.30 6.36 6.94
C LEU A 35 3.73 7.73 6.56
N ARG A 36 4.61 8.64 6.16
CA ARG A 36 4.20 9.98 5.78
C ARG A 36 3.61 9.98 4.37
N LEU A 37 4.26 9.27 3.45
CA LEU A 37 3.80 9.19 2.07
C LEU A 37 2.37 8.67 2.01
N LEU A 38 2.00 7.86 3.01
CA LEU A 38 0.65 7.29 3.06
C LEU A 38 -0.23 8.09 4.02
N GLN A 39 0.32 8.44 5.17
CA GLN A 39 -0.42 9.20 6.17
C GLN A 39 -1.16 10.36 5.52
N LYS A 40 -0.40 11.27 4.92
CA LYS A 40 -0.98 12.44 4.28
C LYS A 40 -2.31 12.09 3.60
N TYR A 41 -2.41 10.86 3.14
CA TYR A 41 -3.63 10.38 2.47
C TYR A 41 -4.59 9.75 3.47
N GLY A 42 -4.13 8.69 4.13
CA GLY A 42 -4.96 8.01 5.10
C GLY A 42 -4.17 7.53 6.31
N GLU A 43 -4.82 7.53 7.47
CA GLU A 43 -4.16 7.09 8.70
C GLU A 43 -3.68 5.66 8.59
N VAL A 44 -2.39 5.44 8.86
CA VAL A 44 -1.80 4.11 8.78
C VAL A 44 -1.99 3.35 10.09
N LEU A 45 -3.02 2.51 10.12
CA LEU A 45 -3.32 1.72 11.32
C LEU A 45 -2.13 0.83 11.69
N ASN A 46 -1.74 -0.04 10.76
CA ASN A 46 -0.62 -0.94 10.99
C ASN A 46 0.28 -1.02 9.76
N LEU A 47 1.56 -0.72 9.94
CA LEU A 47 2.52 -0.76 8.85
C LEU A 47 3.59 -1.81 9.11
N VAL A 48 3.56 -2.89 8.33
CA VAL A 48 4.53 -3.96 8.46
C VAL A 48 5.51 -3.97 7.30
N LEU A 49 6.72 -4.45 7.57
CA LEU A 49 7.76 -4.52 6.54
C LEU A 49 8.46 -5.87 6.55
N SER A 50 8.69 -6.43 5.38
CA SER A 50 9.36 -7.72 5.25
C SER A 50 10.80 -7.63 5.73
N SER A 51 11.10 -8.36 6.80
CA SER A 51 12.45 -8.36 7.37
C SER A 51 13.37 -9.29 6.57
N LYS A 52 12.95 -10.54 6.42
CA LYS A 52 13.73 -11.52 5.69
C LYS A 52 14.08 -11.01 4.29
N LYS A 53 13.06 -10.68 3.51
CA LYS A 53 13.27 -10.17 2.16
C LYS A 53 13.11 -8.66 2.12
N PRO A 54 14.25 -7.95 2.14
CA PRO A 54 14.26 -6.48 2.11
C PRO A 54 13.82 -5.93 0.76
N GLY A 55 12.91 -4.96 0.79
CA GLY A 55 12.43 -4.35 -0.45
C GLY A 55 10.92 -4.37 -0.54
N THR A 56 10.29 -5.35 0.11
CA THR A 56 8.84 -5.48 0.09
C THR A 56 8.25 -5.16 1.46
N ALA A 57 7.02 -4.65 1.46
CA ALA A 57 6.34 -4.30 2.70
C ALA A 57 4.82 -4.27 2.51
N VAL A 58 4.09 -4.04 3.59
CA VAL A 58 2.64 -3.99 3.54
C VAL A 58 2.08 -2.98 4.55
N VAL A 59 1.18 -2.13 4.08
CA VAL A 59 0.57 -1.11 4.94
C VAL A 59 -0.92 -1.36 5.12
N GLU A 60 -1.41 -1.09 6.32
CA GLU A 60 -2.82 -1.29 6.62
C GLU A 60 -3.53 0.04 6.85
N PHE A 61 -4.36 0.43 5.89
CA PHE A 61 -5.10 1.70 5.98
C PHE A 61 -6.35 1.53 6.85
N ALA A 62 -7.07 2.63 7.04
CA ALA A 62 -8.28 2.62 7.84
C ALA A 62 -9.52 2.56 6.96
N THR A 63 -9.44 3.18 5.78
CA THR A 63 -10.55 3.19 4.85
C THR A 63 -10.08 2.95 3.42
N VAL A 64 -11.02 2.63 2.53
CA VAL A 64 -10.69 2.38 1.14
C VAL A 64 -10.33 3.68 0.41
N LYS A 65 -11.22 4.66 0.50
CA LYS A 65 -10.98 5.95 -0.15
C LYS A 65 -9.52 6.35 -0.06
N ALA A 66 -9.01 6.48 1.17
CA ALA A 66 -7.63 6.86 1.40
C ALA A 66 -6.68 5.92 0.65
N ALA A 67 -6.94 4.62 0.76
CA ALA A 67 -6.11 3.63 0.10
C ALA A 67 -6.00 3.91 -1.40
N GLU A 68 -7.15 4.00 -2.07
CA GLU A 68 -7.16 4.26 -3.50
C GLU A 68 -6.29 5.47 -3.85
N LEU A 69 -6.45 6.53 -3.07
CA LEU A 69 -5.67 7.75 -3.29
C LEU A 69 -4.18 7.50 -3.09
N ALA A 70 -3.84 6.82 -2.00
CA ALA A 70 -2.45 6.51 -1.69
C ALA A 70 -1.85 5.57 -2.73
N VAL A 71 -2.71 4.75 -3.33
CA VAL A 71 -2.27 3.80 -4.35
C VAL A 71 -2.15 4.48 -5.71
N GLN A 72 -2.78 5.63 -5.86
CA GLN A 72 -2.75 6.37 -7.11
C GLN A 72 -1.91 7.64 -6.97
N ASN A 73 -2.43 8.60 -6.20
CA ASN A 73 -1.72 9.87 -5.99
C ASN A 73 -0.25 9.62 -5.68
N GLU A 74 0.02 9.05 -4.50
CA GLU A 74 1.39 8.77 -4.09
C GLU A 74 2.09 7.88 -5.12
N VAL A 75 3.30 8.27 -5.49
CA VAL A 75 4.09 7.51 -6.46
C VAL A 75 5.39 7.02 -5.85
N GLY A 76 6.03 7.87 -5.05
CA GLY A 76 7.28 7.51 -4.42
C GLY A 76 8.40 8.49 -4.73
N LEU A 77 9.50 7.98 -5.28
CA LEU A 77 10.64 8.81 -5.63
C LEU A 77 10.97 8.67 -7.11
N VAL A 78 11.28 9.80 -7.75
CA VAL A 78 11.63 9.81 -9.16
C VAL A 78 12.59 8.67 -9.50
N ASP A 79 13.59 8.47 -8.65
CA ASP A 79 14.57 7.41 -8.86
C ASP A 79 13.93 6.04 -8.71
N ASN A 80 13.08 5.90 -7.69
CA ASN A 80 12.40 4.64 -7.44
C ASN A 80 10.92 4.86 -7.16
N PRO A 81 10.10 4.79 -8.23
CA PRO A 81 8.65 4.98 -8.12
C PRO A 81 7.96 3.83 -7.40
N LEU A 82 7.79 3.99 -6.09
CA LEU A 82 7.14 2.96 -5.27
C LEU A 82 6.04 2.26 -6.05
N LYS A 83 5.93 0.95 -5.88
CA LYS A 83 4.92 0.17 -6.56
C LYS A 83 3.89 -0.37 -5.57
N ILE A 84 2.82 0.38 -5.35
CA ILE A 84 1.77 -0.02 -4.43
C ILE A 84 0.86 -1.07 -5.06
N SER A 85 1.01 -2.31 -4.63
CA SER A 85 0.20 -3.40 -5.15
C SER A 85 -0.89 -3.81 -4.17
N TRP A 86 -2.13 -3.80 -4.63
CA TRP A 86 -3.27 -4.15 -3.78
C TRP A 86 -3.23 -5.64 -3.42
N LEU A 87 -2.85 -5.92 -2.17
CA LEU A 87 -2.77 -7.30 -1.69
C LEU A 87 -4.13 -7.99 -1.79
N GLU A 88 -5.18 -7.28 -1.39
CA GLU A 88 -6.53 -7.82 -1.44
C GLU A 88 -7.55 -6.76 -1.06
N GLY A 89 -8.80 -6.96 -1.49
CA GLY A 89 -9.85 -6.00 -1.20
C GLY A 89 -9.76 -4.76 -2.06
N GLN A 90 -9.98 -4.93 -3.36
CA GLN A 90 -9.93 -3.80 -4.28
C GLN A 90 -11.32 -3.24 -4.53
N PRO A 91 -11.38 -1.93 -4.87
CA PRO A 91 -12.66 -1.25 -5.15
C PRO A 91 -13.29 -1.72 -6.45
N GLN A 92 -14.51 -2.24 -6.35
CA GLN A 92 -15.23 -2.72 -7.52
C GLN A 92 -16.38 -1.78 -7.88
N ASP A 93 -16.81 -1.84 -9.13
CA ASP A 93 -17.89 -1.00 -9.61
C ASP A 93 -19.21 -1.36 -8.94
N ALA A 94 -19.42 -0.83 -7.73
CA ALA A 94 -20.64 -1.11 -6.98
C ALA A 94 -20.93 0.01 -5.99
N SER A 95 -22.03 0.72 -6.21
CA SER A 95 -22.43 1.82 -5.34
C SER A 95 -22.94 1.30 -4.01
N GLY A 96 -23.88 0.35 -4.06
CA GLY A 96 -24.45 -0.21 -2.85
C GLY A 96 -25.93 0.01 -2.74
N PRO A 97 -26.45 -0.04 -1.51
CA PRO A 97 -27.88 0.15 -1.25
C PRO A 97 -28.33 1.60 -1.48
N SER A 98 -29.29 1.78 -2.37
CA SER A 98 -29.80 3.11 -2.68
C SER A 98 -31.10 3.39 -1.94
N SER A 99 -31.21 4.59 -1.37
CA SER A 99 -32.40 4.97 -0.62
C SER A 99 -32.60 6.48 -0.66
N GLY A 100 -33.75 6.94 -0.17
CA GLY A 100 -34.04 8.35 -0.16
C GLY A 100 -35.27 8.70 -0.96
N GLY A 1 -17.04 -10.96 -8.42
CA GLY A 1 -16.47 -11.98 -9.27
C GLY A 1 -15.07 -12.38 -8.83
N SER A 2 -14.22 -12.71 -9.80
CA SER A 2 -12.85 -13.11 -9.51
C SER A 2 -12.17 -12.11 -8.59
N SER A 3 -11.10 -12.55 -7.93
CA SER A 3 -10.35 -11.70 -7.02
C SER A 3 -11.31 -10.85 -6.17
N GLY A 4 -12.38 -11.47 -5.70
CA GLY A 4 -13.36 -10.76 -4.89
C GLY A 4 -12.95 -10.70 -3.43
N SER A 5 -13.16 -9.54 -2.81
CA SER A 5 -12.80 -9.34 -1.41
C SER A 5 -13.40 -10.45 -0.55
N SER A 6 -12.70 -10.78 0.54
CA SER A 6 -13.15 -11.82 1.45
C SER A 6 -13.21 -11.31 2.88
N GLY A 7 -14.31 -11.59 3.58
CA GLY A 7 -14.47 -11.16 4.94
C GLY A 7 -14.60 -9.64 5.05
N GLN A 8 -14.48 -9.13 6.28
CA GLN A 8 -14.59 -7.70 6.51
C GLN A 8 -13.37 -7.18 7.26
N GLY A 9 -12.56 -6.35 6.60
CA GLY A 9 -11.38 -5.81 7.23
C GLY A 9 -10.88 -4.56 6.53
N THR A 10 -9.71 -4.07 6.96
CA THR A 10 -9.13 -2.86 6.37
C THR A 10 -8.42 -3.19 5.06
N PRO A 11 -8.50 -2.27 4.10
CA PRO A 11 -7.85 -2.43 2.79
C PRO A 11 -6.33 -2.34 2.87
N LYS A 12 -5.71 -3.45 3.27
CA LYS A 12 -4.26 -3.51 3.39
C LYS A 12 -3.60 -3.47 2.01
N LEU A 13 -2.56 -2.64 1.88
CA LEU A 13 -1.84 -2.51 0.62
C LEU A 13 -0.42 -3.04 0.74
N LYS A 14 0.19 -3.35 -0.39
CA LYS A 14 1.56 -3.86 -0.41
C LYS A 14 2.51 -2.86 -1.04
N LEU A 15 3.62 -2.60 -0.35
CA LEU A 15 4.61 -1.65 -0.85
C LEU A 15 5.87 -2.38 -1.33
N LYS A 16 6.17 -2.25 -2.62
CA LYS A 16 7.33 -2.89 -3.20
C LYS A 16 8.23 -1.87 -3.90
N TRP A 17 9.52 -1.92 -3.59
CA TRP A 17 10.48 -1.00 -4.19
C TRP A 17 11.78 -1.72 -4.54
N LYS A 18 12.42 -1.29 -5.63
CA LYS A 18 13.67 -1.88 -6.07
C LYS A 18 14.75 -1.74 -5.00
N CYS A 19 15.55 -2.77 -4.84
CA CYS A 19 16.63 -2.76 -3.85
C CYS A 19 17.84 -3.55 -4.35
N LYS A 20 18.93 -2.84 -4.63
CA LYS A 20 20.16 -3.47 -5.11
C LYS A 20 20.55 -4.63 -4.22
N LYS A 21 21.51 -5.43 -4.68
CA LYS A 21 21.98 -6.58 -3.92
C LYS A 21 23.35 -6.29 -3.30
N GLU A 22 24.24 -5.72 -4.09
CA GLU A 22 25.58 -5.38 -3.61
C GLU A 22 25.56 -4.13 -2.74
N ASP A 23 24.72 -3.18 -3.10
CA ASP A 23 24.59 -1.93 -2.35
C ASP A 23 23.82 -2.16 -1.05
N GLU A 24 24.55 -2.39 0.04
CA GLU A 24 23.92 -2.61 1.34
C GLU A 24 23.09 -1.41 1.77
N SER A 25 21.80 -1.47 1.46
CA SER A 25 20.89 -0.38 1.80
C SER A 25 19.43 -0.80 1.59
N LYS A 26 18.51 -0.03 2.16
CA LYS A 26 17.08 -0.33 2.03
C LYS A 26 16.60 -0.04 0.60
N GLY A 27 16.81 1.19 0.14
CA GLY A 27 16.39 1.56 -1.19
C GLY A 27 15.76 2.93 -1.23
N GLY A 28 16.29 3.85 -0.42
CA GLY A 28 15.76 5.21 -0.39
C GLY A 28 14.37 5.26 0.23
N TYR A 29 14.14 4.43 1.24
CA TYR A 29 12.84 4.40 1.92
C TYR A 29 12.98 3.83 3.32
N SER A 30 11.97 4.06 4.15
CA SER A 30 11.96 3.58 5.52
C SER A 30 10.56 3.54 6.09
N LYS A 31 10.39 2.85 7.21
CA LYS A 31 9.09 2.73 7.86
C LYS A 31 8.46 4.11 8.06
N ASP A 32 9.26 5.06 8.50
CA ASP A 32 8.78 6.42 8.73
C ASP A 32 8.37 7.08 7.41
N VAL A 33 9.31 7.15 6.48
CA VAL A 33 9.04 7.75 5.18
C VAL A 33 7.74 7.23 4.58
N LEU A 34 7.70 5.95 4.29
CA LEU A 34 6.51 5.32 3.71
C LEU A 34 5.27 5.69 4.51
N LEU A 35 5.40 5.68 5.83
CA LEU A 35 4.28 6.03 6.72
C LEU A 35 3.74 7.42 6.40
N ARG A 36 4.64 8.33 6.06
CA ARG A 36 4.26 9.70 5.74
C ARG A 36 3.64 9.77 4.35
N LEU A 37 4.31 9.15 3.37
CA LEU A 37 3.82 9.15 2.00
C LEU A 37 2.37 8.70 1.93
N LEU A 38 1.99 7.80 2.84
CA LEU A 38 0.63 7.29 2.88
C LEU A 38 -0.21 8.08 3.88
N GLN A 39 0.31 8.24 5.09
CA GLN A 39 -0.39 8.99 6.14
C GLN A 39 -1.21 10.12 5.54
N LYS A 40 -0.52 11.10 4.97
CA LYS A 40 -1.19 12.25 4.37
C LYS A 40 -2.53 11.84 3.74
N TYR A 41 -2.52 10.70 3.05
CA TYR A 41 -3.72 10.19 2.40
C TYR A 41 -4.62 9.45 3.40
N GLY A 42 -4.09 8.39 3.99
CA GLY A 42 -4.85 7.62 4.95
C GLY A 42 -4.09 7.40 6.25
N GLU A 43 -4.80 7.51 7.37
CA GLU A 43 -4.18 7.32 8.68
C GLU A 43 -3.67 5.90 8.85
N VAL A 44 -2.41 5.68 8.51
CA VAL A 44 -1.80 4.36 8.62
C VAL A 44 -2.04 3.75 10.00
N LEU A 45 -2.80 2.67 10.04
CA LEU A 45 -3.11 2.00 11.30
C LEU A 45 -2.01 1.01 11.68
N ASN A 46 -1.67 0.14 10.74
CA ASN A 46 -0.63 -0.87 10.96
C ASN A 46 0.31 -0.95 9.76
N LEU A 47 1.57 -0.59 9.99
CA LEU A 47 2.58 -0.62 8.93
C LEU A 47 3.62 -1.71 9.20
N VAL A 48 3.51 -2.82 8.47
CA VAL A 48 4.44 -3.92 8.62
C VAL A 48 5.49 -3.93 7.51
N LEU A 49 6.68 -4.40 7.83
CA LEU A 49 7.77 -4.46 6.87
C LEU A 49 8.41 -5.85 6.84
N SER A 50 8.68 -6.34 5.63
CA SER A 50 9.28 -7.66 5.48
C SER A 50 10.64 -7.72 6.16
N SER A 51 10.80 -8.68 7.06
CA SER A 51 12.04 -8.85 7.80
C SER A 51 13.01 -9.76 7.02
N LYS A 52 12.52 -10.92 6.63
CA LYS A 52 13.35 -11.87 5.87
C LYS A 52 13.73 -11.30 4.52
N LYS A 53 12.72 -10.91 3.74
CA LYS A 53 12.95 -10.34 2.41
C LYS A 53 12.84 -8.82 2.44
N PRO A 54 14.00 -8.15 2.51
CA PRO A 54 14.05 -6.68 2.54
C PRO A 54 13.65 -6.06 1.22
N GLY A 55 12.94 -4.93 1.28
CA GLY A 55 12.51 -4.24 0.08
C GLY A 55 11.00 -4.22 -0.06
N THR A 56 10.34 -5.29 0.36
CA THR A 56 8.89 -5.38 0.28
C THR A 56 8.26 -5.13 1.64
N ALA A 57 7.07 -4.52 1.63
CA ALA A 57 6.35 -4.22 2.87
C ALA A 57 4.85 -4.22 2.63
N VAL A 58 4.09 -4.01 3.70
CA VAL A 58 2.63 -3.99 3.61
C VAL A 58 2.04 -3.05 4.67
N VAL A 59 1.29 -2.05 4.20
CA VAL A 59 0.66 -1.09 5.09
C VAL A 59 -0.84 -1.35 5.21
N GLU A 60 -1.41 -1.00 6.36
CA GLU A 60 -2.84 -1.19 6.60
C GLU A 60 -3.54 0.15 6.79
N PHE A 61 -4.37 0.53 5.82
CA PHE A 61 -5.11 1.78 5.89
C PHE A 61 -6.34 1.65 6.77
N ALA A 62 -6.97 2.78 7.07
CA ALA A 62 -8.17 2.79 7.91
C ALA A 62 -9.44 2.75 7.07
N THR A 63 -9.33 3.19 5.82
CA THR A 63 -10.47 3.19 4.91
C THR A 63 -10.03 2.91 3.47
N VAL A 64 -11.01 2.69 2.59
CA VAL A 64 -10.72 2.41 1.19
C VAL A 64 -10.34 3.68 0.44
N LYS A 65 -11.23 4.68 0.50
CA LYS A 65 -10.98 5.95 -0.18
C LYS A 65 -9.53 6.40 0.00
N ALA A 66 -9.13 6.61 1.24
CA ALA A 66 -7.77 7.02 1.54
C ALA A 66 -6.75 6.14 0.84
N ALA A 67 -6.88 4.83 1.02
CA ALA A 67 -5.98 3.88 0.39
C ALA A 67 -5.92 4.08 -1.12
N GLU A 68 -7.05 3.87 -1.79
CA GLU A 68 -7.13 4.03 -3.23
C GLU A 68 -6.28 5.20 -3.70
N LEU A 69 -6.52 6.37 -3.11
CA LEU A 69 -5.78 7.57 -3.46
C LEU A 69 -4.28 7.37 -3.28
N ALA A 70 -3.87 7.03 -2.05
CA ALA A 70 -2.47 6.80 -1.75
C ALA A 70 -1.81 5.92 -2.81
N VAL A 71 -2.59 4.98 -3.36
CA VAL A 71 -2.09 4.08 -4.38
C VAL A 71 -1.92 4.80 -5.72
N GLN A 72 -2.92 5.62 -6.07
CA GLN A 72 -2.88 6.37 -7.32
C GLN A 72 -2.14 7.69 -7.14
N ASN A 73 -2.70 8.56 -6.29
CA ASN A 73 -2.10 9.86 -6.03
C ASN A 73 -0.61 9.74 -5.84
N GLU A 74 -0.20 9.13 -4.74
CA GLU A 74 1.23 8.96 -4.43
C GLU A 74 1.88 8.02 -5.44
N VAL A 75 3.06 8.38 -5.90
CA VAL A 75 3.80 7.56 -6.87
C VAL A 75 5.10 7.03 -6.26
N GLY A 76 5.71 7.84 -5.38
CA GLY A 76 6.95 7.43 -4.75
C GLY A 76 8.07 8.43 -4.97
N LEU A 77 9.21 7.93 -5.44
CA LEU A 77 10.36 8.80 -5.68
C LEU A 77 10.83 8.68 -7.14
N VAL A 78 11.11 9.82 -7.76
CA VAL A 78 11.57 9.84 -9.14
C VAL A 78 12.56 8.70 -9.40
N ASP A 79 13.62 8.65 -8.62
CA ASP A 79 14.64 7.61 -8.77
C ASP A 79 14.01 6.23 -8.68
N ASN A 80 13.13 6.04 -7.70
CA ASN A 80 12.46 4.75 -7.51
C ASN A 80 10.97 4.95 -7.30
N PRO A 81 10.19 4.80 -8.38
CA PRO A 81 8.73 4.95 -8.34
C PRO A 81 8.06 3.82 -7.57
N LEU A 82 7.86 4.02 -6.27
CA LEU A 82 7.21 3.03 -5.42
C LEU A 82 6.14 2.27 -6.20
N LYS A 83 5.99 0.98 -5.89
CA LYS A 83 5.00 0.15 -6.55
C LYS A 83 3.97 -0.36 -5.55
N ILE A 84 2.83 0.30 -5.48
CA ILE A 84 1.76 -0.09 -4.56
C ILE A 84 0.78 -1.03 -5.24
N SER A 85 0.78 -2.28 -4.79
CA SER A 85 -0.11 -3.30 -5.36
C SER A 85 -1.14 -3.74 -4.33
N TRP A 86 -2.38 -3.89 -4.77
CA TRP A 86 -3.47 -4.31 -3.89
C TRP A 86 -3.33 -5.78 -3.52
N LEU A 87 -2.72 -6.05 -2.38
CA LEU A 87 -2.53 -7.41 -1.91
C LEU A 87 -3.86 -8.15 -1.78
N GLU A 88 -4.74 -7.62 -0.94
CA GLU A 88 -6.05 -8.22 -0.73
C GLU A 88 -7.11 -7.14 -0.48
N GLY A 89 -8.36 -7.57 -0.34
CA GLY A 89 -9.45 -6.63 -0.11
C GLY A 89 -9.55 -5.58 -1.20
N GLN A 90 -9.73 -6.04 -2.43
CA GLN A 90 -9.85 -5.12 -3.56
C GLN A 90 -11.17 -4.38 -3.53
N PRO A 91 -11.11 -3.05 -3.77
CA PRO A 91 -12.30 -2.20 -3.77
C PRO A 91 -13.22 -2.47 -4.96
N GLN A 92 -12.84 -3.46 -5.76
CA GLN A 92 -13.63 -3.81 -6.94
C GLN A 92 -15.12 -3.63 -6.67
N ASP A 93 -15.69 -2.59 -7.26
CA ASP A 93 -17.12 -2.30 -7.09
C ASP A 93 -17.97 -3.23 -7.94
N ALA A 94 -19.28 -3.10 -7.81
CA ALA A 94 -20.21 -3.92 -8.57
C ALA A 94 -21.36 -3.09 -9.13
N SER A 95 -22.27 -3.75 -9.83
CA SER A 95 -23.42 -3.07 -10.43
C SER A 95 -23.98 -2.02 -9.48
N GLY A 96 -24.31 -2.45 -8.26
CA GLY A 96 -24.85 -1.53 -7.27
C GLY A 96 -26.19 -0.97 -7.68
N PRO A 97 -26.94 -0.45 -6.69
CA PRO A 97 -28.27 0.13 -6.92
C PRO A 97 -28.21 1.43 -7.71
N SER A 98 -27.00 1.84 -8.07
CA SER A 98 -26.80 3.08 -8.83
C SER A 98 -27.33 2.93 -10.25
N SER A 99 -27.41 4.05 -10.97
CA SER A 99 -27.89 4.04 -12.34
C SER A 99 -26.89 3.35 -13.26
N GLY A 100 -27.41 2.70 -14.30
CA GLY A 100 -26.55 2.01 -15.24
C GLY A 100 -27.11 0.65 -15.64
N GLY A 1 -25.50 -1.71 -0.07
CA GLY A 1 -26.28 -0.49 -0.16
C GLY A 1 -25.44 0.70 -0.62
N SER A 2 -25.14 1.59 0.33
CA SER A 2 -24.34 2.78 0.02
C SER A 2 -22.86 2.51 0.23
N SER A 3 -22.02 3.47 -0.17
CA SER A 3 -20.58 3.32 -0.02
C SER A 3 -20.01 4.48 0.80
N GLY A 4 -18.96 4.19 1.56
CA GLY A 4 -18.33 5.21 2.38
C GLY A 4 -17.64 4.63 3.59
N SER A 5 -18.10 5.02 4.78
CA SER A 5 -17.50 4.53 6.03
C SER A 5 -17.52 3.01 6.08
N SER A 6 -16.36 2.40 5.86
CA SER A 6 -16.24 0.96 5.89
C SER A 6 -16.89 0.37 7.14
N GLY A 7 -16.90 -0.95 7.23
CA GLY A 7 -17.49 -1.60 8.38
C GLY A 7 -16.50 -2.49 9.12
N GLN A 8 -16.01 -3.53 8.44
CA GLN A 8 -15.06 -4.45 9.03
C GLN A 8 -13.86 -4.66 8.12
N GLY A 9 -12.70 -4.92 8.72
CA GLY A 9 -11.49 -5.14 7.95
C GLY A 9 -11.02 -3.88 7.25
N THR A 10 -9.70 -3.75 7.10
CA THR A 10 -9.12 -2.58 6.45
C THR A 10 -8.42 -2.96 5.15
N PRO A 11 -8.51 -2.07 4.15
CA PRO A 11 -7.89 -2.30 2.84
C PRO A 11 -6.37 -2.24 2.90
N LYS A 12 -5.75 -3.38 3.17
CA LYS A 12 -4.29 -3.45 3.25
C LYS A 12 -3.66 -3.32 1.87
N LEU A 13 -2.43 -2.82 1.83
CA LEU A 13 -1.71 -2.65 0.57
C LEU A 13 -0.31 -3.20 0.66
N LYS A 14 0.22 -3.68 -0.46
CA LYS A 14 1.57 -4.24 -0.51
C LYS A 14 2.54 -3.27 -1.19
N LEU A 15 3.53 -2.82 -0.44
CA LEU A 15 4.53 -1.89 -0.97
C LEU A 15 5.80 -2.63 -1.37
N LYS A 16 6.16 -2.52 -2.64
CA LYS A 16 7.36 -3.17 -3.15
C LYS A 16 8.24 -2.18 -3.91
N TRP A 17 9.55 -2.28 -3.70
CA TRP A 17 10.50 -1.38 -4.36
C TRP A 17 11.82 -2.10 -4.64
N LYS A 18 12.36 -1.87 -5.82
CA LYS A 18 13.61 -2.50 -6.22
C LYS A 18 14.69 -2.29 -5.15
N CYS A 19 14.92 -3.32 -4.35
CA CYS A 19 15.92 -3.25 -3.29
C CYS A 19 17.24 -3.87 -3.75
N LYS A 20 18.28 -3.05 -3.78
CA LYS A 20 19.60 -3.51 -4.20
C LYS A 20 20.04 -4.73 -3.40
N LYS A 21 19.55 -4.82 -2.15
CA LYS A 21 19.89 -5.93 -1.28
C LYS A 21 21.31 -6.42 -1.54
N GLU A 22 22.20 -5.49 -1.86
CA GLU A 22 23.60 -5.83 -2.13
C GLU A 22 24.54 -4.88 -1.40
N ASP A 23 24.30 -3.58 -1.55
CA ASP A 23 25.13 -2.56 -0.90
C ASP A 23 24.92 -2.59 0.61
N GLU A 24 25.65 -1.72 1.30
CA GLU A 24 25.55 -1.64 2.77
C GLU A 24 24.41 -0.72 3.19
N SER A 25 23.28 -0.84 2.50
CA SER A 25 22.11 -0.03 2.80
C SER A 25 20.83 -0.74 2.39
N LYS A 26 19.69 -0.10 2.66
CA LYS A 26 18.39 -0.67 2.33
C LYS A 26 17.84 -0.05 1.05
N GLY A 27 17.61 1.26 1.10
CA GLY A 27 17.08 1.96 -0.07
C GLY A 27 16.66 3.38 0.25
N GLY A 28 16.13 4.08 -0.74
CA GLY A 28 15.69 5.45 -0.54
C GLY A 28 14.33 5.54 0.12
N TYR A 29 14.11 4.68 1.12
CA TYR A 29 12.84 4.67 1.83
C TYR A 29 13.03 4.20 3.27
N SER A 30 12.00 4.39 4.09
CA SER A 30 12.06 4.00 5.49
C SER A 30 10.66 4.02 6.12
N LYS A 31 10.54 3.38 7.27
CA LYS A 31 9.26 3.33 7.98
C LYS A 31 8.62 4.70 8.04
N ASP A 32 9.41 5.71 8.39
CA ASP A 32 8.92 7.07 8.49
C ASP A 32 8.51 7.61 7.12
N VAL A 33 9.45 7.58 6.18
CA VAL A 33 9.20 8.06 4.82
C VAL A 33 7.93 7.45 4.25
N LEU A 34 7.72 6.17 4.54
CA LEU A 34 6.53 5.47 4.05
C LEU A 34 5.31 5.82 4.90
N LEU A 35 5.52 5.95 6.20
CA LEU A 35 4.42 6.29 7.11
C LEU A 35 3.83 7.65 6.77
N ARG A 36 4.70 8.61 6.48
CA ARG A 36 4.27 9.97 6.14
C ARG A 36 3.62 9.99 4.76
N LEU A 37 4.30 9.40 3.78
CA LEU A 37 3.80 9.36 2.41
C LEU A 37 2.34 8.91 2.39
N LEU A 38 2.04 7.86 3.14
CA LEU A 38 0.67 7.33 3.20
C LEU A 38 -0.19 8.16 4.16
N GLN A 39 0.32 8.38 5.37
CA GLN A 39 -0.40 9.15 6.37
C GLN A 39 -1.19 10.28 5.72
N LYS A 40 -0.50 11.13 4.98
CA LYS A 40 -1.14 12.25 4.30
C LYS A 40 -2.49 11.85 3.73
N TYR A 41 -2.51 10.74 3.00
CA TYR A 41 -3.75 10.24 2.40
C TYR A 41 -4.57 9.48 3.42
N GLY A 42 -4.04 8.35 3.89
CA GLY A 42 -4.74 7.55 4.87
C GLY A 42 -3.95 7.38 6.16
N GLU A 43 -4.66 7.42 7.28
CA GLU A 43 -4.02 7.28 8.59
C GLU A 43 -3.51 5.86 8.79
N VAL A 44 -2.27 5.62 8.37
CA VAL A 44 -1.66 4.30 8.50
C VAL A 44 -1.92 3.71 9.88
N LEU A 45 -2.75 2.68 9.94
CA LEU A 45 -3.09 2.03 11.20
C LEU A 45 -2.07 0.93 11.53
N ASN A 46 -1.80 0.07 10.56
CA ASN A 46 -0.85 -1.02 10.75
C ASN A 46 0.14 -1.08 9.60
N LEU A 47 1.38 -0.67 9.85
CA LEU A 47 2.42 -0.69 8.83
C LEU A 47 3.43 -1.78 9.10
N VAL A 48 3.43 -2.82 8.26
CA VAL A 48 4.34 -3.94 8.41
C VAL A 48 5.42 -3.91 7.34
N LEU A 49 6.59 -4.45 7.66
CA LEU A 49 7.70 -4.49 6.72
C LEU A 49 8.41 -5.83 6.77
N SER A 50 8.71 -6.39 5.59
CA SER A 50 9.38 -7.68 5.50
C SER A 50 10.70 -7.66 6.28
N SER A 51 10.97 -8.74 7.00
CA SER A 51 12.20 -8.84 7.79
C SER A 51 13.23 -9.68 7.06
N LYS A 52 12.91 -10.95 6.82
CA LYS A 52 13.82 -11.86 6.14
C LYS A 52 14.18 -11.33 4.76
N LYS A 53 13.16 -11.01 3.96
CA LYS A 53 13.37 -10.48 2.62
C LYS A 53 13.18 -8.98 2.59
N PRO A 54 14.29 -8.23 2.65
CA PRO A 54 14.27 -6.77 2.63
C PRO A 54 13.86 -6.21 1.27
N GLY A 55 13.09 -5.13 1.28
CA GLY A 55 12.64 -4.52 0.04
C GLY A 55 11.12 -4.49 -0.08
N THR A 56 10.48 -5.58 0.32
CA THR A 56 9.03 -5.67 0.26
C THR A 56 8.40 -5.34 1.61
N ALA A 57 7.17 -4.81 1.57
CA ALA A 57 6.46 -4.45 2.79
C ALA A 57 4.96 -4.40 2.54
N VAL A 58 4.19 -4.31 3.63
CA VAL A 58 2.73 -4.25 3.53
C VAL A 58 2.15 -3.32 4.59
N VAL A 59 1.41 -2.32 4.14
CA VAL A 59 0.80 -1.35 5.05
C VAL A 59 -0.71 -1.56 5.13
N GLU A 60 -1.34 -0.93 6.12
CA GLU A 60 -2.78 -1.05 6.32
C GLU A 60 -3.41 0.32 6.53
N PHE A 61 -4.26 0.72 5.59
CA PHE A 61 -4.94 2.01 5.68
C PHE A 61 -6.14 1.94 6.62
N ALA A 62 -6.75 3.09 6.89
CA ALA A 62 -7.91 3.15 7.77
C ALA A 62 -9.20 3.12 6.96
N THR A 63 -9.15 3.63 5.74
CA THR A 63 -10.32 3.65 4.87
C THR A 63 -9.93 3.36 3.42
N VAL A 64 -10.92 2.94 2.63
CA VAL A 64 -10.69 2.63 1.23
C VAL A 64 -10.33 3.88 0.44
N LYS A 65 -11.23 4.85 0.43
CA LYS A 65 -11.02 6.11 -0.28
C LYS A 65 -9.56 6.53 -0.18
N ALA A 66 -9.06 6.66 1.04
CA ALA A 66 -7.68 7.06 1.27
C ALA A 66 -6.71 6.14 0.53
N ALA A 67 -6.88 4.84 0.71
CA ALA A 67 -6.02 3.86 0.06
C ALA A 67 -5.96 4.10 -1.45
N GLU A 68 -7.10 4.00 -2.11
CA GLU A 68 -7.17 4.20 -3.55
C GLU A 68 -6.34 5.42 -3.97
N LEU A 69 -6.55 6.53 -3.29
CA LEU A 69 -5.83 7.76 -3.58
C LEU A 69 -4.33 7.58 -3.36
N ALA A 70 -3.97 6.95 -2.25
CA ALA A 70 -2.57 6.70 -1.93
C ALA A 70 -1.90 5.84 -3.00
N VAL A 71 -2.64 4.85 -3.49
CA VAL A 71 -2.12 3.95 -4.52
C VAL A 71 -1.90 4.70 -5.84
N GLN A 72 -2.74 5.69 -6.10
CA GLN A 72 -2.65 6.48 -7.31
C GLN A 72 -1.72 7.67 -7.13
N ASN A 73 -2.18 8.66 -6.38
CA ASN A 73 -1.38 9.86 -6.12
C ASN A 73 0.02 9.48 -5.67
N GLU A 74 0.14 9.01 -4.43
CA GLU A 74 1.43 8.62 -3.88
C GLU A 74 2.02 7.43 -4.65
N VAL A 75 3.14 7.67 -5.31
CA VAL A 75 3.80 6.63 -6.10
C VAL A 75 5.23 6.41 -5.61
N GLY A 76 5.59 7.06 -4.51
CA GLY A 76 6.92 6.93 -3.96
C GLY A 76 7.82 8.11 -4.32
N LEU A 77 8.91 7.83 -5.02
CA LEU A 77 9.85 8.87 -5.42
C LEU A 77 10.14 8.79 -6.92
N VAL A 78 10.19 9.94 -7.57
CA VAL A 78 10.48 10.01 -9.00
C VAL A 78 11.54 8.99 -9.39
N ASP A 79 12.70 9.09 -8.75
CA ASP A 79 13.80 8.17 -9.03
C ASP A 79 13.36 6.72 -8.90
N ASN A 80 12.64 6.43 -7.82
CA ASN A 80 12.15 5.08 -7.57
C ASN A 80 10.67 5.09 -7.22
N PRO A 81 9.82 4.95 -8.25
CA PRO A 81 8.36 4.94 -8.07
C PRO A 81 7.87 3.68 -7.37
N LEU A 82 7.70 3.77 -6.06
CA LEU A 82 7.23 2.63 -5.28
C LEU A 82 6.21 1.80 -6.06
N LYS A 83 6.15 0.52 -5.74
CA LYS A 83 5.21 -0.38 -6.42
C LYS A 83 4.06 -0.77 -5.50
N ILE A 84 3.03 0.07 -5.45
CA ILE A 84 1.87 -0.19 -4.62
C ILE A 84 0.87 -1.09 -5.33
N SER A 85 0.81 -2.35 -4.91
CA SER A 85 -0.10 -3.31 -5.51
C SER A 85 -1.15 -3.78 -4.50
N TRP A 86 -2.39 -3.87 -4.94
CA TRP A 86 -3.48 -4.30 -4.07
C TRP A 86 -3.38 -5.79 -3.75
N LEU A 87 -2.90 -6.10 -2.55
CA LEU A 87 -2.75 -7.49 -2.14
C LEU A 87 -4.11 -8.18 -2.04
N GLU A 88 -5.05 -7.54 -1.35
CA GLU A 88 -6.39 -8.10 -1.20
C GLU A 88 -7.36 -7.03 -0.72
N GLY A 89 -8.31 -6.67 -1.59
CA GLY A 89 -9.29 -5.67 -1.24
C GLY A 89 -9.35 -4.54 -2.26
N GLN A 90 -9.77 -4.85 -3.48
CA GLN A 90 -9.85 -3.85 -4.54
C GLN A 90 -11.31 -3.51 -4.83
N PRO A 91 -11.59 -2.19 -4.92
CA PRO A 91 -12.95 -1.70 -5.20
C PRO A 91 -13.40 -2.00 -6.62
N GLN A 92 -14.49 -2.75 -6.75
CA GLN A 92 -15.02 -3.11 -8.06
C GLN A 92 -16.53 -3.19 -8.02
N ASP A 93 -17.14 -3.38 -9.20
CA ASP A 93 -18.60 -3.47 -9.30
C ASP A 93 -19.01 -4.81 -9.91
N ALA A 94 -18.37 -5.17 -11.02
CA ALA A 94 -18.67 -6.43 -11.69
C ALA A 94 -18.35 -7.62 -10.81
N SER A 95 -19.29 -7.98 -9.93
CA SER A 95 -19.11 -9.10 -9.02
C SER A 95 -19.53 -10.42 -9.69
N GLY A 96 -19.27 -11.52 -9.01
CA GLY A 96 -19.63 -12.83 -9.54
C GLY A 96 -18.45 -13.53 -10.19
N PRO A 97 -18.60 -14.84 -10.46
CA PRO A 97 -17.56 -15.65 -11.07
C PRO A 97 -17.32 -15.29 -12.53
N SER A 98 -16.31 -15.90 -13.14
CA SER A 98 -15.97 -15.63 -14.53
C SER A 98 -16.90 -16.40 -15.47
N SER A 99 -17.14 -15.84 -16.65
CA SER A 99 -18.01 -16.45 -17.63
C SER A 99 -17.48 -17.82 -18.05
N GLY A 100 -16.20 -17.88 -18.37
CA GLY A 100 -15.58 -19.13 -18.77
C GLY A 100 -15.62 -20.17 -17.67
#